data_3OZ3
# 
_entry.id   3OZ3 
# 
_audit_conform.dict_name       mmcif_pdbx.dic 
_audit_conform.dict_version    5.379 
_audit_conform.dict_location   http://mmcif.pdb.org/dictionaries/ascii/mmcif_pdbx.dic 
# 
loop_
_database_2.database_id 
_database_2.database_code 
_database_2.pdbx_database_accession 
_database_2.pdbx_DOI 
PDB   3OZ3         pdb_00003oz3 10.2210/pdb3oz3/pdb 
NDB   NA0807       ?            ?                   
RCSB  RCSB061752   ?            ?                   
WWPDB D_1000061752 ?            ?                   
# 
loop_
_pdbx_database_related.db_name 
_pdbx_database_related.db_id 
_pdbx_database_related.details 
_pdbx_database_related.content_type 
PDB 3OZ4 . unspecified 
PDB 3OZ5 . unspecified 
# 
_pdbx_database_status.status_code                     REL 
_pdbx_database_status.entry_id                        3OZ3 
_pdbx_database_status.recvd_initial_deposition_date   2010-09-24 
_pdbx_database_status.deposit_site                    RCSB 
_pdbx_database_status.process_site                    RCSB 
_pdbx_database_status.status_code_sf                  REL 
_pdbx_database_status.status_code_mr                  ? 
_pdbx_database_status.SG_entry                        ? 
_pdbx_database_status.status_code_cs                  ? 
_pdbx_database_status.pdb_format_compatible           Y 
_pdbx_database_status.status_code_nmr_data            ? 
_pdbx_database_status.methods_development_category    ? 
# 
loop_
_audit_author.name 
_audit_author.pdbx_ordinal 
'Seth, P.R.'     1  
'Allerson, C.A.' 2  
'Berdeja, A.'    3  
'Siwkowski, A.'  4  
'Pallan, P.S.'   5  
'Gaus, H.'       6  
'Prakash, T.P.'  7  
'Watt, A.T.'     8  
'Egli, M.'       9  
'Swayze, E.E.'   10 
# 
_citation.id                        primary 
_citation.title                     
;An exocyclic methylene group acts as a bioisostere of the 2'-oxygen atom in LNA.
;
_citation.journal_abbrev            J.Am.Chem.Soc. 
_citation.journal_volume            132 
_citation.page_first                14942 
_citation.page_last                 14950 
_citation.year                      2010 
_citation.journal_id_ASTM           JACSAT 
_citation.country                   US 
_citation.journal_id_ISSN           0002-7863 
_citation.journal_id_CSD            0004 
_citation.book_publisher            ? 
_citation.pdbx_database_id_PubMed   20886816 
_citation.pdbx_database_id_DOI      10.1021/ja105875e 
# 
loop_
_citation_author.citation_id 
_citation_author.name 
_citation_author.ordinal 
_citation_author.identifier_ORCID 
primary 'Seth, P.P.'     1  ? 
primary 'Allerson, C.R.' 2  ? 
primary 'Berdeja, A.'    3  ? 
primary 'Siwkowski, A.'  4  ? 
primary 'Pallan, P.S.'   5  ? 
primary 'Gaus, H.'       6  ? 
primary 'Prakash, T.P.'  7  ? 
primary 'Watt, A.T.'     8  ? 
primary 'Egli, M.'       9  ? 
primary 'Swayze, E.E.'   10 ? 
# 
_cell.entry_id           3OZ3 
_cell.length_a           24.419 
_cell.length_b           44.105 
_cell.length_c           45.842 
_cell.angle_alpha        90.00 
_cell.angle_beta         90.00 
_cell.angle_gamma        90.00 
_cell.Z_PDB              8 
_cell.pdbx_unique_axis   ? 
_cell.length_a_esd       ? 
_cell.length_b_esd       ? 
_cell.length_c_esd       ? 
_cell.angle_alpha_esd    ? 
_cell.angle_beta_esd     ? 
_cell.angle_gamma_esd    ? 
# 
_symmetry.entry_id                         3OZ3 
_symmetry.space_group_name_H-M             'P 21 21 21' 
_symmetry.pdbx_full_space_group_name_H-M   ? 
_symmetry.cell_setting                     ? 
_symmetry.Int_Tables_number                19 
_symmetry.space_group_name_Hall            ? 
# 
loop_
_entity.id 
_entity.type 
_entity.src_method 
_entity.pdbx_description 
_entity.formula_weight 
_entity.pdbx_number_of_molecules 
_entity.pdbx_ec 
_entity.pdbx_mutation 
_entity.pdbx_fragment 
_entity.details 
1 polymer     syn 
;DNA (5'-D(*GP*CP*GP*TP*AP*(UVX)P*AP*CP*GP*C)-3')
;
3069.027 2  ? ? ? ? 
2 non-polymer syn '(4S)-2-METHYL-2,4-PENTANEDIOL'                    118.174  1  ? ? ? ? 
3 water       nat water                                              18.015   61 ? ? ? ? 
# 
_entity_poly.entity_id                      1 
_entity_poly.type                           polydeoxyribonucleotide 
_entity_poly.nstd_linkage                   no 
_entity_poly.nstd_monomer                   yes 
_entity_poly.pdbx_seq_one_letter_code       '(DG)(DC)(DG)(DT)(DA)(UVX)(DA)(DC)(DG)(DC)' 
_entity_poly.pdbx_seq_one_letter_code_can   GCGTAXACGC 
_entity_poly.pdbx_strand_id                 A,B 
_entity_poly.pdbx_target_identifier         ? 
# 
loop_
_entity_poly_seq.entity_id 
_entity_poly_seq.num 
_entity_poly_seq.mon_id 
_entity_poly_seq.hetero 
1 1  DG  n 
1 2  DC  n 
1 3  DG  n 
1 4  DT  n 
1 5  DA  n 
1 6  UVX n 
1 7  DA  n 
1 8  DC  n 
1 9  DG  n 
1 10 DC  n 
# 
_struct_ref.id                         1 
_struct_ref.db_name                    PDB 
_struct_ref.db_code                    3OZ3 
_struct_ref.pdbx_db_accession          3OZ3 
_struct_ref.entity_id                  1 
_struct_ref.pdbx_align_begin           ? 
_struct_ref.pdbx_seq_one_letter_code   ? 
_struct_ref.pdbx_db_isoform            ? 
# 
loop_
_struct_ref_seq.align_id 
_struct_ref_seq.ref_id 
_struct_ref_seq.pdbx_PDB_id_code 
_struct_ref_seq.pdbx_strand_id 
_struct_ref_seq.seq_align_beg 
_struct_ref_seq.pdbx_seq_align_beg_ins_code 
_struct_ref_seq.seq_align_end 
_struct_ref_seq.pdbx_seq_align_end_ins_code 
_struct_ref_seq.pdbx_db_accession 
_struct_ref_seq.db_align_beg 
_struct_ref_seq.pdbx_db_align_beg_ins_code 
_struct_ref_seq.db_align_end 
_struct_ref_seq.pdbx_db_align_end_ins_code 
_struct_ref_seq.pdbx_auth_seq_align_beg 
_struct_ref_seq.pdbx_auth_seq_align_end 
1 1 3OZ3 A 1 ? 10 ? 3OZ3 101 ? 110 ? 101 110 
2 1 3OZ3 B 1 ? 10 ? 3OZ3 201 ? 210 ? 201 210 
# 
loop_
_chem_comp.id 
_chem_comp.type 
_chem_comp.mon_nstd_flag 
_chem_comp.name 
_chem_comp.pdbx_synonyms 
_chem_comp.formula 
_chem_comp.formula_weight 
DA  'DNA linking' y "2'-DEOXYADENOSINE-5'-MONOPHOSPHATE" ? 'C10 H14 N5 O6 P' 331.222 
DC  'DNA linking' y "2'-DEOXYCYTIDINE-5'-MONOPHOSPHATE" ? 'C9 H14 N3 O7 P'  307.197 
DG  'DNA linking' y "2'-DEOXYGUANOSINE-5'-MONOPHOSPHATE" ? 'C10 H14 N5 O7 P' 347.221 
DT  'DNA linking' y "THYMIDINE-5'-MONOPHOSPHATE" ? 'C10 H15 N2 O8 P' 322.208 
HOH non-polymer   . WATER ? 'H2 O'            18.015  
MPD non-polymer   . '(4S)-2-METHYL-2,4-PENTANEDIOL' ? 'C6 H14 O2'       118.174 
UVX 'DNA linking' n 
;[(1R,3R,4R,7S)-3-(2,4-dioxo-3,4-dihydropyrimidin-1(2H)-yl)-7-hydroxy-5-methylidene-2-oxabicyclo[2.2.1]hept-1-yl]methyl dihydrogen phosphate
;
? 'C12 H15 N2 O8 P' 346.230 
# 
_exptl.entry_id          3OZ3 
_exptl.method            'X-RAY DIFFRACTION' 
_exptl.crystals_number   1 
# 
_exptl_crystal.id                    1 
_exptl_crystal.density_meas          ? 
_exptl_crystal.density_Matthews      2.01 
_exptl_crystal.density_percent_sol   38.83 
_exptl_crystal.description           ? 
_exptl_crystal.F_000                 ? 
_exptl_crystal.preparation           ? 
# 
_exptl_crystal_grow.crystal_id      1 
_exptl_crystal_grow.method          'VAPOR DIFFUSION, HANGING DROP' 
_exptl_crystal_grow.temp            291 
_exptl_crystal_grow.temp_details    ? 
_exptl_crystal_grow.pH              6.0 
_exptl_crystal_grow.pdbx_details    
;20 mM sodium cacodylate, 6 mM sodium chloride, 40 mM potassium chloride, 6 mM spermine tetrahydrochloride, 5% v/v MPD, pH 6.0, VAPOR DIFFUSION, HANGING DROP, temperature 291K
;
_exptl_crystal_grow.pdbx_pH_range   ? 
# 
loop_
_exptl_crystal_grow_comp.crystal_id 
_exptl_crystal_grow_comp.id 
_exptl_crystal_grow_comp.sol_id 
_exptl_crystal_grow_comp.name 
_exptl_crystal_grow_comp.volume 
_exptl_crystal_grow_comp.conc 
_exptl_crystal_grow_comp.details 
1 1  1 'sodium cacodylate'           ? ? ? 
1 2  1 'sodium chloride'             ? ? ? 
1 3  1 'potassium chloride'          ? ? ? 
1 4  1 'spermine tetrahydrochloride' ? ? ? 
1 5  1 MPD                           ? ? ? 
1 6  2 'sodium cacodylate'           ? ? ? 
1 7  2 'sodium chloride'             ? ? ? 
1 8  2 'potassium chloride'          ? ? ? 
1 9  2 'spermine tetrahydrochloride' ? ? ? 
1 10 2 MPD                           ? ? ? 
# 
_diffrn.id                     1 
_diffrn.ambient_temp           100 
_diffrn.ambient_temp_details   ? 
_diffrn.crystal_id             1 
# 
_diffrn_detector.diffrn_id              1 
_diffrn_detector.detector               CCD 
_diffrn_detector.type                   'MARMOSAIC 225 mm CCD' 
_diffrn_detector.pdbx_collection_date   2009-02-16 
_diffrn_detector.details                ? 
# 
_diffrn_radiation.diffrn_id                        1 
_diffrn_radiation.wavelength_id                    1 
_diffrn_radiation.pdbx_monochromatic_or_laue_m_l   M 
_diffrn_radiation.monochromator                    ? 
_diffrn_radiation.pdbx_diffrn_protocol             'SINGLE WAVELENGTH' 
_diffrn_radiation.pdbx_scattering_type             x-ray 
# 
_diffrn_radiation_wavelength.id           1 
_diffrn_radiation_wavelength.wavelength   0.9787 
_diffrn_radiation_wavelength.wt           1.0 
# 
_diffrn_source.diffrn_id                   1 
_diffrn_source.source                      SYNCHROTRON 
_diffrn_source.type                        'APS BEAMLINE 21-ID-F' 
_diffrn_source.pdbx_synchrotron_site       APS 
_diffrn_source.pdbx_synchrotron_beamline   21-ID-F 
_diffrn_source.pdbx_wavelength             ? 
_diffrn_source.pdbx_wavelength_list        0.9787 
# 
_reflns.entry_id                     3OZ3 
_reflns.observed_criterion_sigma_I   ? 
_reflns.observed_criterion_sigma_F   ? 
_reflns.d_resolution_low             50 
_reflns.d_resolution_high            1.57 
_reflns.number_obs                   7592 
_reflns.number_all                   7637 
_reflns.percent_possible_obs         99.4 
_reflns.pdbx_Rmerge_I_obs            0.067 
_reflns.pdbx_Rsym_value              ? 
_reflns.pdbx_netI_over_sigmaI        47.5 
_reflns.B_iso_Wilson_estimate        ? 
_reflns.pdbx_redundancy              5.2 
_reflns.R_free_details               ? 
_reflns.limit_h_max                  ? 
_reflns.limit_h_min                  ? 
_reflns.limit_k_max                  ? 
_reflns.limit_k_min                  ? 
_reflns.limit_l_max                  ? 
_reflns.limit_l_min                  ? 
_reflns.observed_criterion_F_max     ? 
_reflns.observed_criterion_F_min     ? 
_reflns.pdbx_chi_squared             ? 
_reflns.pdbx_scaling_rejects         ? 
_reflns.pdbx_diffrn_id               1 
_reflns.pdbx_ordinal                 1 
# 
_reflns_shell.d_res_high             1.57 
_reflns_shell.d_res_low              1.63 
_reflns_shell.percent_possible_all   99.7 
_reflns_shell.Rmerge_I_obs           0.248 
_reflns_shell.pdbx_Rsym_value        ? 
_reflns_shell.meanI_over_sigI_obs    13.2 
_reflns_shell.pdbx_redundancy        5.7 
_reflns_shell.percent_possible_obs   ? 
_reflns_shell.number_unique_all      743 
_reflns_shell.number_measured_all    ? 
_reflns_shell.number_measured_obs    ? 
_reflns_shell.number_unique_obs      ? 
_reflns_shell.pdbx_chi_squared       ? 
_reflns_shell.pdbx_diffrn_id         ? 
_reflns_shell.pdbx_ordinal           1 
# 
_refine.entry_id                                 3OZ3 
_refine.ls_number_reflns_obs                     6949 
_refine.ls_number_reflns_all                     ? 
_refine.pdbx_ls_sigma_I                          ? 
_refine.pdbx_ls_sigma_F                          ? 
_refine.pdbx_data_cutoff_high_absF               ? 
_refine.pdbx_data_cutoff_low_absF                ? 
_refine.pdbx_data_cutoff_high_rms_absF           ? 
_refine.ls_d_res_low                             31.78 
_refine.ls_d_res_high                            1.57 
_refine.ls_percent_reflns_obs                    99.35 
_refine.ls_R_factor_obs                          0.16525 
_refine.ls_R_factor_all                          ? 
_refine.ls_R_factor_R_work                       0.16318 
_refine.ls_R_factor_R_free                       0.20760 
_refine.ls_R_factor_R_free_error                 ? 
_refine.ls_R_factor_R_free_error_details         ? 
_refine.ls_percent_reflns_R_free                 4.7 
_refine.ls_number_reflns_R_free                  339 
_refine.ls_number_parameters                     ? 
_refine.ls_number_restraints                     ? 
_refine.occupancy_min                            ? 
_refine.occupancy_max                            ? 
_refine.correlation_coeff_Fo_to_Fc               0.968 
_refine.correlation_coeff_Fo_to_Fc_free          0.959 
_refine.B_iso_mean                               16.242 
_refine.aniso_B[1][1]                            -0.58 
_refine.aniso_B[2][2]                            -0.12 
_refine.aniso_B[3][3]                            0.70 
_refine.aniso_B[1][2]                            0.00 
_refine.aniso_B[1][3]                            0.00 
_refine.aniso_B[2][3]                            0.00 
_refine.solvent_model_details                    MASK 
_refine.solvent_model_param_ksol                 ? 
_refine.solvent_model_param_bsol                 ? 
_refine.pdbx_solvent_vdw_probe_radii             1.40 
_refine.pdbx_solvent_ion_probe_radii             0.80 
_refine.pdbx_solvent_shrinkage_radii             0.80 
_refine.pdbx_ls_cross_valid_method               THROUGHOUT 
_refine.details                                  ? 
_refine.pdbx_starting_model                      'PDB ENTRY 3EY2' 
_refine.pdbx_method_to_determine_struct          'MOLECULAR REPLACEMENT' 
_refine.pdbx_isotropic_thermal_model             ? 
_refine.pdbx_stereochemistry_target_values       'MAXIMUM LIKELIHOOD' 
_refine.pdbx_stereochem_target_val_spec_case     ? 
_refine.pdbx_R_Free_selection_details            RANDOM 
_refine.pdbx_overall_ESU_R_Free                  0.087 
_refine.overall_SU_ML                            0.055 
_refine.overall_SU_B                             3.466 
_refine.overall_SU_R_Cruickshank_DPI             ? 
_refine.ls_redundancy_reflns_obs                 ? 
_refine.B_iso_min                                ? 
_refine.B_iso_max                                ? 
_refine.overall_SU_R_free                        ? 
_refine.ls_wR_factor_R_free                      ? 
_refine.ls_wR_factor_R_work                      ? 
_refine.overall_FOM_free_R_set                   ? 
_refine.overall_FOM_work_R_set                   ? 
_refine.pdbx_overall_phase_error                 ? 
_refine.pdbx_refine_id                           'X-RAY DIFFRACTION' 
_refine.pdbx_overall_ESU_R                       ? 
_refine.pdbx_diffrn_id                           1 
_refine.pdbx_TLS_residual_ADP_flag               ? 
_refine.pdbx_overall_SU_R_free_Cruickshank_DPI   ? 
_refine.pdbx_overall_SU_R_Blow_DPI               ? 
_refine.pdbx_overall_SU_R_free_Blow_DPI          ? 
# 
_refine_hist.pdbx_refine_id                   'X-RAY DIFFRACTION' 
_refine_hist.cycle_id                         LAST 
_refine_hist.pdbx_number_atoms_protein        0 
_refine_hist.pdbx_number_atoms_nucleic_acid   408 
_refine_hist.pdbx_number_atoms_ligand         8 
_refine_hist.number_atoms_solvent             61 
_refine_hist.number_atoms_total               477 
_refine_hist.d_res_high                       1.57 
_refine_hist.d_res_low                        31.78 
# 
loop_
_refine_ls_restr.type 
_refine_ls_restr.dev_ideal 
_refine_ls_restr.dev_ideal_target 
_refine_ls_restr.weight 
_refine_ls_restr.number 
_refine_ls_restr.pdbx_refine_id 
_refine_ls_restr.pdbx_restraint_function 
r_bond_refined_d             0.022 0.021 ? 461 'X-RAY DIFFRACTION' ? 
r_bond_other_d               ?     ?     ? ?   'X-RAY DIFFRACTION' ? 
r_angle_refined_deg          2.477 3.000 ? 702 'X-RAY DIFFRACTION' ? 
r_angle_other_deg            ?     ?     ? ?   'X-RAY DIFFRACTION' ? 
r_dihedral_angle_1_deg       ?     ?     ? ?   'X-RAY DIFFRACTION' ? 
r_dihedral_angle_2_deg       ?     ?     ? ?   'X-RAY DIFFRACTION' ? 
r_dihedral_angle_3_deg       ?     ?     ? ?   'X-RAY DIFFRACTION' ? 
r_dihedral_angle_4_deg       ?     ?     ? ?   'X-RAY DIFFRACTION' ? 
r_chiral_restr               0.411 0.200 ? 83  'X-RAY DIFFRACTION' ? 
r_gen_planes_refined         0.011 0.020 ? 216 'X-RAY DIFFRACTION' ? 
r_gen_planes_other           ?     ?     ? ?   'X-RAY DIFFRACTION' ? 
r_nbd_refined                ?     ?     ? ?   'X-RAY DIFFRACTION' ? 
r_nbd_other                  ?     ?     ? ?   'X-RAY DIFFRACTION' ? 
r_nbtor_refined              ?     ?     ? ?   'X-RAY DIFFRACTION' ? 
r_nbtor_other                ?     ?     ? ?   'X-RAY DIFFRACTION' ? 
r_xyhbond_nbd_refined        ?     ?     ? ?   'X-RAY DIFFRACTION' ? 
r_xyhbond_nbd_other          ?     ?     ? ?   'X-RAY DIFFRACTION' ? 
r_metal_ion_refined          ?     ?     ? ?   'X-RAY DIFFRACTION' ? 
r_metal_ion_other            ?     ?     ? ?   'X-RAY DIFFRACTION' ? 
r_symmetry_vdw_refined       ?     ?     ? ?   'X-RAY DIFFRACTION' ? 
r_symmetry_vdw_other         ?     ?     ? ?   'X-RAY DIFFRACTION' ? 
r_symmetry_hbond_refined     ?     ?     ? ?   'X-RAY DIFFRACTION' ? 
r_symmetry_hbond_other       ?     ?     ? ?   'X-RAY DIFFRACTION' ? 
r_symmetry_metal_ion_refined ?     ?     ? ?   'X-RAY DIFFRACTION' ? 
r_symmetry_metal_ion_other   ?     ?     ? ?   'X-RAY DIFFRACTION' ? 
r_mcbond_it                  ?     ?     ? ?   'X-RAY DIFFRACTION' ? 
r_mcbond_other               ?     ?     ? ?   'X-RAY DIFFRACTION' ? 
r_mcangle_it                 ?     ?     ? ?   'X-RAY DIFFRACTION' ? 
r_scbond_it                  4.086 3.000 ? 461 'X-RAY DIFFRACTION' ? 
r_scangle_it                 4.741 4.500 ? 702 'X-RAY DIFFRACTION' ? 
r_rigid_bond_restr           3.213 3.000 ? 461 'X-RAY DIFFRACTION' ? 
r_sphericity_free            ?     ?     ? ?   'X-RAY DIFFRACTION' ? 
r_sphericity_bonded          ?     ?     ? ?   'X-RAY DIFFRACTION' ? 
# 
_refine_ls_shell.pdbx_total_number_of_bins_used   20 
_refine_ls_shell.d_res_high                       1.570 
_refine_ls_shell.d_res_low                        1.611 
_refine_ls_shell.number_reflns_R_work             504 
_refine_ls_shell.R_factor_R_work                  0.152 
_refine_ls_shell.percent_reflns_obs               99.62 
_refine_ls_shell.R_factor_R_free                  0.279 
_refine_ls_shell.R_factor_R_free_error            ? 
_refine_ls_shell.percent_reflns_R_free            ? 
_refine_ls_shell.number_reflns_R_free             26 
_refine_ls_shell.number_reflns_all                ? 
_refine_ls_shell.R_factor_all                     ? 
_refine_ls_shell.number_reflns_obs                ? 
_refine_ls_shell.redundancy_reflns_obs            ? 
_refine_ls_shell.pdbx_refine_id                   'X-RAY DIFFRACTION' 
# 
_struct.entry_id                  3OZ3 
_struct.title                     'Vinyl Carbocyclic LNA' 
_struct.pdbx_model_details        ? 
_struct.pdbx_CASP_flag            ? 
_struct.pdbx_model_type_details   ? 
# 
_struct_keywords.entry_id        3OZ3 
_struct_keywords.pdbx_keywords   DNA 
_struct_keywords.text            'A-form DNA, vinyl carbocyclic LNA, antisense oligonucleotides, DNA' 
# 
loop_
_struct_asym.id 
_struct_asym.pdbx_blank_PDB_chainid_flag 
_struct_asym.pdbx_modified 
_struct_asym.entity_id 
_struct_asym.details 
A N N 1 ? 
B N N 1 ? 
C N N 2 ? 
D N N 3 ? 
E N N 3 ? 
# 
_struct_biol.id        1 
_struct_biol.details   ? 
# 
loop_
_struct_conn.id 
_struct_conn.conn_type_id 
_struct_conn.pdbx_leaving_atom_flag 
_struct_conn.pdbx_PDB_id 
_struct_conn.ptnr1_label_asym_id 
_struct_conn.ptnr1_label_comp_id 
_struct_conn.ptnr1_label_seq_id 
_struct_conn.ptnr1_label_atom_id 
_struct_conn.pdbx_ptnr1_label_alt_id 
_struct_conn.pdbx_ptnr1_PDB_ins_code 
_struct_conn.pdbx_ptnr1_standard_comp_id 
_struct_conn.ptnr1_symmetry 
_struct_conn.ptnr2_label_asym_id 
_struct_conn.ptnr2_label_comp_id 
_struct_conn.ptnr2_label_seq_id 
_struct_conn.ptnr2_label_atom_id 
_struct_conn.pdbx_ptnr2_label_alt_id 
_struct_conn.pdbx_ptnr2_PDB_ins_code 
_struct_conn.ptnr1_auth_asym_id 
_struct_conn.ptnr1_auth_comp_id 
_struct_conn.ptnr1_auth_seq_id 
_struct_conn.ptnr2_auth_asym_id 
_struct_conn.ptnr2_auth_comp_id 
_struct_conn.ptnr2_auth_seq_id 
_struct_conn.ptnr2_symmetry 
_struct_conn.pdbx_ptnr3_label_atom_id 
_struct_conn.pdbx_ptnr3_label_seq_id 
_struct_conn.pdbx_ptnr3_label_comp_id 
_struct_conn.pdbx_ptnr3_label_asym_id 
_struct_conn.pdbx_ptnr3_label_alt_id 
_struct_conn.pdbx_ptnr3_PDB_ins_code 
_struct_conn.details 
_struct_conn.pdbx_dist_value 
_struct_conn.pdbx_value_order 
_struct_conn.pdbx_role 
covale1  covale both ? A DA  5  "O3'" ? ? ? 1_555 A UVX 6  P  ? ? A DA  105 A UVX 106 1_555 ? ? ? ? ? ? ?            1.564 ? ? 
covale2  covale both ? A UVX 6  "O3'" ? ? ? 1_555 A DA  7  P  ? ? A UVX 106 A DA  107 1_555 ? ? ? ? ? ? ?            1.640 ? ? 
covale3  covale both ? B DA  5  "O3'" ? ? ? 1_555 B UVX 6  P  ? ? B DA  205 B UVX 206 1_555 ? ? ? ? ? ? ?            1.585 ? ? 
covale4  covale both ? B UVX 6  "O3'" ? ? ? 1_555 B DA  7  P  ? ? B UVX 206 B DA  207 1_555 ? ? ? ? ? ? ?            1.581 ? ? 
hydrog1  hydrog ?    ? A DG  1  N1    ? ? ? 1_555 B DC  10 N3 ? ? A DG  101 B DC  210 1_555 ? ? ? ? ? ? WATSON-CRICK ?     ? ? 
hydrog2  hydrog ?    ? A DG  1  N2    ? ? ? 1_555 B DC  10 O2 ? ? A DG  101 B DC  210 1_555 ? ? ? ? ? ? WATSON-CRICK ?     ? ? 
hydrog3  hydrog ?    ? A DG  1  O6    ? ? ? 1_555 B DC  10 N4 ? ? A DG  101 B DC  210 1_555 ? ? ? ? ? ? WATSON-CRICK ?     ? ? 
hydrog4  hydrog ?    ? A DC  2  N3    ? ? ? 1_555 B DG  9  N1 ? ? A DC  102 B DG  209 1_555 ? ? ? ? ? ? WATSON-CRICK ?     ? ? 
hydrog5  hydrog ?    ? A DC  2  N4    ? ? ? 1_555 B DG  9  O6 ? ? A DC  102 B DG  209 1_555 ? ? ? ? ? ? WATSON-CRICK ?     ? ? 
hydrog6  hydrog ?    ? A DC  2  O2    ? ? ? 1_555 B DG  9  N2 ? ? A DC  102 B DG  209 1_555 ? ? ? ? ? ? WATSON-CRICK ?     ? ? 
hydrog7  hydrog ?    ? A DG  3  N1    ? ? ? 1_555 B DC  8  N3 ? ? A DG  103 B DC  208 1_555 ? ? ? ? ? ? WATSON-CRICK ?     ? ? 
hydrog8  hydrog ?    ? A DG  3  N2    ? ? ? 1_555 B DC  8  O2 ? ? A DG  103 B DC  208 1_555 ? ? ? ? ? ? WATSON-CRICK ?     ? ? 
hydrog9  hydrog ?    ? A DG  3  O6    ? ? ? 1_555 B DC  8  N4 ? ? A DG  103 B DC  208 1_555 ? ? ? ? ? ? WATSON-CRICK ?     ? ? 
hydrog10 hydrog ?    ? A DT  4  N3    ? ? ? 1_555 B DA  7  N1 ? ? A DT  104 B DA  207 1_555 ? ? ? ? ? ? WATSON-CRICK ?     ? ? 
hydrog11 hydrog ?    ? A DT  4  O4    ? ? ? 1_555 B DA  7  N6 ? ? A DT  104 B DA  207 1_555 ? ? ? ? ? ? WATSON-CRICK ?     ? ? 
hydrog12 hydrog ?    ? A DA  7  N1    ? ? ? 1_555 B DT  4  N3 ? ? A DA  107 B DT  204 1_555 ? ? ? ? ? ? WATSON-CRICK ?     ? ? 
hydrog13 hydrog ?    ? A DA  7  N6    ? ? ? 1_555 B DT  4  O4 ? ? A DA  107 B DT  204 1_555 ? ? ? ? ? ? WATSON-CRICK ?     ? ? 
hydrog14 hydrog ?    ? A DC  8  N3    ? ? ? 1_555 B DG  3  N1 ? ? A DC  108 B DG  203 1_555 ? ? ? ? ? ? WATSON-CRICK ?     ? ? 
hydrog15 hydrog ?    ? A DC  8  N4    ? ? ? 1_555 B DG  3  O6 ? ? A DC  108 B DG  203 1_555 ? ? ? ? ? ? WATSON-CRICK ?     ? ? 
hydrog16 hydrog ?    ? A DC  8  O2    ? ? ? 1_555 B DG  3  N2 ? ? A DC  108 B DG  203 1_555 ? ? ? ? ? ? WATSON-CRICK ?     ? ? 
hydrog17 hydrog ?    ? A DG  9  N1    ? ? ? 1_555 B DC  2  N3 ? ? A DG  109 B DC  202 1_555 ? ? ? ? ? ? WATSON-CRICK ?     ? ? 
hydrog18 hydrog ?    ? A DG  9  N2    ? ? ? 1_555 B DC  2  O2 ? ? A DG  109 B DC  202 1_555 ? ? ? ? ? ? WATSON-CRICK ?     ? ? 
hydrog19 hydrog ?    ? A DG  9  O6    ? ? ? 1_555 B DC  2  N4 ? ? A DG  109 B DC  202 1_555 ? ? ? ? ? ? WATSON-CRICK ?     ? ? 
hydrog20 hydrog ?    ? A DC  10 N3    ? ? ? 1_555 B DG  1  N1 ? ? A DC  110 B DG  201 1_555 ? ? ? ? ? ? WATSON-CRICK ?     ? ? 
hydrog21 hydrog ?    ? A DC  10 N4    ? ? ? 1_555 B DG  1  O6 ? ? A DC  110 B DG  201 1_555 ? ? ? ? ? ? WATSON-CRICK ?     ? ? 
hydrog22 hydrog ?    ? A DC  10 O2    ? ? ? 1_555 B DG  1  N2 ? ? A DC  110 B DG  201 1_555 ? ? ? ? ? ? WATSON-CRICK ?     ? ? 
# 
loop_
_struct_conn_type.id 
_struct_conn_type.criteria 
_struct_conn_type.reference 
covale ? ? 
hydrog ? ? 
# 
_struct_site.id                   AC1 
_struct_site.pdbx_evidence_code   Software 
_struct_site.pdbx_auth_asym_id    A 
_struct_site.pdbx_auth_comp_id    MPD 
_struct_site.pdbx_auth_seq_id     211 
_struct_site.pdbx_auth_ins_code   ? 
_struct_site.pdbx_num_residues    5 
_struct_site.details              'BINDING SITE FOR RESIDUE MPD A 211' 
# 
loop_
_struct_site_gen.id 
_struct_site_gen.site_id 
_struct_site_gen.pdbx_num_res 
_struct_site_gen.label_comp_id 
_struct_site_gen.label_asym_id 
_struct_site_gen.label_seq_id 
_struct_site_gen.pdbx_auth_ins_code 
_struct_site_gen.auth_comp_id 
_struct_site_gen.auth_asym_id 
_struct_site_gen.auth_seq_id 
_struct_site_gen.label_atom_id 
_struct_site_gen.label_alt_id 
_struct_site_gen.symmetry 
_struct_site_gen.details 
1 AC1 5 HOH D . ? HOH A 41  . ? 3_555 ? 
2 AC1 5 DG  A 1 ? DG  A 101 . ? 3_555 ? 
3 AC1 5 HOH E . ? HOH B 31  . ? 1_555 ? 
4 AC1 5 UVX B 6 ? UVX B 206 . ? 1_555 ? 
5 AC1 5 DA  B 7 ? DA  B 207 . ? 1_555 ? 
# 
_atom_sites.entry_id                    3OZ3 
_atom_sites.fract_transf_matrix[1][1]   -0.01691903 
_atom_sites.fract_transf_matrix[1][2]   0.01805261 
_atom_sites.fract_transf_matrix[1][3]   0.03263305 
_atom_sites.fract_transf_matrix[2][1]   0.02057741 
_atom_sites.fract_transf_matrix[2][2]   0.00288520 
_atom_sites.fract_transf_matrix[2][3]   0.00907253 
_atom_sites.fract_transf_matrix[3][1]   0.00163586 
_atom_sites.fract_transf_matrix[3][2]   0.01938234 
_atom_sites.fract_transf_matrix[3][3]   -0.00987418 
_atom_sites.fract_transf_vector[1]      0.122522 
_atom_sites.fract_transf_vector[2]      0.046973 
_atom_sites.fract_transf_vector[3]      0.256713 
# 
loop_
_atom_type.symbol 
C 
N 
O 
P 
# 
loop_
_atom_site.group_PDB 
_atom_site.id 
_atom_site.type_symbol 
_atom_site.label_atom_id 
_atom_site.label_alt_id 
_atom_site.label_comp_id 
_atom_site.label_asym_id 
_atom_site.label_entity_id 
_atom_site.label_seq_id 
_atom_site.pdbx_PDB_ins_code 
_atom_site.Cartn_x 
_atom_site.Cartn_y 
_atom_site.Cartn_z 
_atom_site.occupancy 
_atom_site.B_iso_or_equiv 
_atom_site.pdbx_formal_charge 
_atom_site.auth_seq_id 
_atom_site.auth_comp_id 
_atom_site.auth_asym_id 
_atom_site.auth_atom_id 
_atom_site.pdbx_PDB_model_num 
ATOM   1   O "O5'" . DG  A 1 1  ? -3.659  0.090   -11.750 1.00 26.00 ? 101 DG  A "O5'" 1 
ATOM   2   C "C5'" . DG  A 1 1  ? -4.754  0.897   -12.198 1.00 21.35 ? 101 DG  A "C5'" 1 
ATOM   3   C "C4'" . DG  A 1 1  ? -6.035  0.158   -12.011 1.00 14.89 ? 101 DG  A "C4'" 1 
ATOM   4   O "O4'" . DG  A 1 1  ? -5.904  -1.172  -12.563 1.00 16.84 ? 101 DG  A "O4'" 1 
ATOM   5   C "C3'" . DG  A 1 1  ? -6.403  -0.077  -10.528 1.00 12.29 ? 101 DG  A "C3'" 1 
ATOM   6   O "O3'" . DG  A 1 1  ? -7.006  1.077   -10.043 1.00 14.93 ? 101 DG  A "O3'" 1 
ATOM   7   C "C2'" . DG  A 1 1  ? -7.373  -1.234  -10.630 1.00 11.93 ? 101 DG  A "C2'" 1 
ATOM   8   C "C1'" . DG  A 1 1  ? -6.647  -2.061  -11.707 1.00 14.25 ? 101 DG  A "C1'" 1 
ATOM   9   N N9    . DG  A 1 1  ? -5.702  -3.088  -11.204 1.00 13.81 ? 101 DG  A N9    1 
ATOM   10  C C8    . DG  A 1 1  ? -4.360  -3.142  -11.409 1.00 16.96 ? 101 DG  A C8    1 
ATOM   11  N N7    . DG  A 1 1  ? -3.794  -4.185  -10.854 1.00 16.80 ? 101 DG  A N7    1 
ATOM   12  C C5    . DG  A 1 1  ? -4.869  -4.865  -10.248 1.00 14.20 ? 101 DG  A C5    1 
ATOM   13  C C6    . DG  A 1 1  ? -4.906  -6.089  -9.519  1.00 14.67 ? 101 DG  A C6    1 
ATOM   14  O O6    . DG  A 1 1  ? -3.972  -6.834  -9.229  1.00 16.29 ? 101 DG  A O6    1 
ATOM   15  N N1    . DG  A 1 1  ? -6.183  -6.403  -9.129  1.00 14.60 ? 101 DG  A N1    1 
ATOM   16  C C2    . DG  A 1 1  ? -7.314  -5.638  -9.400  1.00 13.17 ? 101 DG  A C2    1 
ATOM   17  N N2    . DG  A 1 1  ? -8.488  -6.084  -8.911  1.00 14.72 ? 101 DG  A N2    1 
ATOM   18  N N3    . DG  A 1 1  ? -7.286  -4.512  -10.078 1.00 12.57 ? 101 DG  A N3    1 
ATOM   19  C C4    . DG  A 1 1  ? -6.034  -4.198  -10.472 1.00 13.43 ? 101 DG  A C4    1 
ATOM   20  P P     . DC  A 1 2  ? -6.939  1.484   -8.519  1.00 16.91 ? 102 DC  A P     1 
ATOM   21  O OP1   . DC  A 1 2  ? -7.682  2.774   -8.426  1.00 16.87 ? 102 DC  A OP1   1 
ATOM   22  O OP2   . DC  A 1 2  ? -5.562  1.362   -8.045  1.00 19.01 ? 102 DC  A OP2   1 
ATOM   23  O "O5'" . DC  A 1 2  ? -7.767  0.362   -7.737  1.00 16.27 ? 102 DC  A "O5'" 1 
ATOM   24  C "C5'" . DC  A 1 2  ? -9.218  0.254   -7.900  1.00 16.30 ? 102 DC  A "C5'" 1 
ATOM   25  C "C4'" . DC  A 1 2  ? -9.718  -0.957  -7.149  1.00 15.71 ? 102 DC  A "C4'" 1 
ATOM   26  O "O4'" . DC  A 1 2  ? -9.152  -2.158  -7.684  1.00 13.98 ? 102 DC  A "O4'" 1 
ATOM   27  C "C3'" . DC  A 1 2  ? -9.300  -0.982  -5.706  1.00 14.51 ? 102 DC  A "C3'" 1 
ATOM   28  O "O3'" . DC  A 1 2  ? -10.230 -0.189  -4.976  1.00 17.32 ? 102 DC  A "O3'" 1 
ATOM   29  C "C2'" . DC  A 1 2  ? -9.429  -2.486  -5.357  1.00 14.26 ? 102 DC  A "C2'" 1 
ATOM   30  C "C1'" . DC  A 1 2  ? -8.913  -3.105  -6.638  1.00 11.08 ? 102 DC  A "C1'" 1 
ATOM   31  N N1    . DC  A 1 2  ? -7.446  -3.446  -6.638  1.00 12.92 ? 102 DC  A N1    1 
ATOM   32  C C2    . DC  A 1 2  ? -7.069  -4.648  -6.081  1.00 11.20 ? 102 DC  A C2    1 
ATOM   33  O O2    . DC  A 1 2  ? -7.925  -5.350  -5.580  1.00 14.94 ? 102 DC  A O2    1 
ATOM   34  N N3    . DC  A 1 2  ? -5.779  -5.000  -6.067  1.00 12.66 ? 102 DC  A N3    1 
ATOM   35  C C4    . DC  A 1 2  ? -4.834  -4.205  -6.613  1.00 12.84 ? 102 DC  A C4    1 
ATOM   36  N N4    . DC  A 1 2  ? -3.563  -4.641  -6.589  1.00 13.95 ? 102 DC  A N4    1 
ATOM   37  C C5    . DC  A 1 2  ? -5.175  -2.923  -7.205  1.00 16.75 ? 102 DC  A C5    1 
ATOM   38  C C6    . DC  A 1 2  ? -6.509  -2.577  -7.213  1.00 14.34 ? 102 DC  A C6    1 
ATOM   39  P P     . DG  A 1 3  ? -9.985  0.157   -3.435  1.00 18.15 ? 103 DG  A P     1 
ATOM   40  O OP1   . DG  A 1 3  ? -11.223 0.955   -3.033  1.00 21.82 ? 103 DG  A OP1   1 
ATOM   41  O OP2   . DG  A 1 3  ? -8.695  0.720   -3.332  1.00 17.72 ? 103 DG  A OP2   1 
ATOM   42  O "O5'" . DG  A 1 3  ? -10.027 -1.282  -2.763  1.00 16.95 ? 103 DG  A "O5'" 1 
ATOM   43  C "C5'" . DG  A 1 3  ? -9.245  -1.538  -1.624  1.00 14.63 ? 103 DG  A "C5'" 1 
ATOM   44  C "C4'" . DG  A 1 3  ? -9.332  -3.012  -1.334  1.00 14.70 ? 103 DG  A "C4'" 1 
ATOM   45  O "O4'" . DG  A 1 3  ? -8.659  -3.720  -2.401  1.00 16.81 ? 103 DG  A "O4'" 1 
ATOM   46  C "C3'" . DG  A 1 3  ? -8.625  -3.471  -0.074  1.00 14.77 ? 103 DG  A "C3'" 1 
ATOM   47  O "O3'" . DG  A 1 3  ? -9.539  -3.390  1.026   1.00 16.84 ? 103 DG  A "O3'" 1 
ATOM   48  C "C2'" . DG  A 1 3  ? -8.291  -4.915  -0.385  1.00 14.85 ? 103 DG  A "C2'" 1 
ATOM   49  C "C1'" . DG  A 1 3  ? -7.953  -4.805  -1.840  1.00 11.79 ? 103 DG  A "C1'" 1 
ATOM   50  N N9    . DG  A 1 3  ? -6.533  -4.622  -2.185  1.00 13.33 ? 103 DG  A N9    1 
ATOM   51  C C8    . DG  A 1 3  ? -5.993  -3.582  -2.952  1.00 14.85 ? 103 DG  A C8    1 
ATOM   52  N N7    . DG  A 1 3  ? -4.703  -3.699  -3.144  1.00 14.27 ? 103 DG  A N7    1 
ATOM   53  C C5    . DG  A 1 3  ? -4.368  -4.910  -2.474  1.00 13.46 ? 103 DG  A C5    1 
ATOM   54  C C6    . DG  A 1 3  ? -3.124  -5.600  -2.321  1.00 12.13 ? 103 DG  A C6    1 
ATOM   55  O O6    . DG  A 1 3  ? -2.016  -5.286  -2.736  1.00 13.85 ? 103 DG  A O6    1 
ATOM   56  N N1    . DG  A 1 3  ? -3.263  -6.780  -1.558  1.00 13.31 ? 103 DG  A N1    1 
ATOM   57  C C2    . DG  A 1 3  ? -4.455  -7.237  -1.024  1.00 9.92  ? 103 DG  A C2    1 
ATOM   58  N N2    . DG  A 1 3  ? -4.389  -8.383  -0.331  1.00 13.29 ? 103 DG  A N2    1 
ATOM   59  N N3    . DG  A 1 3  ? -5.608  -6.610  -1.158  1.00 10.88 ? 103 DG  A N3    1 
ATOM   60  C C4    . DG  A 1 3  ? -5.506  -5.473  -1.889  1.00 11.37 ? 103 DG  A C4    1 
ATOM   61  P P     . DT  A 1 4  ? -8.978  -3.146  2.491   1.00 15.79 ? 104 DT  A P     1 
ATOM   62  O OP1   . DT  A 1 4  ? -10.126 -2.990  3.419   1.00 17.41 ? 104 DT  A OP1   1 
ATOM   63  O OP2   . DT  A 1 4  ? -7.973  -2.055  2.442   1.00 17.43 ? 104 DT  A OP2   1 
ATOM   64  O "O5'" . DT  A 1 4  ? -8.206  -4.485  2.855   1.00 15.09 ? 104 DT  A "O5'" 1 
ATOM   65  C "C5'" . DT  A 1 4  ? -8.874  -5.596  3.404   1.00 14.93 ? 104 DT  A "C5'" 1 
ATOM   66  C "C4'" . DT  A 1 4  ? -7.851  -6.547  3.998   1.00 13.13 ? 104 DT  A "C4'" 1 
ATOM   67  O "O4'" . DT  A 1 4  ? -7.008  -7.086  2.942   1.00 14.48 ? 104 DT  A "O4'" 1 
ATOM   68  C "C3'" . DT  A 1 4  ? -6.901  -5.935  4.967   1.00 11.54 ? 104 DT  A "C3'" 1 
ATOM   69  O "O3'" . DT  A 1 4  ? -7.462  -5.820  6.285   1.00 14.73 ? 104 DT  A "O3'" 1 
ATOM   70  C "C2'" . DT  A 1 4  ? -5.682  -6.857  4.945   1.00 13.20 ? 104 DT  A "C2'" 1 
ATOM   71  C "C1'" . DT  A 1 4  ? -5.653  -7.229  3.492   1.00 11.95 ? 104 DT  A "C1'" 1 
ATOM   72  N N1    . DT  A 1 4  ? -4.735  -6.420  2.683   1.00 12.93 ? 104 DT  A N1    1 
ATOM   73  C C2    . DT  A 1 4  ? -3.424  -6.867  2.513   1.00 13.87 ? 104 DT  A C2    1 
ATOM   74  O O2    . DT  A 1 4  ? -3.000  -7.889  3.022   1.00 13.01 ? 104 DT  A O2    1 
ATOM   75  N N3    . DT  A 1 4  ? -2.625  -6.068  1.726   1.00 13.61 ? 104 DT  A N3    1 
ATOM   76  C C4    . DT  A 1 4  ? -2.990  -4.872  1.131   1.00 13.51 ? 104 DT  A C4    1 
ATOM   77  O O4    . DT  A 1 4  ? -2.210  -4.251  0.434   1.00 13.71 ? 104 DT  A O4    1 
ATOM   78  C C5    . DT  A 1 4  ? -4.374  -4.446  1.363   1.00 14.91 ? 104 DT  A C5    1 
ATOM   79  C C7    . DT  A 1 4  ? -4.904  -3.170  0.785   1.00 12.83 ? 104 DT  A C7    1 
ATOM   80  C C6    . DT  A 1 4  ? -5.167  -5.235  2.115   1.00 14.60 ? 104 DT  A C6    1 
ATOM   81  P P     . DA  A 1 5  ? -6.917  -4.699  7.276   1.00 15.45 ? 105 DA  A P     1 
ATOM   82  O OP1   . DA  A 1 5  ? -7.772  -4.801  8.487   1.00 15.44 ? 105 DA  A OP1   1 
ATOM   83  O OP2   . DA  A 1 5  ? -6.758  -3.393  6.616   1.00 16.57 ? 105 DA  A OP2   1 
ATOM   84  O "O5'" . DA  A 1 5  ? -5.442  -5.231  7.614   1.00 13.29 ? 105 DA  A "O5'" 1 
ATOM   85  C "C5'" . DA  A 1 5  ? -4.378  -4.361  7.830   1.00 12.89 ? 105 DA  A "C5'" 1 
ATOM   86  C "C4'" . DA  A 1 5  ? -3.109  -5.165  7.815   1.00 16.18 ? 105 DA  A "C4'" 1 
ATOM   87  O "O4'" . DA  A 1 5  ? -2.856  -5.649  6.465   1.00 14.34 ? 105 DA  A "O4'" 1 
ATOM   88  C "C3'" . DA  A 1 5  ? -1.859  -4.379  8.148   1.00 15.55 ? 105 DA  A "C3'" 1 
ATOM   89  O "O3'" . DA  A 1 5  ? -1.662  -4.385  9.522   1.00 17.66 ? 105 DA  A "O3'" 1 
ATOM   90  C "C2'" . DA  A 1 5  ? -0.778  -5.176  7.475   1.00 16.27 ? 105 DA  A "C2'" 1 
ATOM   91  C "C1'" . DA  A 1 5  ? -1.482  -5.592  6.198   1.00 14.74 ? 105 DA  A "C1'" 1 
ATOM   92  N N9    . DA  A 1 5  ? -1.305  -4.679  5.048   1.00 11.71 ? 105 DA  A N9    1 
ATOM   93  C C8    . DA  A 1 5  ? -2.225  -3.832  4.518   1.00 13.39 ? 105 DA  A C8    1 
ATOM   94  N N7    . DA  A 1 5  ? -1.777  -3.152  3.497   1.00 12.71 ? 105 DA  A N7    1 
ATOM   95  C C5    . DA  A 1 5  ? -0.482  -3.609  3.339   1.00 12.44 ? 105 DA  A C5    1 
ATOM   96  C C6    . DA  A 1 5  ? 0.559   -3.291  2.414   1.00 12.97 ? 105 DA  A C6    1 
ATOM   97  N N6    . DA  A 1 5  ? 0.438   -2.383  1.382   1.00 12.46 ? 105 DA  A N6    1 
ATOM   98  N N1    . DA  A 1 5  ? 1.750   -3.955  2.573   1.00 12.48 ? 105 DA  A N1    1 
ATOM   99  C C2    . DA  A 1 5  ? 1.880   -4.838  3.560   1.00 12.55 ? 105 DA  A C2    1 
ATOM   100 N N3    . DA  A 1 5  ? 0.986   -5.199  4.472   1.00 14.36 ? 105 DA  A N3    1 
ATOM   101 C C4    . DA  A 1 5  ? -0.177  -4.550  4.291   1.00 10.80 ? 105 DA  A C4    1 
HETATM 102 P P     . UVX A 1 6  ? -1.372  -3.088  10.345  1.00 18.22 ? 106 UVX A P     1 
HETATM 103 N N1    . UVX A 1 6  ? 1.985   -1.884  6.156   1.00 14.61 ? 106 UVX A N1    1 
HETATM 104 C C2    . UVX A 1 6  ? 2.578   -1.489  5.034   1.00 14.95 ? 106 UVX A C2    1 
HETATM 105 O O2    . UVX A 1 6  ? 3.780   -1.739  4.852   1.00 14.85 ? 106 UVX A O2    1 
HETATM 106 N N3    . UVX A 1 6  ? 1.878   -0.835  4.101   1.00 15.03 ? 106 UVX A N3    1 
HETATM 107 C C4    . UVX A 1 6  ? 0.606   -0.551  4.251   1.00 14.68 ? 106 UVX A C4    1 
HETATM 108 O O4    . UVX A 1 6  ? 0.014   0.088   3.337   1.00 13.97 ? 106 UVX A O4    1 
HETATM 109 C C5    . UVX A 1 6  ? -0.046  -0.941  5.396   1.00 14.52 ? 106 UVX A C5    1 
HETATM 110 C C6    . UVX A 1 6  ? 0.665   -1.630  6.351   1.00 14.02 ? 106 UVX A C6    1 
HETATM 111 C "C1'" . UVX A 1 6  ? 2.802   -2.642  7.126   1.00 14.07 ? 106 UVX A "C1'" 1 
HETATM 112 C "C2'" . UVX A 1 6  ? 3.618   -1.767  8.061   1.00 13.75 ? 106 UVX A "C2'" 1 
HETATM 113 C "C3'" . UVX A 1 6  ? 2.559   -1.582  9.093   1.00 14.50 ? 106 UVX A "C3'" 1 
HETATM 114 O "O3'" . UVX A 1 6  ? 3.109   -0.973  10.271  1.00 16.98 ? 106 UVX A "O3'" 1 
HETATM 115 C "C4'" . UVX A 1 6  ? 2.282   -3.005  9.316   1.00 14.02 ? 106 UVX A "C4'" 1 
HETATM 116 O "O4'" . UVX A 1 6  ? 1.948   -3.429  7.981   1.00 14.93 ? 106 UVX A "O4'" 1 
HETATM 117 C "C5'" . UVX A 1 6  ? 1.167   -3.265  10.315  1.00 14.78 ? 106 UVX A "C5'" 1 
HETATM 118 O "O5'" . UVX A 1 6  ? 0.012   -2.607  9.843   1.00 15.63 ? 106 UVX A "O5'" 1 
HETATM 119 C "C6'" . UVX A 1 6  ? 4.511   -2.767  8.746   1.00 15.24 ? 106 UVX A "C6'" 1 
HETATM 120 C "C7'" . UVX A 1 6  ? 5.843   -2.815  8.631   1.00 16.36 ? 106 UVX A "C7'" 1 
HETATM 121 C "C8'" . UVX A 1 6  ? 3.646   -3.623  9.661   1.00 15.32 ? 106 UVX A "C8'" 1 
HETATM 122 O OP1   . UVX A 1 6  ? -1.304  -3.486  11.896  1.00 21.72 ? 106 UVX A OP1   1 
HETATM 123 O OP2   . UVX A 1 6  ? -2.417  -1.998  9.992   1.00 20.35 ? 106 UVX A OP2   1 
ATOM   124 P P     . DA  A 1 7  ? 3.035   0.631   10.609  1.00 16.81 ? 107 DA  A P     1 
ATOM   125 O OP1   . DA  A 1 7  ? 3.478   0.748   12.081  1.00 19.66 ? 107 DA  A OP1   1 
ATOM   126 O OP2   . DA  A 1 7  ? 1.787   1.211   10.134  1.00 17.30 ? 107 DA  A OP2   1 
ATOM   127 O "O5'" . DA  A 1 7  ? 4.222   1.191   9.688   1.00 14.96 ? 107 DA  A "O5'" 1 
ATOM   128 C "C5'" . DA  A 1 7  ? 5.609   0.869   9.995   1.00 16.04 ? 107 DA  A "C5'" 1 
ATOM   129 C "C4'" . DA  A 1 7  ? 6.476   1.343   8.878   1.00 16.26 ? 107 DA  A "C4'" 1 
ATOM   130 O "O4'" . DA  A 1 7  ? 6.129   0.642   7.657   1.00 15.01 ? 107 DA  A "O4'" 1 
ATOM   131 C "C3'" . DA  A 1 7  ? 6.254   2.808   8.502   1.00 15.23 ? 107 DA  A "C3'" 1 
ATOM   132 O "O3'" . DA  A 1 7  ? 6.943   3.619   9.381   1.00 17.31 ? 107 DA  A "O3'" 1 
ATOM   133 C "C2'" . DA  A 1 7  ? 6.882   2.819   7.116   1.00 15.86 ? 107 DA  A "C2'" 1 
ATOM   134 C "C1'" . DA  A 1 7  ? 6.304   1.520   6.564   1.00 15.50 ? 107 DA  A "C1'" 1 
ATOM   135 N N9    . DA  A 1 7  ? 5.000   1.721   5.899   1.00 14.00 ? 107 DA  A N9    1 
ATOM   136 C C8    . DA  A 1 7  ? 3.736   1.574   6.448   1.00 11.48 ? 107 DA  A C8    1 
ATOM   137 N N7    . DA  A 1 7  ? 2.774   1.838   5.607   1.00 11.59 ? 107 DA  A N7    1 
ATOM   138 C C5    . DA  A 1 7  ? 3.430   2.175   4.422   1.00 13.73 ? 107 DA  A C5    1 
ATOM   139 C C6    . DA  A 1 7  ? 2.973   2.576   3.100   1.00 14.67 ? 107 DA  A C6    1 
ATOM   140 N N6    . DA  A 1 7  ? 1.664   2.697   2.727   1.00 14.46 ? 107 DA  A N6    1 
ATOM   141 N N1    . DA  A 1 7  ? 3.953   2.861   2.171   1.00 11.90 ? 107 DA  A N1    1 
ATOM   142 C C2    . DA  A 1 7  ? 5.281   2.755   2.526   1.00 11.57 ? 107 DA  A C2    1 
ATOM   143 N N3    . DA  A 1 7  ? 5.783   2.399   3.686   1.00 14.01 ? 107 DA  A N3    1 
ATOM   144 C C4    . DA  A 1 7  ? 4.808   2.129   4.605   1.00 15.75 ? 107 DA  A C4    1 
ATOM   145 P P     . DC  A 1 8  ? 6.474   5.152   9.659   1.00 16.52 ? 108 DC  A P     1 
ATOM   146 O OP1   . DC  A 1 8  ? 7.234   5.660   10.788  1.00 20.04 ? 108 DC  A OP1   1 
ATOM   147 O OP2   . DC  A 1 8  ? 4.972   5.260   9.656   1.00 18.96 ? 108 DC  A OP2   1 
ATOM   148 O "O5'" . DC  A 1 8  ? 6.942   5.917   8.324   1.00 15.10 ? 108 DC  A "O5'" 1 
ATOM   149 C "C5'" . DC  A 1 8  ? 8.364   6.074   8.024   1.00 13.74 ? 108 DC  A "C5'" 1 
ATOM   150 C "C4'" . DC  A 1 8  ? 8.533   6.483   6.565   1.00 14.40 ? 108 DC  A "C4'" 1 
ATOM   151 O "O4'" . DC  A 1 8  ? 7.858   5.531   5.689   1.00 13.27 ? 108 DC  A "O4'" 1 
ATOM   152 C "C3'" . DC  A 1 8  ? 7.887   7.780   6.209   1.00 14.46 ? 108 DC  A "C3'" 1 
ATOM   153 O "O3'" . DC  A 1 8  ? 8.721   8.837   6.644   1.00 15.01 ? 108 DC  A "O3'" 1 
ATOM   154 C "C2'" . DC  A 1 8  ? 7.818   7.659   4.646   1.00 12.80 ? 108 DC  A "C2'" 1 
ATOM   155 C "C1'" . DC  A 1 8  ? 7.352   6.198   4.530   1.00 12.89 ? 108 DC  A "C1'" 1 
ATOM   156 N N1    . DC  A 1 8  ? 5.920   6.062   4.475   1.00 12.87 ? 108 DC  A N1    1 
ATOM   157 C C2    . DC  A 1 8  ? 5.282   6.301   3.220   1.00 13.13 ? 108 DC  A C2    1 
ATOM   158 O O2    . DC  A 1 8  ? 5.998   6.592   2.261   1.00 12.88 ? 108 DC  A O2    1 
ATOM   159 N N3    . DC  A 1 8  ? 3.904   6.198   3.119   1.00 13.04 ? 108 DC  A N3    1 
ATOM   160 C C4    . DC  A 1 8  ? 3.211   5.871   4.210   1.00 10.48 ? 108 DC  A C4    1 
ATOM   161 N N4    . DC  A 1 8  ? 1.916   5.782   4.088   1.00 16.58 ? 108 DC  A N4    1 
ATOM   162 C C5    . DC  A 1 8  ? 3.848   5.621   5.490   1.00 13.00 ? 108 DC  A C5    1 
ATOM   163 C C6    . DC  A 1 8  ? 5.189   5.733   5.578   1.00 11.47 ? 108 DC  A C6    1 
ATOM   164 P P     . DG  A 1 9  ? 8.144   10.350  6.801   1.00 16.05 ? 109 DG  A P     1 
ATOM   165 O OP1   . DG  A 1 9  ? 9.231   11.179  7.365   1.00 17.22 ? 109 DG  A OP1   1 
ATOM   166 O OP2   . DG  A 1 9  ? 6.863   10.356  7.549   1.00 19.07 ? 109 DG  A OP2   1 
ATOM   167 O "O5'" . DG  A 1 9  ? 7.829   10.772  5.297   1.00 15.34 ? 109 DG  A "O5'" 1 
ATOM   168 C "C5'" . DG  A 1 9  ? 8.836   11.028  4.361   1.00 14.94 ? 109 DG  A "C5'" 1 
ATOM   169 C "C4'" . DG  A 1 9  ? 8.205   11.525  3.080   1.00 13.23 ? 109 DG  A "C4'" 1 
ATOM   170 O "O4'" . DG  A 1 9  ? 7.430   10.447  2.510   1.00 13.44 ? 109 DG  A "O4'" 1 
ATOM   171 C "C3'" . DG  A 1 9  ? 7.194   12.619  3.190   1.00 14.04 ? 109 DG  A "C3'" 1 
ATOM   172 O "O3'" . DG  A 1 9  ? 7.820   13.880  3.299   1.00 13.73 ? 109 DG  A "O3'" 1 
ATOM   173 C "C2'" . DG  A 1 9  ? 6.475   12.479  1.815   1.00 13.33 ? 109 DG  A "C2'" 1 
ATOM   174 C "C1'" . DG  A 1 9  ? 6.355   11.000  1.786   1.00 12.61 ? 109 DG  A "C1'" 1 
ATOM   175 N N9    . DG  A 1 9  ? 5.134   10.495  2.370   1.00 13.45 ? 109 DG  A N9    1 
ATOM   176 C C8    . DG  A 1 9  ? 4.970   9.852   3.574   1.00 14.30 ? 109 DG  A C8    1 
ATOM   177 N N7    . DG  A 1 9  ? 3.730   9.525   3.796   1.00 14.68 ? 109 DG  A N7    1 
ATOM   178 C C5    . DG  A 1 9  ? 3.046   9.985   2.683   1.00 13.20 ? 109 DG  A C5    1 
ATOM   179 C C6    . DG  A 1 9  ? 1.648   9.918   2.347   1.00 12.01 ? 109 DG  A C6    1 
ATOM   180 O O6    . DG  A 1 9  ? 0.726   9.393   2.964   1.00 14.61 ? 109 DG  A O6    1 
ATOM   181 N N1    . DG  A 1 9  ? 1.390   10.524  1.105   1.00 13.07 ? 109 DG  A N1    1 
ATOM   182 C C2    . DG  A 1 9  ? 2.325   11.116  0.303   1.00 14.45 ? 109 DG  A C2    1 
ATOM   183 N N2    . DG  A 1 9  ? 1.870   11.666  -0.858  1.00 14.89 ? 109 DG  A N2    1 
ATOM   184 N N3    . DG  A 1 9  ? 3.629   11.177  0.615   1.00 13.49 ? 109 DG  A N3    1 
ATOM   185 C C4    . DG  A 1 9  ? 3.898   10.593  1.808   1.00 14.66 ? 109 DG  A C4    1 
ATOM   186 P P     . DC  A 1 10 ? 7.043   15.056  4.063   1.00 16.69 ? 110 DC  A P     1 
ATOM   187 O OP1   . DC  A 1 10 ? 7.968   16.169  4.123   1.00 20.49 ? 110 DC  A OP1   1 
ATOM   188 O OP2   . DC  A 1 10 ? 6.477   14.580  5.352   1.00 16.99 ? 110 DC  A OP2   1 
ATOM   189 O "O5'" . DC  A 1 10 ? 5.856   15.434  3.052   1.00 15.86 ? 110 DC  A "O5'" 1 
ATOM   190 C "C5'" . DC  A 1 10 ? 6.146   16.086  1.780   1.00 12.40 ? 110 DC  A "C5'" 1 
ATOM   191 C "C4'" . DC  A 1 10 ? 4.806   16.410  1.048   1.00 14.99 ? 110 DC  A "C4'" 1 
ATOM   192 O "O4'" . DC  A 1 10 ? 4.050   15.189  0.786   1.00 15.46 ? 110 DC  A "O4'" 1 
ATOM   193 C "C3'" . DC  A 1 10 ? 3.802   17.232  1.856   1.00 15.56 ? 110 DC  A "C3'" 1 
ATOM   194 O "O3'" . DC  A 1 10 ? 4.098   18.605  1.803   1.00 14.38 ? 110 DC  A "O3'" 1 
ATOM   195 C "C2'" . DC  A 1 10 ? 2.514   16.932  1.107   1.00 14.64 ? 110 DC  A "C2'" 1 
ATOM   196 C "C1'" . DC  A 1 10 ? 2.664   15.477  0.793   1.00 13.53 ? 110 DC  A "C1'" 1 
ATOM   197 N N1    . DC  A 1 10 ? 2.036   14.570  1.868   1.00 14.55 ? 110 DC  A N1    1 
ATOM   198 C C2    . DC  A 1 10 ? 0.665   14.269  1.791   1.00 12.85 ? 110 DC  A C2    1 
ATOM   199 O O2    . DC  A 1 10 ? -0.024  14.802  0.858   1.00 14.56 ? 110 DC  A O2    1 
ATOM   200 N N3    . DC  A 1 10 ? 0.106   13.430  2.749   1.00 13.09 ? 110 DC  A N3    1 
ATOM   201 C C4    . DC  A 1 10 ? 0.871   12.945  3.724   1.00 13.47 ? 110 DC  A C4    1 
ATOM   202 N N4    . DC  A 1 10 ? 0.301   12.139  4.634   1.00 14.94 ? 110 DC  A N4    1 
ATOM   203 C C5    . DC  A 1 10 ? 2.289   13.239  3.800   1.00 15.86 ? 110 DC  A C5    1 
ATOM   204 C C6    . DC  A 1 10 ? 2.816   14.040  2.866   1.00 14.04 ? 110 DC  A C6    1 
ATOM   205 O "O5'" . DG  B 1 1  ? -8.764  8.512   2.124   1.00 29.39 ? 201 DG  B "O5'" 1 
ATOM   206 C "C5'" . DG  B 1 1  ? -9.751  9.240   1.386   1.00 21.99 ? 201 DG  B "C5'" 1 
ATOM   207 C "C4'" . DG  B 1 1  ? -9.140  10.348  0.481   1.00 19.38 ? 201 DG  B "C4'" 1 
ATOM   208 O "O4'" . DG  B 1 1  ? -8.737  11.454  1.272   1.00 18.70 ? 201 DG  B "O4'" 1 
ATOM   209 C "C3'" . DG  B 1 1  ? -7.913  9.995   -0.349  1.00 15.85 ? 201 DG  B "C3'" 1 
ATOM   210 O "O3'" . DG  B 1 1  ? -8.329  9.513   -1.643  1.00 17.58 ? 201 DG  B "O3'" 1 
ATOM   211 C "C2'" . DG  B 1 1  ? -7.283  11.366  -0.539  1.00 16.72 ? 201 DG  B "C2'" 1 
ATOM   212 C "C1'" . DG  B 1 1  ? -7.506  11.951  0.823   1.00 17.37 ? 201 DG  B "C1'" 1 
ATOM   213 N N9    . DG  B 1 1  ? -6.460  11.674  1.837   1.00 15.41 ? 201 DG  B N9    1 
ATOM   214 C C8    . DG  B 1 1  ? -6.594  10.967  2.994   1.00 16.71 ? 201 DG  B C8    1 
ATOM   215 N N7    . DG  B 1 1  ? -5.504  10.900  3.711   1.00 16.88 ? 201 DG  B N7    1 
ATOM   216 C C5    . DG  B 1 1  ? -4.588  11.653  2.978   1.00 14.82 ? 201 DG  B C5    1 
ATOM   217 C C6    . DG  B 1 1  ? -3.228  11.933  3.260   1.00 15.11 ? 201 DG  B C6    1 
ATOM   218 O O6    . DG  B 1 1  ? -2.580  11.578  4.243   1.00 16.01 ? 201 DG  B O6    1 
ATOM   219 N N1    . DG  B 1 1  ? -2.630  12.723  2.266   1.00 14.22 ? 201 DG  B N1    1 
ATOM   220 C C2    . DG  B 1 1  ? -3.298  13.169  1.140   1.00 13.26 ? 201 DG  B C2    1 
ATOM   221 N N2    . DG  B 1 1  ? -2.594  13.896  0.262   1.00 14.65 ? 201 DG  B N2    1 
ATOM   222 N N3    . DG  B 1 1  ? -4.601  12.885  0.863   1.00 13.43 ? 201 DG  B N3    1 
ATOM   223 C C4    . DG  B 1 1  ? -5.168  12.134  1.827   1.00 14.36 ? 201 DG  B C4    1 
ATOM   224 P P     . DC  B 1 2  ? -7.449  8.479   -2.463  1.00 16.52 ? 202 DC  B P     1 
ATOM   225 O OP1   . DC  B 1 2  ? -8.201  8.083   -3.654  1.00 19.99 ? 202 DC  B OP1   1 
ATOM   226 O OP2   . DC  B 1 2  ? -6.984  7.426   -1.545  1.00 18.38 ? 202 DC  B OP2   1 
ATOM   227 O "O5'" . DC  B 1 2  ? -6.176  9.325   -2.895  1.00 15.49 ? 202 DC  B "O5'" 1 
ATOM   228 C "C5'" . DC  B 1 2  ? -6.279  10.405  -3.846  1.00 13.96 ? 202 DC  B "C5'" 1 
ATOM   229 C "C4'" . DC  B 1 2  ? -4.921  11.051  -4.049  1.00 13.65 ? 202 DC  B "C4'" 1 
ATOM   230 O "O4'" . DC  B 1 2  ? -4.578  11.726  -2.822  1.00 14.35 ? 202 DC  B "O4'" 1 
ATOM   231 C "C3'" . DC  B 1 2  ? -3.790  10.106  -4.259  1.00 13.86 ? 202 DC  B "C3'" 1 
ATOM   232 O "O3'" . DC  B 1 2  ? -3.772  9.728   -5.628  1.00 15.70 ? 202 DC  B "O3'" 1 
ATOM   233 C "C2'" . DC  B 1 2  ? -2.617  10.989  -3.909  1.00 13.68 ? 202 DC  B "C2'" 1 
ATOM   234 C "C1'" . DC  B 1 2  ? -3.176  11.631  -2.663  1.00 11.11 ? 202 DC  B "C1'" 1 
ATOM   235 N N1    . DC  B 1 2  ? -2.912  10.866  -1.414  1.00 13.73 ? 202 DC  B N1    1 
ATOM   236 C C2    . DC  B 1 2  ? -1.639  11.006  -0.858  1.00 13.61 ? 202 DC  B C2    1 
ATOM   237 O O2    . DC  B 1 2  ? -0.828  11.753  -1.454  1.00 12.41 ? 202 DC  B O2    1 
ATOM   238 N N3    . DC  B 1 2  ? -1.324  10.347  0.322   1.00 15.54 ? 202 DC  B N3    1 
ATOM   239 C C4    . DC  B 1 2  ? -2.259  9.564   0.892   1.00 16.42 ? 202 DC  B C4    1 
ATOM   240 N N4    . DC  B 1 2  ? -1.940  8.931   2.011   1.00 15.36 ? 202 DC  B N4    1 
ATOM   241 C C5    . DC  B 1 2  ? -3.592  9.402   0.308   1.00 16.25 ? 202 DC  B C5    1 
ATOM   242 C C6    . DC  B 1 2  ? -3.871  10.056  -0.827  1.00 15.53 ? 202 DC  B C6    1 
ATOM   243 P P     . DG  B 1 3  ? -3.237  8.258   -6.022  1.00 16.99 ? 203 DG  B P     1 
ATOM   244 O OP1   . DG  B 1 3  ? -3.316  8.142   -7.505  1.00 18.67 ? 203 DG  B OP1   1 
ATOM   245 O OP2   . DG  B 1 3  ? -3.824  7.245   -5.129  1.00 18.55 ? 203 DG  B OP2   1 
ATOM   246 O "O5'" . DG  B 1 3  ? -1.655  8.298   -5.655  1.00 15.64 ? 203 DG  B "O5'" 1 
ATOM   247 C "C5'" . DG  B 1 3  ? -0.790  9.108   -6.439  1.00 17.06 ? 203 DG  B "C5'" 1 
ATOM   248 C "C4'" . DG  B 1 3  ? 0.552   9.226   -5.780  1.00 17.51 ? 203 DG  B "C4'" 1 
ATOM   249 O "O4'" . DG  B 1 3  ? 0.452   9.751   -4.456  1.00 14.95 ? 203 DG  B "O4'" 1 
ATOM   250 C "C3'" . DG  B 1 3  ? 1.265   7.898   -5.568  1.00 15.37 ? 203 DG  B "C3'" 1 
ATOM   251 O "O3'" . DG  B 1 3  ? 1.792   7.436   -6.805  1.00 15.98 ? 203 DG  B "O3'" 1 
ATOM   252 C "C2'" . DG  B 1 3  ? 2.347   8.349   -4.643  1.00 15.07 ? 203 DG  B "C2'" 1 
ATOM   253 C "C1'" . DG  B 1 3  ? 1.567   9.297   -3.711  1.00 15.08 ? 203 DG  B "C1'" 1 
ATOM   254 N N9    . DG  B 1 3  ? 1.069   8.571   -2.518  1.00 12.58 ? 203 DG  B N9    1 
ATOM   255 C C8    . DG  B 1 3  ? -0.237  8.167   -2.268  1.00 13.83 ? 203 DG  B C8    1 
ATOM   256 N N7    . DG  B 1 3  ? -0.373  7.523   -1.145  1.00 14.38 ? 203 DG  B N7    1 
ATOM   257 C C5    . DG  B 1 3  ? 0.928   7.498   -0.615  1.00 13.18 ? 203 DG  B C5    1 
ATOM   258 C C6    . DG  B 1 3  ? 1.422   6.931   0.581   1.00 14.53 ? 203 DG  B C6    1 
ATOM   259 O O6    . DG  B 1 3  ? 0.787   6.332   1.450   1.00 15.69 ? 203 DG  B O6    1 
ATOM   260 N N1    . DG  B 1 3  ? 2.821   7.126   0.730   1.00 15.19 ? 203 DG  B N1    1 
ATOM   261 C C2    . DG  B 1 3  ? 3.636   7.784   -0.187  1.00 14.41 ? 203 DG  B C2    1 
ATOM   262 N N2    . DG  B 1 3  ? 4.959   7.866   0.101   1.00 14.01 ? 203 DG  B N2    1 
ATOM   263 N N3    . DG  B 1 3  ? 3.182   8.324   -1.327  1.00 14.23 ? 203 DG  B N3    1 
ATOM   264 C C4    . DG  B 1 3  ? 1.819   8.137   -1.463  1.00 13.62 ? 203 DG  B C4    1 
ATOM   265 P P     . DT  B 1 4  ? 2.016   5.860   -7.014  1.00 16.41 ? 204 DT  B P     1 
ATOM   266 O OP1   . DT  B 1 4  ? 2.466   5.666   -8.410  1.00 18.20 ? 204 DT  B OP1   1 
ATOM   267 O OP2   . DT  B 1 4  ? 0.836   5.085   -6.476  1.00 17.19 ? 204 DT  B OP2   1 
ATOM   268 O "O5'" . DT  B 1 4  ? 3.230   5.526   -6.071  1.00 14.55 ? 204 DT  B "O5'" 1 
ATOM   269 C "C5'" . DT  B 1 4  ? 4.554   6.069   -6.334  1.00 16.86 ? 204 DT  B "C5'" 1 
ATOM   270 C "C4'" . DT  B 1 4  ? 5.549   5.669   -5.256  1.00 14.09 ? 204 DT  B "C4'" 1 
ATOM   271 O "O4'" . DT  B 1 4  ? 5.079   6.219   -3.993  1.00 17.36 ? 204 DT  B "O4'" 1 
ATOM   272 C "C3'" . DT  B 1 4  ? 5.613   4.149   -4.939  1.00 16.66 ? 204 DT  B "C3'" 1 
ATOM   273 O "O3'" . DT  B 1 4  ? 6.423   3.470   -5.928  1.00 17.64 ? 204 DT  B "O3'" 1 
ATOM   274 C "C2'" . DT  B 1 4  ? 6.266   4.181   -3.568  1.00 16.91 ? 204 DT  B "C2'" 1 
ATOM   275 C "C1'" . DT  B 1 4  ? 5.501   5.335   -2.953  1.00 16.31 ? 204 DT  B "C1'" 1 
ATOM   276 N N1    . DT  B 1 4  ? 4.330   4.856   -2.218  1.00 15.86 ? 204 DT  B N1    1 
ATOM   277 C C2    . DT  B 1 4  ? 4.576   4.335   -0.962  1.00 17.32 ? 204 DT  B C2    1 
ATOM   278 O O2    . DT  B 1 4  ? 5.712   4.292   -0.493  1.00 16.33 ? 204 DT  B O2    1 
ATOM   279 N N3    . DT  B 1 4  ? 3.476   3.892   -0.287  1.00 15.08 ? 204 DT  B N3    1 
ATOM   280 C C4    . DT  B 1 4  ? 2.149   3.900   -0.747  1.00 15.86 ? 204 DT  B C4    1 
ATOM   281 O O4    . DT  B 1 4  ? 1.223   3.477   -0.058  1.00 17.07 ? 204 DT  B O4    1 
ATOM   282 C C5    . DT  B 1 4  ? 1.932   4.447   -2.131  1.00 12.96 ? 204 DT  B C5    1 
ATOM   283 C C7    . DT  B 1 4  ? 0.555   4.492   -2.729  1.00 13.79 ? 204 DT  B C7    1 
ATOM   284 C C6    . DT  B 1 4  ? 3.033   4.903   -2.795  1.00 13.27 ? 204 DT  B C6    1 
ATOM   285 P P     . DA  B 1 5  ? 6.353   1.902   -6.121  1.00 19.39 ? 205 DA  B P     1 
ATOM   286 O OP1   . DA  B 1 5  ? 7.234   1.635   -7.275  1.00 23.95 ? 205 DA  B OP1   1 
ATOM   287 O OP2   . DA  B 1 5  ? 4.938   1.450   -6.130  1.00 19.33 ? 205 DA  B OP2   1 
ATOM   288 O "O5'" . DA  B 1 5  ? 7.026   1.321   -4.813  1.00 15.91 ? 205 DA  B "O5'" 1 
ATOM   289 C "C5'" . DA  B 1 5  ? 8.425   1.527   -4.512  1.00 15.91 ? 205 DA  B "C5'" 1 
ATOM   290 C "C4'" . DA  B 1 5  ? 8.687   0.949   -3.149  1.00 12.99 ? 205 DA  B "C4'" 1 
ATOM   291 O "O4'" . DA  B 1 5  ? 7.811   1.590   -2.241  1.00 15.09 ? 205 DA  B "O4'" 1 
ATOM   292 C "C3'" . DA  B 1 5  ? 8.324   -0.508  -3.022  1.00 15.14 ? 205 DA  B "C3'" 1 
ATOM   293 O "O3'" . DA  B 1 5  ? 9.425   -1.265  -3.485  1.00 16.80 ? 205 DA  B "O3'" 1 
ATOM   294 C "C2'" . DA  B 1 5  ? 8.198   -0.660  -1.546  1.00 13.77 ? 205 DA  B "C2'" 1 
ATOM   295 C "C1'" . DA  B 1 5  ? 7.476   0.641   -1.223  1.00 12.95 ? 205 DA  B "C1'" 1 
ATOM   296 N N9    . DA  B 1 5  ? 6.001   0.613   -1.155  1.00 14.42 ? 205 DA  B N9    1 
ATOM   297 C C8    . DA  B 1 5  ? 5.096   1.021   -2.132  1.00 12.07 ? 205 DA  B C8    1 
ATOM   298 N N7    . DA  B 1 5  ? 3.838   0.920   -1.768  1.00 14.43 ? 205 DA  B N7    1 
ATOM   299 C C5    . DA  B 1 5  ? 3.881   0.440   -0.462  1.00 12.22 ? 205 DA  B C5    1 
ATOM   300 C C6    . DA  B 1 5  ? 2.877   0.145   0.499   1.00 12.32 ? 205 DA  B C6    1 
ATOM   301 N N6    . DA  B 1 5  ? 1.492   0.267   0.297   1.00 15.31 ? 205 DA  B N6    1 
ATOM   302 N N1    . DA  B 1 5  ? 3.320   -0.330  1.695   1.00 11.73 ? 205 DA  B N1    1 
ATOM   303 C C2    . DA  B 1 5  ? 4.654   -0.468  1.946   1.00 12.25 ? 205 DA  B C2    1 
ATOM   304 N N3    . DA  B 1 5  ? 5.683   -0.207  1.125   1.00 13.54 ? 205 DA  B N3    1 
ATOM   305 C C4    . DA  B 1 5  ? 5.233   0.253   -0.055  1.00 14.69 ? 205 DA  B C4    1 
HETATM 306 P P     . UVX B 1 6  ? 9.139   -2.614  -4.268  1.00 19.73 ? 206 UVX B P     1 
HETATM 307 N N1    . UVX B 1 6  ? 6.052   -4.020  0.041   1.00 12.28 ? 206 UVX B N1    1 
HETATM 308 C C2    . UVX B 1 6  ? 5.042   -4.141  0.965   1.00 12.51 ? 206 UVX B C2    1 
HETATM 309 O O2    . UVX B 1 6  ? 5.270   -4.698  2.055   1.00 14.89 ? 206 UVX B O2    1 
HETATM 310 N N3    . UVX B 1 6  ? 3.796   -3.682  0.691   1.00 13.51 ? 206 UVX B N3    1 
HETATM 311 C C4    . UVX B 1 6  ? 3.506   -3.095  -0.507  1.00 14.06 ? 206 UVX B C4    1 
HETATM 312 O O4    . UVX B 1 6  ? 2.351   -2.701  -0.736  1.00 14.56 ? 206 UVX B O4    1 
HETATM 313 C C5    . UVX B 1 6  ? 4.512   -2.944  -1.472  1.00 14.12 ? 206 UVX B C5    1 
HETATM 314 C C6    . UVX B 1 6  ? 5.817   -3.408  -1.160  1.00 12.97 ? 206 UVX B C6    1 
HETATM 315 C "C1'" . UVX B 1 6  ? 7.402   -4.506  0.394   1.00 14.74 ? 206 UVX B "C1'" 1 
HETATM 316 C "C2'" . UVX B 1 6  ? 7.598   -5.997  0.064   1.00 12.78 ? 206 UVX B "C2'" 1 
HETATM 317 C "C3'" . UVX B 1 6  ? 7.973   -5.831  -1.390  1.00 14.26 ? 206 UVX B "C3'" 1 
HETATM 318 O "O3'" . UVX B 1 6  ? 8.495   -7.012  -1.990  1.00 15.28 ? 206 UVX B "O3'" 1 
HETATM 319 C "C4'" . UVX B 1 6  ? 9.078   -4.869  -1.162  1.00 12.89 ? 206 UVX B "C4'" 1 
HETATM 320 O "O4'" . UVX B 1 6  ? 8.392   -3.831  -0.436  1.00 13.54 ? 206 UVX B "O4'" 1 
HETATM 321 C "C5'" . UVX B 1 6  ? 9.743   -4.320  -2.402  1.00 15.67 ? 206 UVX B "C5'" 1 
HETATM 322 O "O5'" . UVX B 1 6  ? 8.745   -3.654  -3.201  1.00 16.21 ? 206 UVX B "O5'" 1 
HETATM 323 C "C6'" . UVX B 1 6  ? 8.967   -6.255  0.667   1.00 15.86 ? 206 UVX B "C6'" 1 
HETATM 324 C "C7'" . UVX B 1 6  ? 9.201   -7.017  1.734   1.00 18.30 ? 206 UVX B "C7'" 1 
HETATM 325 C "C8'" . UVX B 1 6  ? 10.020  -5.587  -0.191  1.00 17.10 ? 206 UVX B "C8'" 1 
HETATM 326 O OP1   . UVX B 1 6  ? 10.504  -2.974  -4.969  1.00 21.65 ? 206 UVX B OP1   1 
HETATM 327 O OP2   . UVX B 1 6  ? 7.895   -2.446  -5.247  1.00 21.36 ? 206 UVX B OP2   1 
ATOM   328 P P     . DA  B 1 7  ? 7.589   -8.093  -2.704  1.00 15.96 ? 207 DA  B P     1 
ATOM   329 O OP1   . DA  B 1 7  ? 8.496   -9.093  -3.347  1.00 16.84 ? 207 DA  B OP1   1 
ATOM   330 O OP2   . DA  B 1 7  ? 6.617   -7.364  -3.556  1.00 18.15 ? 207 DA  B OP2   1 
ATOM   331 O "O5'" . DA  B 1 7  ? 6.748   -8.851  -1.557  1.00 15.74 ? 207 DA  B "O5'" 1 
ATOM   332 C "C5'" . DA  B 1 7  ? 7.428   -9.606  -0.572  1.00 15.62 ? 207 DA  B "C5'" 1 
ATOM   333 C "C4'" . DA  B 1 7  ? 6.462   -10.027 0.477   1.00 14.49 ? 207 DA  B "C4'" 1 
ATOM   334 O "O4'" . DA  B 1 7  ? 5.986   -8.854  1.196   1.00 15.81 ? 207 DA  B "O4'" 1 
ATOM   335 C "C3'" . DA  B 1 7  ? 5.193   -10.668 -0.050  1.00 16.18 ? 207 DA  B "C3'" 1 
ATOM   336 O "O3'" . DA  B 1 7  ? 5.417   -12.038 -0.266  1.00 19.00 ? 207 DA  B "O3'" 1 
ATOM   337 C "C2'" . DA  B 1 7  ? 4.235   -10.445 1.156   1.00 13.39 ? 207 DA  B "C2'" 1 
ATOM   338 C "C1'" . DA  B 1 7  ? 4.601   -9.049  1.574   1.00 14.66 ? 207 DA  B "C1'" 1 
ATOM   339 N N9    . DA  B 1 7  ? 3.780   -8.087  0.879   1.00 15.46 ? 207 DA  B N9    1 
ATOM   340 C C8    . DA  B 1 7  ? 4.110   -7.347  -0.228  1.00 16.36 ? 207 DA  B C8    1 
ATOM   341 N N7    . DA  B 1 7  ? 3.160   -6.551  -0.640  1.00 16.87 ? 207 DA  B N7    1 
ATOM   342 C C5    . DA  B 1 7  ? 2.103   -6.797  0.279   1.00 15.22 ? 207 DA  B C5    1 
ATOM   343 C C6    . DA  B 1 7  ? 0.787   -6.261  0.396   1.00 13.19 ? 207 DA  B C6    1 
ATOM   344 N N6    . DA  B 1 7  ? 0.294   -5.323  -0.447  1.00 13.10 ? 207 DA  B N6    1 
ATOM   345 N N1    . DA  B 1 7  ? -0.005  -6.743  1.408   1.00 14.53 ? 207 DA  B N1    1 
ATOM   346 C C2    . DA  B 1 7  ? 0.515   -7.669  2.264   1.00 14.46 ? 207 DA  B C2    1 
ATOM   347 N N3    . DA  B 1 7  ? 1.765   -8.239  2.225   1.00 13.72 ? 207 DA  B N3    1 
ATOM   348 C C4    . DA  B 1 7  ? 2.486   -7.748  1.213   1.00 13.98 ? 207 DA  B C4    1 
ATOM   349 P P     . DC  B 1 8  ? 4.774   -12.805 -1.493  1.00 18.98 ? 208 DC  B P     1 
ATOM   350 O OP1   . DC  B 1 8  ? 5.339   -14.154 -1.498  1.00 24.39 ? 208 DC  B OP1   1 
ATOM   351 O OP2   . DC  B 1 8  ? 4.859   -11.970 -2.702  1.00 23.03 ? 208 DC  B OP2   1 
ATOM   352 O "O5'" . DC  B 1 8  ? 3.224   -12.886 -1.129  1.00 17.76 ? 208 DC  B "O5'" 1 
ATOM   353 C "C5'" . DC  B 1 8  ? 2.821   -13.681 -0.008  1.00 14.38 ? 208 DC  B "C5'" 1 
ATOM   354 C "C4'" . DC  B 1 8  ? 1.413   -13.320 0.419   1.00 14.87 ? 208 DC  B "C4'" 1 
ATOM   355 O "O4'" . DC  B 1 8  ? 1.339   -11.910 0.784   1.00 14.27 ? 208 DC  B "O4'" 1 
ATOM   356 C "C3'" . DC  B 1 8  ? 0.368   -13.516 -0.638  1.00 15.28 ? 208 DC  B "C3'" 1 
ATOM   357 O "O3'" . DC  B 1 8  ? 0.025   -14.874 -0.581  1.00 17.99 ? 208 DC  B "O3'" 1 
ATOM   358 C "C2'" . DC  B 1 8  ? -0.751  -12.618 -0.107  1.00 14.20 ? 208 DC  B "C2'" 1 
ATOM   359 C "C1'" . DC  B 1 8  ? 0.047   -11.431 0.465   1.00 12.95 ? 208 DC  B "C1'" 1 
ATOM   360 N N1    . DC  B 1 8  ? 0.145   -10.309 -0.504  1.00 14.30 ? 208 DC  B N1    1 
ATOM   361 C C2    . DC  B 1 8  ? -0.934  -9.421  -0.586  1.00 13.44 ? 208 DC  B C2    1 
ATOM   362 O O2    . DC  B 1 8  ? -1.931  -9.580  0.170   1.00 14.85 ? 208 DC  B O2    1 
ATOM   363 N N3    . DC  B 1 8  ? -0.872  -8.396  -1.487  1.00 12.26 ? 208 DC  B N3    1 
ATOM   364 C C4    . DC  B 1 8  ? 0.149   -8.260  -2.277  1.00 11.53 ? 208 DC  B C4    1 
ATOM   365 N N4    . DC  B 1 8  ? 0.118   -7.242  -3.105  1.00 15.50 ? 208 DC  B N4    1 
ATOM   366 C C5    . DC  B 1 8  ? 1.282   -9.141  -2.244  1.00 14.58 ? 208 DC  B C5    1 
ATOM   367 C C6    . DC  B 1 8  ? 1.229   -10.175 -1.348  1.00 17.23 ? 208 DC  B C6    1 
ATOM   368 P P     . DG  B 1 9  ? -0.912  -15.571 -1.636  1.00 20.45 ? 209 DG  B P     1 
ATOM   369 O OP1   . DG  B 1 9  ? -0.946  -17.038 -1.267  1.00 22.50 ? 209 DG  B OP1   1 
ATOM   370 O OP2   . DG  B 1 9  ? -0.537  -15.107 -2.962  1.00 22.98 ? 209 DG  B OP2   1 
ATOM   371 O "O5'" . DG  B 1 9  ? -2.323  -14.976 -1.269  1.00 21.26 ? 209 DG  B "O5'" 1 
ATOM   372 C "C5'" . DG  B 1 9  ? -3.227  -14.723 -2.222  1.00 19.13 ? 209 DG  B "C5'" 1 
ATOM   373 C "C4'" . DG  B 1 9  ? -4.372  -13.927 -1.645  1.00 14.66 ? 209 DG  B "C4'" 1 
ATOM   374 O "O4'" . DG  B 1 9  ? -3.891  -12.603 -1.343  1.00 13.31 ? 209 DG  B "O4'" 1 
ATOM   375 C "C3'" . DG  B 1 9  ? -5.426  -13.702 -2.673  0.50 10.52 ? 209 DG  B "C3'" 1 
ATOM   376 O "O3'" . DG  B 1 9  ? -6.375  -14.704 -2.600  1.00 18.37 ? 209 DG  B "O3'" 1 
ATOM   377 C "C2'" . DG  B 1 9  ? -6.010  -12.335 -2.350  1.00 13.34 ? 209 DG  B "C2'" 1 
ATOM   378 C "C1'" . DG  B 1 9  ? -4.769  -11.662 -1.896  1.00 14.37 ? 209 DG  B "C1'" 1 
ATOM   379 N N9    . DG  B 1 9  ? -4.055  -10.794 -2.818  1.00 13.64 ? 209 DG  B N9    1 
ATOM   380 C C8    . DG  B 1 9  ? -2.726  -10.851 -3.184  1.00 13.20 ? 209 DG  B C8    1 
ATOM   381 N N7    . DG  B 1 9  ? -2.368  -9.886  -3.977  1.00 13.03 ? 209 DG  B N7    1 
ATOM   382 C C5    . DG  B 1 9  ? -3.536  -9.122  -4.133  1.00 11.85 ? 209 DG  B C5    1 
ATOM   383 C C6    . DG  B 1 9  ? -3.769  -7.916  -4.854  1.00 11.20 ? 209 DG  B C6    1 
ATOM   384 O O6    . DG  B 1 9  ? -2.951  -7.266  -5.557  1.00 12.95 ? 209 DG  B O6    1 
ATOM   385 N N1    . DG  B 1 9  ? -5.108  -7.488  -4.743  1.00 12.30 ? 209 DG  B N1    1 
ATOM   386 C C2    . DG  B 1 9  ? -6.070  -8.119  -3.994  1.00 12.26 ? 209 DG  B C2    1 
ATOM   387 N N2    . DG  B 1 9  ? -7.318  -7.576  -3.980  1.00 11.17 ? 209 DG  B N2    1 
ATOM   388 N N3    . DG  B 1 9  ? -5.841  -9.220  -3.298  1.00 13.44 ? 209 DG  B N3    1 
ATOM   389 C C4    . DG  B 1 9  ? -4.572  -9.663  -3.411  1.00 11.49 ? 209 DG  B C4    1 
ATOM   390 P P     . DC  B 1 10 ? -7.103  -15.196 -3.970  1.00 15.44 ? 210 DC  B P     1 
ATOM   391 O OP1   . DC  B 1 10 ? -8.010  -16.334 -3.613  1.00 16.84 ? 210 DC  B OP1   1 
ATOM   392 O OP2   . DC  B 1 10 ? -6.095  -15.369 -4.999  1.00 18.12 ? 210 DC  B OP2   1 
ATOM   393 O "O5'" . DC  B 1 10 ? -8.017  -13.931 -4.429  1.00 16.03 ? 210 DC  B "O5'" 1 
ATOM   394 C "C5'" . DC  B 1 10 ? -9.203  -13.594 -3.715  1.00 13.18 ? 210 DC  B "C5'" 1 
ATOM   395 C "C4'" . DC  B 1 10 ? -9.854  -12.432 -4.391  1.00 13.10 ? 210 DC  B "C4'" 1 
ATOM   396 O "O4'" . DC  B 1 10 ? -8.920  -11.340 -4.385  1.00 14.77 ? 210 DC  B "O4'" 1 
ATOM   397 C "C3'" . DC  B 1 10 ? -10.113 -12.682 -5.896  1.00 14.44 ? 210 DC  B "C3'" 1 
ATOM   398 O "O3'" . DC  B 1 10 ? -11.383 -13.191 -6.086  1.00 17.34 ? 210 DC  B "O3'" 1 
ATOM   399 C "C2'" . DC  B 1 10 ? -10.078 -11.277 -6.507  1.00 12.95 ? 210 DC  B "C2'" 1 
ATOM   400 C "C1'" . DC  B 1 10 ? -9.094  -10.585 -5.606  1.00 15.09 ? 210 DC  B "C1'" 1 
ATOM   401 N N1    . DC  B 1 10 ? -7.731  -10.319 -6.186  1.00 12.04 ? 210 DC  B N1    1 
ATOM   402 C C2    . DC  B 1 10 ? -7.594  -9.172  -6.965  1.00 11.00 ? 210 DC  B C2    1 
ATOM   403 O O2    . DC  B 1 10 ? -8.607  -8.457  -7.155  1.00 13.30 ? 210 DC  B O2    1 
ATOM   404 N N3    . DC  B 1 10 ? -6.373  -8.877  -7.489  1.00 12.74 ? 210 DC  B N3    1 
ATOM   405 C C4    . DC  B 1 10 ? -5.311  -9.680  -7.251  1.00 12.18 ? 210 DC  B C4    1 
ATOM   406 N N4    . DC  B 1 10 ? -4.110  -9.344  -7.792  1.00 13.86 ? 210 DC  B N4    1 
ATOM   407 C C5    . DC  B 1 10 ? -5.458  -10.884 -6.472  1.00 14.05 ? 210 DC  B C5    1 
ATOM   408 C C6    . DC  B 1 10 ? -6.679  -11.168 -5.953  1.00 12.13 ? 210 DC  B C6    1 
HETATM 409 C C1    . MPD C 2 .  ? 5.005   -5.524  5.922   1.00 20.08 ? 211 MPD A C1    1 
HETATM 410 C C2    . MPD C 2 .  ? 6.173   -6.503  5.704   1.00 19.02 ? 211 MPD A C2    1 
HETATM 411 O O2    . MPD C 2 .  ? 5.963   -7.218  4.393   1.00 23.86 ? 211 MPD A O2    1 
HETATM 412 C CM    . MPD C 2 .  ? 7.468   -5.732  5.626   1.00 14.67 ? 211 MPD A CM    1 
HETATM 413 C C3    . MPD C 2 .  ? 6.247   -7.493  6.895   1.00 22.86 ? 211 MPD A C3    1 
HETATM 414 C C4    . MPD C 2 .  ? 6.477   -6.692  8.203   1.00 25.60 ? 211 MPD A C4    1 
HETATM 415 O O4    . MPD C 2 .  ? 6.090   -7.391  9.346   1.00 36.29 ? 211 MPD A O4    1 
HETATM 416 C C5    . MPD C 2 .  ? 7.913   -6.288  8.378   1.00 28.42 ? 211 MPD A C5    1 
HETATM 417 O O     . HOH D 3 .  ? 5.672   19.793  -0.091  1.00 17.16 ? 1   HOH A O     1 
HETATM 418 O O     . HOH D 3 .  ? 6.237   19.211  3.359   1.00 14.94 ? 2   HOH A O     1 
HETATM 419 O O     . HOH D 3 .  ? 10.178  15.519  2.206   1.00 27.02 ? 3   HOH A O     1 
HETATM 420 O O     . HOH D 3 .  ? 4.747   12.892  -1.321  1.00 20.49 ? 4   HOH A O     1 
HETATM 421 O O     . HOH D 3 .  ? 4.842   12.407  6.343   1.00 21.28 ? 5   HOH A O     1 
HETATM 422 O O     . HOH D 3 .  ? 2.674   8.737   6.269   1.00 22.96 ? 6   HOH A O     1 
HETATM 423 O O     . HOH D 3 .  ? 2.226   11.285  6.789   1.00 26.06 ? 7   HOH A O     1 
HETATM 424 O O     . HOH D 3 .  ? 0.324   5.130   6.479   1.00 27.53 ? 8   HOH A O     1 
HETATM 425 O O     . HOH D 3 .  ? 3.756   7.431   8.489   1.00 22.69 ? 9   HOH A O     1 
HETATM 426 O O     . HOH D 3 .  ? 0.173   8.322   5.479   1.00 30.20 ? 10  HOH A O     1 
HETATM 427 O O     . HOH D 3 .  ? -5.717  -2.384  4.164   1.00 21.06 ? 13  HOH A O     1 
HETATM 428 O O     . HOH D 3 .  ? 1.401   -7.160  10.905  1.00 24.00 ? 14  HOH A O     1 
HETATM 429 O O     . HOH D 3 .  ? 2.771   -7.285  8.725   1.00 23.35 ? 15  HOH A O     1 
HETATM 430 O O     . HOH D 3 .  ? 1.521   -7.387  6.272   1.00 17.58 ? 16  HOH A O     1 
HETATM 431 O O     . HOH D 3 .  ? -3.152  -1.874  -4.395  1.00 24.12 ? 21  HOH A O     1 
HETATM 432 O O     . HOH D 3 .  ? -4.820  0.487   -5.588  1.00 22.56 ? 22  HOH A O     1 
HETATM 433 O O     . HOH D 3 .  ? -2.334  -1.792  -0.996  1.00 26.59 ? 25  HOH A O     1 
HETATM 434 O O     . HOH D 3 .  ? -6.231  -0.477  -3.747  1.00 22.71 ? 27  HOH A O     1 
HETATM 435 O O     . HOH D 3 .  ? -10.103 -5.958  7.948   1.00 22.83 ? 28  HOH A O     1 
HETATM 436 O O     . HOH D 3 .  ? -6.681  -4.588  10.928  1.00 19.38 ? 29  HOH A O     1 
HETATM 437 O O     . HOH D 3 .  ? 6.609   -1.429  5.055   1.00 16.99 ? 30  HOH A O     1 
HETATM 438 O O     . HOH D 3 .  ? 0.178   2.569   6.206   1.00 21.92 ? 32  HOH A O     1 
HETATM 439 O O     . HOH D 3 .  ? -7.063  -0.058  0.850   1.00 25.81 ? 34  HOH A O     1 
HETATM 440 O O     . HOH D 3 .  ? 7.144   18.081  5.741   1.00 20.59 ? 36  HOH A O     1 
HETATM 441 O O     . HOH D 3 .  ? -8.865  3.854   -10.741 1.00 23.19 ? 41  HOH A O     1 
HETATM 442 O O     . HOH D 3 .  ? -10.769 -5.561  -5.316  1.00 14.73 ? 42  HOH A O     1 
HETATM 443 O O     . HOH D 3 .  ? -3.136  -0.931  3.185   1.00 29.92 ? 43  HOH A O     1 
HETATM 444 O O     . HOH D 3 .  ? -0.361  1.431   8.580   1.00 34.68 ? 44  HOH A O     1 
HETATM 445 O O     . HOH D 3 .  ? 4.577   -1.554  13.527  1.00 33.60 ? 45  HOH A O     1 
HETATM 446 O O     . HOH D 3 .  ? 10.211  14.970  5.589   1.00 20.18 ? 48  HOH A O     1 
HETATM 447 O O     . HOH D 3 .  ? -4.510  -2.070  -15.041 1.00 26.04 ? 57  HOH A O     1 
HETATM 448 O O     . HOH D 3 .  ? 6.545   15.312  -1.768  0.50 18.67 ? 60  HOH A O     1 
HETATM 449 O O     . HOH D 3 .  ? 7.471   18.309  -1.214  0.50 19.08 ? 61  HOH A O     1 
HETATM 450 O O     . HOH D 3 .  ? -13.012 0.040   -1.541  0.50 19.08 ? 63  HOH A O     1 
HETATM 451 O O     . HOH D 3 .  ? 12.547  13.961  7.685   0.50 19.62 ? 65  HOH A O     1 
HETATM 452 O O     . HOH E 3 .  ? -2.667  6.045   -0.616  1.00 21.76 ? 11  HOH B O     1 
HETATM 453 O O     . HOH E 3 .  ? -1.310  3.239   -0.376  1.00 28.67 ? 12  HOH B O     1 
HETATM 454 O O     . HOH E 3 .  ? 2.652   -9.276  4.690   1.00 16.55 ? 17  HOH B O     1 
HETATM 455 O O     . HOH E 3 .  ? 4.884   -10.961 4.925   1.00 22.67 ? 18  HOH B O     1 
HETATM 456 O O     . HOH E 3 .  ? 1.661   -12.036 -4.849  1.00 33.53 ? 19  HOH B O     1 
HETATM 457 O O     . HOH E 3 .  ? 7.938   -0.211  2.827   1.00 18.42 ? 20  HOH B O     1 
HETATM 458 O O     . HOH E 3 .  ? -0.469  -7.354  -6.591  1.00 28.70 ? 23  HOH B O     1 
HETATM 459 O O     . HOH E 3 .  ? -0.213  -9.898  -5.625  1.00 21.22 ? 24  HOH B O     1 
HETATM 460 O O     . HOH E 3 .  ? -1.893  -11.144 -7.560  1.00 22.69 ? 26  HOH B O     1 
HETATM 461 O O     . HOH E 3 .  ? 7.376   -3.882  3.921   1.00 20.14 ? 31  HOH B O     1 
HETATM 462 O O     . HOH E 3 .  ? 1.560   2.488   -5.618  1.00 30.47 ? 33  HOH B O     1 
HETATM 463 O O     . HOH E 3 .  ? -4.436  6.431   -2.549  1.00 21.47 ? 35  HOH B O     1 
HETATM 464 O O     . HOH E 3 .  ? 8.308   4.079   -0.047  1.00 18.00 ? 46  HOH B O     1 
HETATM 465 O O     . HOH E 3 .  ? -11.529 -15.780 -5.353  1.00 21.74 ? 47  HOH B O     1 
HETATM 466 O O     . HOH E 3 .  ? -10.272 10.035  -4.655  1.00 26.96 ? 49  HOH B O     1 
HETATM 467 O O     . HOH E 3 .  ? 2.361   7.810   -10.112 1.00 29.31 ? 50  HOH B O     1 
HETATM 468 O O     . HOH E 3 .  ? 3.007   3.159   -9.718  1.00 30.77 ? 51  HOH B O     1 
HETATM 469 O O     . HOH E 3 .  ? -6.775  6.732   -5.668  1.00 41.15 ? 52  HOH B O     1 
HETATM 470 O O     . HOH E 3 .  ? 1.885   1.128   -3.498  1.00 37.06 ? 53  HOH B O     1 
HETATM 471 O O     . HOH E 3 .  ? 4.354   -9.055  -4.012  1.00 35.90 ? 54  HOH B O     1 
HETATM 472 O O     . HOH E 3 .  ? 2.977   -5.601  -3.328  1.00 22.79 ? 55  HOH B O     1 
HETATM 473 O O     . HOH E 3 .  ? 5.590   -5.238  -4.417  1.00 31.47 ? 56  HOH B O     1 
HETATM 474 O O     . HOH E 3 .  ? -3.734  -15.538 -6.066  0.50 13.93 ? 58  HOH B O     1 
HETATM 475 O O     . HOH E 3 .  ? -2.873  -13.144 -5.702  0.50 16.05 ? 59  HOH B O     1 
HETATM 476 O O     . HOH E 3 .  ? -0.581  -13.026 -4.029  0.50 16.63 ? 62  HOH B O     1 
HETATM 477 O O     . HOH E 3 .  ? 0.953   -1.993  -3.131  0.50 26.14 ? 64  HOH B O     1 
# 
loop_
_atom_site_anisotrop.id 
_atom_site_anisotrop.type_symbol 
_atom_site_anisotrop.pdbx_label_atom_id 
_atom_site_anisotrop.pdbx_label_alt_id 
_atom_site_anisotrop.pdbx_label_comp_id 
_atom_site_anisotrop.pdbx_label_asym_id 
_atom_site_anisotrop.pdbx_label_seq_id 
_atom_site_anisotrop.pdbx_PDB_ins_code 
_atom_site_anisotrop.U[1][1] 
_atom_site_anisotrop.U[2][2] 
_atom_site_anisotrop.U[3][3] 
_atom_site_anisotrop.U[1][2] 
_atom_site_anisotrop.U[1][3] 
_atom_site_anisotrop.U[2][3] 
_atom_site_anisotrop.pdbx_auth_seq_id 
_atom_site_anisotrop.pdbx_auth_comp_id 
_atom_site_anisotrop.pdbx_auth_asym_id 
_atom_site_anisotrop.pdbx_auth_atom_id 
1   O "O5'" . DG  A 1  ? 0.2357 0.3102 0.4415 -0.0065 -0.0089 -0.0333 101 DG  A "O5'" 
2   C "C5'" . DG  A 1  ? 0.2266 0.2907 0.2936 -0.0306 -0.0363 -0.0093 101 DG  A "C5'" 
3   C "C4'" . DG  A 1  ? 0.2109 0.1917 0.1631 -0.0150 -0.0184 -0.0118 101 DG  A "C4'" 
4   O "O4'" . DG  A 1  ? 0.2208 0.2035 0.2155 0.0025  0.0405  0.0326  101 DG  A "O4'" 
5   C "C3'" . DG  A 1  ? 0.1241 0.1795 0.1631 -0.0251 0.0111  -0.0058 101 DG  A "C3'" 
6   O "O3'" . DG  A 1  ? 0.1671 0.2034 0.1966 -0.0068 -0.0027 -0.0117 101 DG  A "O3'" 
7   C "C2'" . DG  A 1  ? 0.1168 0.1548 0.1816 -0.0356 0.0138  0.0158  101 DG  A "C2'" 
8   C "C1'" . DG  A 1  ? 0.1690 0.1572 0.2150 0.0000  0.0000  0.0561  101 DG  A "C1'" 
9   N N9    . DG  A 1  ? 0.1486 0.1761 0.1997 -0.0088 -0.0097 0.0337  101 DG  A N9    
10  C C8    . DG  A 1  ? 0.1971 0.2460 0.2009 0.0318  -0.0191 0.0208  101 DG  A C8    
11  N N7    . DG  A 1  ? 0.2200 0.1871 0.2312 0.0241  0.0044  0.0468  101 DG  A N7    
12  C C5    . DG  A 1  ? 0.1699 0.2094 0.1599 0.0027  -0.0226 0.0290  101 DG  A C5    
13  C C6    . DG  A 1  ? 0.1813 0.1777 0.1981 -0.0044 -0.0168 -0.0139 101 DG  A C6    
14  O O6    . DG  A 1  ? 0.2029 0.1422 0.2737 -0.0171 -0.0551 0.0183  101 DG  A O6    
15  N N1    . DG  A 1  ? 0.2089 0.1750 0.1707 -0.0355 -0.0247 -0.0145 101 DG  A N1    
16  C C2    . DG  A 1  ? 0.1697 0.1587 0.1718 -0.0356 -0.0405 -0.0059 101 DG  A C2    
17  N N2    . DG  A 1  ? 0.1998 0.1967 0.1626 -0.0350 -0.0008 -0.0011 101 DG  A N2    
18  N N3    . DG  A 1  ? 0.1431 0.1614 0.1731 -0.0286 0.0048  -0.0057 101 DG  A N3    
19  C C4    . DG  A 1  ? 0.1626 0.1842 0.1632 0.0115  0.0118  0.0224  101 DG  A C4    
20  P P     . DC  A 2  ? 0.2200 0.1824 0.2401 -0.0022 -0.0017 -0.0059 102 DC  A P     
21  O OP1   . DC  A 2  ? 0.2224 0.2049 0.2137 0.0050  -0.0049 -0.0049 102 DC  A OP1   
22  O OP2   . DC  A 2  ? 0.2415 0.1981 0.2825 0.0050  -0.0467 -0.0102 102 DC  A OP2   
23  O "O5'" . DC  A 2  ? 0.2160 0.2155 0.1867 -0.0005 0.0098  0.0186  102 DC  A "O5'" 
24  C "C5'" . DC  A 2  ? 0.1708 0.2243 0.2242 -0.0266 0.0459  -0.0098 102 DC  A "C5'" 
25  C "C4'" . DC  A 2  ? 0.2585 0.2028 0.1354 -0.0046 0.0348  -0.0063 102 DC  A "C4'" 
26  O "O4'" . DC  A 2  ? 0.1905 0.1781 0.1622 -0.0006 0.0018  0.0055  102 DC  A "O4'" 
27  C "C3'" . DC  A 2  ? 0.1897 0.1800 0.1813 -0.0064 -0.0197 0.0187  102 DC  A "C3'" 
28  O "O3'" . DC  A 2  ? 0.2436 0.2236 0.1909 0.0316  -0.0280 0.0234  102 DC  A "O3'" 
29  C "C2'" . DC  A 2  ? 0.2067 0.1607 0.1742 -0.0034 0.0135  -0.0360 102 DC  A "C2'" 
30  C "C1'" . DC  A 2  ? 0.1517 0.1334 0.1357 -0.0040 0.0216  0.0077  102 DC  A "C1'" 
31  N N1    . DC  A 2  ? 0.1661 0.1553 0.1694 -0.0298 0.0090  0.0367  102 DC  A N1    
32  C C2    . DC  A 2  ? 0.1322 0.1221 0.1713 0.0068  0.0007  -0.0250 102 DC  A C2    
33  O O2    . DC  A 2  ? 0.1455 0.1849 0.2371 -0.0020 -0.0027 0.0165  102 DC  A O2    
34  N N3    . DC  A 2  ? 0.1617 0.1571 0.1619 0.0526  -0.0165 0.0062  102 DC  A N3    
35  C C4    . DC  A 2  ? 0.1387 0.1680 0.1809 0.0069  -0.0256 0.0169  102 DC  A C4    
36  N N4    . DC  A 2  ? 0.1595 0.2028 0.1679 0.0193  -0.0084 0.0031  102 DC  A N4    
37  C C5    . DC  A 2  ? 0.2001 0.1928 0.2435 -0.0039 -0.0178 0.0067  102 DC  A C5    
38  C C6    . DC  A 2  ? 0.1157 0.2460 0.1832 -0.0626 0.0148  0.0072  102 DC  A C6    
39  P P     . DG  A 3  ? 0.2708 0.2057 0.2128 0.0201  -0.0065 -0.0149 103 DG  A P     
40  O OP1   . DG  A 3  ? 0.3144 0.3115 0.2031 0.0331  -0.0229 -0.0554 103 DG  A OP1   
41  O OP2   . DG  A 3  ? 0.2808 0.2240 0.1685 0.0244  -0.0533 0.0064  103 DG  A OP2   
42  O "O5'" . DG  A 3  ? 0.2143 0.2349 0.1945 0.0051  -0.0391 0.0122  103 DG  A "O5'" 
43  C "C5'" . DG  A 3  ? 0.2018 0.1874 0.1666 0.0491  -0.0344 0.0188  103 DG  A "C5'" 
44  C "C4'" . DG  A 3  ? 0.2162 0.1819 0.1603 0.0076  0.0061  0.0362  103 DG  A "C4'" 
45  O "O4'" . DG  A 3  ? 0.2295 0.2240 0.1852 0.0192  -0.0286 0.0243  103 DG  A "O4'" 
46  C "C3'" . DG  A 3  ? 0.2002 0.1772 0.1836 0.0021  -0.0217 -0.0164 103 DG  A "C3'" 
47  O "O3'" . DG  A 3  ? 0.2238 0.1864 0.2297 0.0001  0.0191  -0.0020 103 DG  A "O3'" 
48  C "C2'" . DG  A 3  ? 0.1926 0.1813 0.1900 -0.0221 0.0537  -0.0137 103 DG  A "C2'" 
49  C "C1'" . DG  A 3  ? 0.1207 0.1542 0.1730 0.0311  -0.0030 0.0082  103 DG  A "C1'" 
50  N N9    . DG  A 3  ? 0.1387 0.1878 0.1797 -0.0048 -0.0083 0.0100  103 DG  A N9    
51  C C8    . DG  A 3  ? 0.2058 0.1747 0.1838 -0.0161 0.0065  -0.0201 103 DG  A C8    
52  N N7    . DG  A 3  ? 0.2082 0.1778 0.1559 -0.0495 -0.0171 -0.0175 103 DG  A N7    
53  C C5    . DG  A 3  ? 0.1798 0.1732 0.1582 -0.0387 -0.0163 0.0091  103 DG  A C5    
54  C C6    . DG  A 3  ? 0.1625 0.1601 0.1379 -0.0468 -0.0023 -0.0023 103 DG  A C6    
55  O O6    . DG  A 3  ? 0.1566 0.2046 0.1650 -0.0506 0.0013  -0.0144 103 DG  A O6    
56  N N1    . DG  A 3  ? 0.1210 0.1542 0.2303 -0.0388 -0.0018 0.0204  103 DG  A N1    
57  C C2    . DG  A 3  ? 0.0983 0.1204 0.1581 -0.0270 -0.0049 -0.0143 103 DG  A C2    
58  N N2    . DG  A 3  ? 0.1773 0.1550 0.1726 -0.0165 -0.0204 0.0169  103 DG  A N2    
59  N N3    . DG  A 3  ? 0.1407 0.1119 0.1607 -0.0136 -0.0170 -0.0023 103 DG  A N3    
60  C C4    . DG  A 3  ? 0.1394 0.1396 0.1530 -0.0346 -0.0192 -0.0238 103 DG  A C4    
61  P P     . DT  A 4  ? 0.1999 0.2082 0.1918 0.0105  0.0278  -0.0036 104 DT  A P     
62  O OP1   . DT  A 4  ? 0.2303 0.2422 0.1887 0.0485  0.0047  0.0127  104 DT  A OP1   
63  O OP2   . DT  A 4  ? 0.2326 0.2118 0.2176 -0.0325 0.0154  -0.0081 104 DT  A OP2   
64  O "O5'" . DT  A 4  ? 0.1879 0.1918 0.1935 -0.0208 -0.0195 -0.0009 104 DT  A "O5'" 
65  C "C5'" . DT  A 4  ? 0.1896 0.1550 0.2223 0.0396  -0.0017 -0.0114 104 DT  A "C5'" 
66  C "C4'" . DT  A 4  ? 0.1538 0.1595 0.1853 0.0269  -0.0089 -0.0047 104 DT  A "C4'" 
67  O "O4'" . DT  A 4  ? 0.1641 0.1455 0.2403 0.0111  0.0082  0.0129  104 DT  A "O4'" 
68  C "C3'" . DT  A 4  ? 0.1342 0.1544 0.1496 0.0070  0.0338  0.0054  104 DT  A "C3'" 
69  O "O3'" . DT  A 4  ? 0.1942 0.1963 0.1690 0.0120  0.0236  0.0155  104 DT  A "O3'" 
70  C "C2'" . DT  A 4  ? 0.2095 0.1325 0.1594 0.0283  0.0032  -0.0306 104 DT  A "C2'" 
71  C "C1'" . DT  A 4  ? 0.1456 0.1683 0.1401 0.0417  -0.0040 0.0296  104 DT  A "C1'" 
72  N N1    . DT  A 4  ? 0.1679 0.1404 0.1827 -0.0147 -0.0040 -0.0017 104 DT  A N1    
73  C C2    . DT  A 4  ? 0.2022 0.1292 0.1955 0.0174  -0.0005 -0.0230 104 DT  A C2    
74  O O2    . DT  A 4  ? 0.1717 0.1567 0.1656 0.0395  0.0038  0.0003  104 DT  A O2    
75  N N3    . DT  A 4  ? 0.2078 0.1672 0.1420 -0.0050 -0.0288 0.0071  104 DT  A N3    
76  C C4    . DT  A 4  ? 0.1941 0.1267 0.1923 -0.0241 -0.0259 0.0004  104 DT  A C4    
77  O O4    . DT  A 4  ? 0.1609 0.1742 0.1859 -0.0147 -0.0022 -0.0101 104 DT  A O4    
78  C C5    . DT  A 4  ? 0.2026 0.1909 0.1727 -0.0073 -0.0141 -0.0135 104 DT  A C5    
79  C C7    . DT  A 4  ? 0.1956 0.1177 0.1740 -0.0124 0.0043  0.0068  104 DT  A C7    
80  C C6    . DT  A 4  ? 0.2392 0.1788 0.1365 0.0057  -0.0336 0.0130  104 DT  A C6    
81  P P     . DA  A 5  ? 0.2102 0.2012 0.1753 0.0036  0.0057  0.0194  105 DA  A P     
82  O OP1   . DA  A 5  ? 0.1789 0.2225 0.1851 0.0196  0.0085  0.0089  105 DA  A OP1   
83  O OP2   . DA  A 5  ? 0.2605 0.1719 0.1971 -0.0090 0.0154  0.0025  105 DA  A OP2   
84  O "O5'" . DA  A 5  ? 0.1508 0.1713 0.1828 -0.0190 0.0277  0.0019  105 DA  A "O5'" 
85  C "C5'" . DA  A 5  ? 0.1163 0.1249 0.2484 0.0048  -0.0054 -0.0297 105 DA  A "C5'" 
86  C "C4'" . DA  A 5  ? 0.1825 0.2142 0.2180 -0.0051 0.0328  -0.0425 105 DA  A "C4'" 
87  O "O4'" . DA  A 5  ? 0.1716 0.1640 0.2090 -0.0336 0.0277  -0.0193 105 DA  A "O4'" 
88  C "C3'" . DA  A 5  ? 0.2053 0.2185 0.1667 -0.0389 -0.0093 -0.0242 105 DA  A "C3'" 
89  O "O3'" . DA  A 5  ? 0.2577 0.2556 0.1575 -0.0894 -0.0070 -0.0404 105 DA  A "O3'" 
90  C "C2'" . DA  A 5  ? 0.2202 0.2247 0.1732 0.0024  -0.0219 -0.0338 105 DA  A "C2'" 
91  C "C1'" . DA  A 5  ? 0.1833 0.1762 0.2005 -0.0217 0.0030  -0.0037 105 DA  A "C1'" 
92  N N9    . DA  A 5  ? 0.1609 0.1606 0.1233 -0.0129 0.0082  0.0133  105 DA  A N9    
93  C C8    . DA  A 5  ? 0.1993 0.1603 0.1490 -0.0125 -0.0086 -0.0124 105 DA  A C8    
94  N N7    . DA  A 5  ? 0.1980 0.1854 0.0994 -0.0130 0.0115  0.0027  105 DA  A N7    
95  C C5    . DA  A 5  ? 0.1899 0.1406 0.1421 -0.0208 0.0224  -0.0116 105 DA  A C5    
96  C C6    . DA  A 5  ? 0.1977 0.1281 0.1668 -0.0193 0.0038  -0.0210 105 DA  A C6    
97  N N6    . DA  A 5  ? 0.1826 0.1386 0.1520 -0.0164 -0.0137 0.0452  105 DA  A N6    
98  N N1    . DA  A 5  ? 0.1811 0.1380 0.1549 0.0043  -0.0068 -0.0249 105 DA  A N1    
99  C C2    . DA  A 5  ? 0.1845 0.0974 0.1947 -0.0195 0.0185  0.0005  105 DA  A C2    
100 N N3    . DA  A 5  ? 0.2032 0.1465 0.1956 0.0025  0.0375  -0.0111 105 DA  A N3    
101 C C4    . DA  A 5  ? 0.1497 0.1198 0.1408 -0.0065 0.0128  -0.0171 105 DA  A C4    
102 P P     . UVX A 6  ? 0.2325 0.2465 0.2131 -0.0368 0.0307  -0.0296 106 UVX A P     
103 N N1    . UVX A 6  ? 0.1818 0.1962 0.1771 -0.0105 -0.0109 0.0027  106 UVX A N1    
104 C C2    . UVX A 6  ? 0.2101 0.1851 0.1726 -0.0158 0.0193  0.0056  106 UVX A C2    
105 O O2    . UVX A 6  ? 0.1883 0.2046 0.1712 0.0022  0.0090  0.0262  106 UVX A O2    
106 N N3    . UVX A 6  ? 0.2278 0.1707 0.1723 0.0022  0.0305  0.0221  106 UVX A N3    
107 C C4    . UVX A 6  ? 0.2133 0.1755 0.1687 -0.0305 -0.0388 0.0037  106 UVX A C4    
108 O O4    . UVX A 6  ? 0.1451 0.1697 0.2160 0.0124  -0.0089 -0.0093 106 UVX A O4    
109 C C5    . UVX A 6  ? 0.1661 0.1819 0.2037 -0.0126 0.0188  -0.0115 106 UVX A C5    
110 C C6    . UVX A 6  ? 0.1648 0.1804 0.1875 -0.0163 -0.0030 -0.0233 106 UVX A C6    
111 C "C1'" . UVX A 6  ? 0.2099 0.1838 0.1409 -0.0603 -0.0213 0.0169  106 UVX A "C1'" 
112 C "C2'" . UVX A 6  ? 0.1972 0.1621 0.1632 -0.0070 -0.0266 -0.0063 106 UVX A "C2'" 
113 C "C3'" . UVX A 6  ? 0.2047 0.1737 0.1723 -0.0467 -0.0006 0.0232  106 UVX A "C3'" 
114 O "O3'" . UVX A 6  ? 0.2244 0.2099 0.2109 -0.0293 0.0104  -0.0146 106 UVX A "O3'" 
115 C "C4'" . UVX A 6  ? 0.2062 0.1777 0.1487 -0.0158 -0.0138 0.0034  106 UVX A "C4'" 
116 O "O4'" . UVX A 6  ? 0.2321 0.1910 0.1439 -0.0257 -0.0220 0.0033  106 UVX A "O4'" 
117 C "C5'" . UVX A 6  ? 0.1958 0.1887 0.1769 -0.0487 0.0197  -0.0351 106 UVX A "C5'" 
118 O "O5'" . UVX A 6  ? 0.2071 0.2024 0.1843 -0.0572 0.0328  -0.0169 106 UVX A "O5'" 
119 C "C6'" . UVX A 6  ? 0.1957 0.1909 0.1925 -0.0394 -0.0392 0.0182  106 UVX A "C6'" 
120 C "C7'" . UVX A 6  ? 0.2102 0.2341 0.1773 -0.0632 -0.0643 0.0162  106 UVX A "C7'" 
121 C "C8'" . UVX A 6  ? 0.1694 0.2008 0.2118 -0.0156 -0.0127 0.0551  106 UVX A "C8'" 
122 O OP1   . UVX A 6  ? 0.3065 0.2720 0.2466 -0.0408 0.0482  0.0221  106 UVX A OP1   
123 O OP2   . UVX A 6  ? 0.3047 0.2854 0.1829 0.0302  0.0481  -0.0560 106 UVX A OP2   
124 P P     . DA  A 7  ? 0.2300 0.2156 0.1928 -0.0227 0.0056  -0.0005 107 DA  A P     
125 O OP1   . DA  A 7  ? 0.2674 0.3044 0.1754 -0.0521 0.0091  -0.0136 107 DA  A OP1   
126 O OP2   . DA  A 7  ? 0.2525 0.1961 0.2088 -0.0041 0.0001  -0.0126 107 DA  A OP2   
127 O "O5'" . DA  A 7  ? 0.1708 0.2208 0.1765 -0.0260 -0.0012 -0.0004 107 DA  A "O5'" 
128 C "C5'" . DA  A 7  ? 0.1886 0.2418 0.1787 -0.0268 -0.0124 0.0242  107 DA  A "C5'" 
129 C "C4'" . DA  A 7  ? 0.2360 0.2147 0.1671 -0.0242 0.0246  -0.0139 107 DA  A "C4'" 
130 O "O4'" . DA  A 7  ? 0.2331 0.1563 0.1809 -0.0011 -0.0003 -0.0087 107 DA  A "O4'" 
131 C "C3'" . DA  A 7  ? 0.2053 0.2089 0.1642 0.0008  -0.0128 0.0073  107 DA  A "C3'" 
132 O "O3'" . DA  A 7  ? 0.2572 0.2131 0.1873 0.0075  -0.0462 -0.0026 107 DA  A "O3'" 
133 C "C2'" . DA  A 7  ? 0.2412 0.2010 0.1601 -0.0103 -0.0048 -0.0463 107 DA  A "C2'" 
134 C "C1'" . DA  A 7  ? 0.1926 0.1891 0.2071 -0.0100 -0.0026 0.0075  107 DA  A "C1'" 
135 N N9    . DA  A 7  ? 0.1939 0.1719 0.1660 0.0126  -0.0100 0.0091  107 DA  A N9    
136 C C8    . DA  A 7  ? 0.1391 0.1416 0.1553 0.0062  -0.0411 0.0065  107 DA  A C8    
137 N N7    . DA  A 7  ? 0.1492 0.1592 0.1317 0.0053  -0.0309 0.0365  107 DA  A N7    
138 C C5    . DA  A 7  ? 0.1782 0.1771 0.1662 0.0076  0.0048  0.0100  107 DA  A C5    
139 C C6    . DA  A 7  ? 0.1909 0.1985 0.1680 0.0211  -0.0186 -0.0089 107 DA  A C6    
140 N N6    . DA  A 7  ? 0.2285 0.1659 0.1547 0.0497  -0.0304 -0.0078 107 DA  A N6    
141 N N1    . DA  A 7  ? 0.1326 0.1434 0.1758 0.0146  -0.0289 -0.0102 107 DA  A N1    
142 C C2    . DA  A 7  ? 0.1575 0.1585 0.1233 0.0147  -0.0320 -0.0285 107 DA  A C2    
143 N N3    . DA  A 7  ? 0.1483 0.1930 0.1907 -0.0121 -0.0130 0.0117  107 DA  A N3    
144 C C4    . DA  A 7  ? 0.2012 0.2158 0.1814 0.0197  0.0002  0.0016  107 DA  A C4    
145 P P     . DC  A 8  ? 0.2235 0.2036 0.2006 -0.0249 -0.0041 -0.0186 108 DC  A P     
146 O OP1   . DC  A 8  ? 0.2742 0.2408 0.2462 -0.0226 -0.0371 -0.0069 108 DC  A OP1   
147 O OP2   . DC  A 8  ? 0.2650 0.2031 0.2522 0.0186  0.0316  -0.0282 108 DC  A OP2   
148 O "O5'" . DC  A 8  ? 0.2020 0.1500 0.2216 -0.0008 0.0127  0.0207  108 DC  A "O5'" 
149 C "C5'" . DC  A 8  ? 0.1347 0.2149 0.1722 -0.0235 -0.0143 -0.0159 108 DC  A "C5'" 
150 C "C4'" . DC  A 8  ? 0.1907 0.1522 0.2039 -0.0364 -0.0101 0.0029  108 DC  A "C4'" 
151 O "O4'" . DC  A 8  ? 0.1530 0.1751 0.1759 -0.0068 -0.0012 0.0244  108 DC  A "O4'" 
152 C "C3'" . DC  A 8  ? 0.1902 0.1751 0.1842 -0.0302 -0.0317 0.0148  108 DC  A "C3'" 
153 O "O3'" . DC  A 8  ? 0.2098 0.1770 0.1832 -0.0211 -0.0180 0.0210  108 DC  A "O3'" 
154 C "C2'" . DC  A 8  ? 0.1736 0.1471 0.1655 0.0006  -0.0094 -0.0380 108 DC  A "C2'" 
155 C "C1'" . DC  A 8  ? 0.1480 0.1690 0.1727 -0.0170 -0.0354 -0.0015 108 DC  A "C1'" 
156 N N1    . DC  A 8  ? 0.1682 0.1844 0.1362 -0.0178 0.0065  -0.0193 108 DC  A N1    
157 C C2    . DC  A 8  ? 0.1692 0.1792 0.1503 0.0148  -0.0140 0.0142  108 DC  A C2    
158 O O2    . DC  A 8  ? 0.1591 0.1724 0.1579 -0.0343 -0.0113 0.0055  108 DC  A O2    
159 N N3    . DC  A 8  ? 0.1689 0.2200 0.1065 -0.0138 -0.0015 -0.0127 108 DC  A N3    
160 C C4    . DC  A 8  ? 0.1137 0.1387 0.1457 -0.0151 0.0025  0.0324  108 DC  A C4    
161 N N4    . DC  A 8  ? 0.1840 0.2096 0.2364 -0.0474 -0.0174 0.0270  108 DC  A N4    
162 C C5    . DC  A 8  ? 0.1527 0.1735 0.1675 0.0194  0.0003  0.0055  108 DC  A C5    
163 C C6    . DC  A 8  ? 0.1767 0.1482 0.1110 -0.0203 0.0075  -0.0048 108 DC  A C6    
164 P P     . DG  A 9  ? 0.2088 0.1953 0.2056 -0.0092 0.0060  0.0021  109 DG  A P     
165 O OP1   . DG  A 9  ? 0.2321 0.2258 0.1960 -0.0713 -0.0193 -0.0043 109 DG  A OP1   
166 O OP2   . DG  A 9  ? 0.2241 0.2501 0.2503 0.0325  0.0468  0.0114  109 DG  A OP2   
167 O "O5'" . DG  A 9  ? 0.1746 0.1877 0.2205 -0.0101 -0.0013 0.0226  109 DG  A "O5'" 
168 C "C5'" . DG  A 9  ? 0.1458 0.2252 0.1965 -0.0068 0.0003  -0.0094 109 DG  A "C5'" 
169 C "C4'" . DG  A 9  ? 0.1440 0.1410 0.2175 0.0013  -0.0053 -0.0168 109 DG  A "C4'" 
170 O "O4'" . DG  A 9  ? 0.1377 0.1660 0.2066 0.0119  -0.0169 0.0020  109 DG  A "O4'" 
171 C "C3'" . DG  A 9  ? 0.2064 0.1470 0.1800 0.0219  -0.0430 0.0001  109 DG  A "C3'" 
172 O "O3'" . DG  A 9  ? 0.1224 0.1738 0.2254 0.0208  -0.0068 -0.0259 109 DG  A "O3'" 
173 C "C2'" . DG  A 9  ? 0.1114 0.1771 0.2178 -0.0555 -0.0399 -0.0391 109 DG  A "C2'" 
174 C "C1'" . DG  A 9  ? 0.1242 0.1688 0.1860 0.0337  -0.0158 -0.0218 109 DG  A "C1'" 
175 N N9    . DG  A 9  ? 0.1599 0.1572 0.1939 -0.0224 -0.0117 -0.0096 109 DG  A N9    
176 C C8    . DG  A 9  ? 0.1846 0.1203 0.2383 -0.0164 0.0104  -0.0138 109 DG  A C8    
177 N N7    . DG  A 9  ? 0.1689 0.1585 0.2302 0.0044  -0.0014 -0.0415 109 DG  A N7    
178 C C5    . DG  A 9  ? 0.1485 0.1320 0.2207 0.0258  -0.0166 -0.0051 109 DG  A C5    
179 C C6    . DG  A 9  ? 0.1220 0.1601 0.1741 0.0375  -0.0074 -0.0192 109 DG  A C6    
180 O O6    . DG  A 9  ? 0.1863 0.1705 0.1983 0.0276  -0.0096 -0.0181 109 DG  A O6    
181 N N1    . DG  A 9  ? 0.1789 0.1272 0.1903 -0.0165 0.0000  -0.0088 109 DG  A N1    
182 C C2    . DG  A 9  ? 0.2037 0.1535 0.1917 0.0237  0.0101  -0.0271 109 DG  A C2    
183 N N2    . DG  A 9  ? 0.2188 0.1863 0.1606 -0.0108 -0.0224 0.0011  109 DG  A N2    
184 N N3    . DG  A 9  ? 0.1934 0.1431 0.1760 -0.0135 -0.0181 -0.0423 109 DG  A N3    
185 C C4    . DG  A 9  ? 0.1780 0.1688 0.2099 0.0191  -0.0239 -0.0246 109 DG  A C4    
186 P P     . DC  A 10 ? 0.2225 0.1951 0.2163 0.0002  -0.0245 -0.0198 110 DC  A P     
187 O OP1   . DC  A 10 ? 0.2481 0.2073 0.3228 -0.0290 -0.0461 -0.0607 110 DC  A OP1   
188 O OP2   . DC  A 10 ? 0.1975 0.2322 0.2156 -0.0094 -0.0152 -0.0272 110 DC  A OP2   
189 O "O5'" . DC  A 10 ? 0.2429 0.1335 0.2259 0.0189  -0.0060 -0.0061 110 DC  A "O5'" 
190 C "C5'" . DC  A 10 ? 0.1746 0.1540 0.1425 0.0039  0.0284  0.0191  110 DC  A "C5'" 
191 C "C4'" . DC  A 10 ? 0.1815 0.1663 0.2218 -0.0007 0.0055  -0.0056 110 DC  A "C4'" 
192 O "O4'" . DC  A 10 ? 0.2133 0.1976 0.1763 0.0001  0.0322  -0.0094 110 DC  A "O4'" 
193 C "C3'" . DC  A 10 ? 0.2065 0.1916 0.1930 0.0310  -0.0029 0.0102  110 DC  A "C3'" 
194 O "O3'" . DC  A 10 ? 0.1745 0.1410 0.2307 0.0213  -0.0296 -0.0012 110 DC  A "O3'" 
195 C "C2'" . DC  A 10 ? 0.1832 0.1889 0.1841 0.0423  -0.0324 0.0218  110 DC  A "C2'" 
196 C "C1'" . DC  A 10 ? 0.1719 0.1903 0.1519 -0.0343 -0.0238 -0.0178 110 DC  A "C1'" 
197 N N1    . DC  A 10 ? 0.1974 0.1751 0.1804 -0.0017 -0.0123 -0.0078 110 DC  A N1    
198 C C2    . DC  A 10 ? 0.1634 0.1658 0.1588 -0.0218 -0.0011 -0.0022 110 DC  A C2    
199 O O2    . DC  A 10 ? 0.1792 0.2054 0.1684 -0.0015 -0.0371 0.0449  110 DC  A O2    
200 N N3    . DC  A 10 ? 0.1757 0.1499 0.1716 0.0141  0.0125  0.0131  110 DC  A N3    
201 C C4    . DC  A 10 ? 0.1796 0.1723 0.1597 -0.0157 0.0062  0.0382  110 DC  A C4    
202 N N4    . DC  A 10 ? 0.2123 0.1773 0.1781 -0.0096 0.0534  -0.0374 110 DC  A N4    
203 C C5    . DC  A 10 ? 0.1985 0.2052 0.1988 -0.0023 -0.0036 -0.0030 110 DC  A C5    
204 C C6    . DC  A 10 ? 0.1681 0.1858 0.1792 0.0107  -0.0110 -0.0133 110 DC  A C6    
205 O "O5'" . DG  B 1  ? 0.4260 0.3224 0.3683 -0.0108 -0.0258 0.0286  201 DG  B "O5'" 
206 C "C5'" . DG  B 1  ? 0.3450 0.2231 0.2671 -0.0325 -0.0154 0.0232  201 DG  B "C5'" 
207 C "C4'" . DG  B 1  ? 0.2444 0.2516 0.2403 -0.0180 0.0227  0.0029  201 DG  B "C4'" 
208 O "O4'" . DG  B 1  ? 0.2133 0.2351 0.2619 -0.0147 0.0010  0.0156  201 DG  B "O4'" 
209 C "C3'" . DG  B 1  ? 0.1878 0.2255 0.1886 -0.0427 0.0342  -0.0078 201 DG  B "C3'" 
210 O "O3'" . DG  B 1  ? 0.2023 0.2212 0.2443 -0.0501 -0.0305 0.0005  201 DG  B "O3'" 
211 C "C2'" . DG  B 1  ? 0.1928 0.2179 0.2242 -0.0386 0.0234  -0.0387 201 DG  B "C2'" 
212 C "C1'" . DG  B 1  ? 0.1974 0.2332 0.2293 -0.0170 -0.0087 -0.0113 201 DG  B "C1'" 
213 N N9    . DG  B 1  ? 0.2031 0.1833 0.1989 -0.0064 -0.0070 -0.0119 201 DG  B N9    
214 C C8    . DG  B 1  ? 0.1946 0.2127 0.2275 -0.0505 -0.0228 -0.0173 201 DG  B C8    
215 N N7    . DG  B 1  ? 0.1534 0.2590 0.2289 -0.0133 -0.0206 0.0224  201 DG  B N7    
216 C C5    . DG  B 1  ? 0.2101 0.1795 0.1732 -0.0038 0.0057  -0.0043 201 DG  B C5    
217 C C6    . DG  B 1  ? 0.2209 0.1750 0.1779 0.0017  0.0101  -0.0058 201 DG  B C6    
218 O O6    . DG  B 1  ? 0.2247 0.2091 0.1743 0.0077  0.0145  0.0296  201 DG  B O6    
219 N N1    . DG  B 1  ? 0.1816 0.1717 0.1867 -0.0228 0.0220  0.0057  201 DG  B N1    
220 C C2    . DG  B 1  ? 0.1416 0.1877 0.1744 0.0115  -0.0074 -0.0164 201 DG  B C2    
221 N N2    . DG  B 1  ? 0.1662 0.1738 0.2163 0.0108  0.0177  -0.0289 201 DG  B N2    
222 N N3    . DG  B 1  ? 0.1824 0.1647 0.1632 -0.0018 0.0036  -0.0078 201 DG  B N3    
223 C C4    . DG  B 1  ? 0.1844 0.1780 0.1832 -0.0179 0.0149  -0.0232 201 DG  B C4    
224 P P     . DC  B 2  ? 0.2118 0.2157 0.1999 -0.0269 -0.0280 0.0074  202 DC  B P     
225 O OP1   . DC  B 2  ? 0.2348 0.2835 0.2412 -0.0108 -0.0107 0.0073  202 DC  B OP1   
226 O OP2   . DC  B 2  ? 0.2794 0.1842 0.2345 -0.0571 -0.0538 -0.0140 202 DC  B OP2   
227 O "O5'" . DC  B 2  ? 0.1769 0.1836 0.2281 -0.0693 -0.0093 0.0185  202 DC  B "O5'" 
228 C "C5'" . DC  B 2  ? 0.1391 0.2271 0.1641 -0.0759 -0.0379 0.0019  202 DC  B "C5'" 
229 C "C4'" . DC  B 2  ? 0.1711 0.1754 0.1718 -0.0263 -0.0036 -0.0332 202 DC  B "C4'" 
230 O "O4'" . DC  B 2  ? 0.1720 0.1893 0.1840 -0.0145 -0.0484 -0.0261 202 DC  B "O4'" 
231 C "C3'" . DC  B 2  ? 0.1605 0.1482 0.2178 -0.0392 -0.0225 -0.0562 202 DC  B "C3'" 
232 O "O3'" . DC  B 2  ? 0.1883 0.1982 0.2099 -0.0118 -0.0195 -0.0258 202 DC  B "O3'" 
233 C "C2'" . DC  B 2  ? 0.1708 0.1072 0.2419 -0.0064 -0.0270 -0.0142 202 DC  B "C2'" 
234 C "C1'" . DC  B 2  ? 0.0972 0.1555 0.1694 0.0044  -0.0185 0.0107  202 DC  B "C1'" 
235 N N1    . DC  B 2  ? 0.1601 0.1733 0.1878 -0.0046 0.0118  0.0098  202 DC  B N1    
236 C C2    . DC  B 2  ? 0.2044 0.1668 0.1458 -0.0243 -0.0162 -0.0296 202 DC  B C2    
237 O O2    . DC  B 2  ? 0.1432 0.1572 0.1709 -0.0238 -0.0084 -0.0001 202 DC  B O2    
238 N N3    . DC  B 2  ? 0.2198 0.1806 0.1900 0.0020  0.0122  0.0054  202 DC  B N3    
239 C C4    . DC  B 2  ? 0.1789 0.2319 0.2128 -0.0336 0.0017  0.0113  202 DC  B C4    
240 N N4    . DC  B 2  ? 0.2220 0.1835 0.1781 -0.0160 0.0082  -0.0062 202 DC  B N4    
241 C C5    . DC  B 2  ? 0.1883 0.2012 0.2278 -0.0113 -0.0251 -0.0165 202 DC  B C5    
242 C C6    . DC  B 2  ? 0.1857 0.1888 0.2155 -0.0032 -0.0049 -0.0062 202 DC  B C6    
243 P P     . DG  B 3  ? 0.2067 0.2043 0.2345 0.0123  -0.0105 -0.0019 203 DG  B P     
244 O OP1   . DG  B 3  ? 0.2710 0.2291 0.2090 -0.0076 -0.0350 0.0015  203 DG  B OP1   
245 O OP2   . DG  B 3  ? 0.2848 0.1844 0.2354 -0.0412 -0.0211 -0.0084 203 DG  B OP2   
246 O "O5'" . DG  B 3  ? 0.1957 0.1831 0.2154 0.0337  -0.0485 0.0182  203 DG  B "O5'" 
247 C "C5'" . DG  B 3  ? 0.1426 0.2381 0.2675 0.0113  0.0135  0.0383  203 DG  B "C5'" 
248 C "C4'" . DG  B 3  ? 0.2086 0.2290 0.2276 0.0214  -0.0128 0.0108  203 DG  B "C4'" 
249 O "O4'" . DG  B 3  ? 0.1540 0.1960 0.2179 0.0115  -0.0304 -0.0001 203 DG  B "O4'" 
250 C "C3'" . DG  B 3  ? 0.1980 0.1865 0.1995 0.0157  -0.0292 0.0167  203 DG  B "C3'" 
251 O "O3'" . DG  B 3  ? 0.1904 0.2103 0.2064 0.0366  -0.0145 0.0499  203 DG  B "O3'" 
252 C "C2'" . DG  B 3  ? 0.2178 0.1694 0.1854 0.0198  -0.0416 0.0251  203 DG  B "C2'" 
253 C "C1'" . DG  B 3  ? 0.1823 0.1922 0.1985 0.0264  0.0066  0.0422  203 DG  B "C1'" 
254 N N9    . DG  B 3  ? 0.1528 0.1377 0.1871 0.0143  -0.0160 0.0065  203 DG  B N9    
255 C C8    . DG  B 3  ? 0.1621 0.1509 0.2122 -0.0207 0.0194  0.0178  203 DG  B C8    
256 N N7    . DG  B 3  ? 0.1737 0.1679 0.2045 0.0016  0.0192  0.0047  203 DG  B N7    
257 C C5    . DG  B 3  ? 0.1644 0.1546 0.1816 0.0035  -0.0170 -0.0205 203 DG  B C5    
258 C C6    . DG  B 3  ? 0.2109 0.1665 0.1746 -0.0106 0.0196  -0.0189 203 DG  B C6    
259 O O6    . DG  B 3  ? 0.1815 0.1778 0.2368 -0.0158 0.0184  -0.0077 203 DG  B O6    
260 N N1    . DG  B 3  ? 0.2013 0.1230 0.2527 -0.0143 0.0244  -0.0224 203 DG  B N1    
261 C C2    . DG  B 3  ? 0.1853 0.1731 0.1889 0.0038  -0.0149 0.0046  203 DG  B C2    
262 N N2    . DG  B 3  ? 0.1640 0.1303 0.2380 0.0448  -0.0023 -0.0242 203 DG  B N2    
263 N N3    . DG  B 3  ? 0.1870 0.1502 0.2035 -0.0083 -0.0296 -0.0132 203 DG  B N3    
264 C C4    . DG  B 3  ? 0.1909 0.1671 0.1593 -0.0134 -0.0157 -0.0261 203 DG  B C4    
265 P P     . DT  B 4  ? 0.2105 0.2240 0.1887 0.0027  -0.0095 0.0007  204 DT  B P     
266 O OP1   . DT  B 4  ? 0.2396 0.2748 0.1770 0.0499  0.0079  -0.0013 204 DT  B OP1   
267 O OP2   . DT  B 4  ? 0.1993 0.2514 0.2025 0.0013  -0.0327 -0.0106 204 DT  B OP2   
268 O "O5'" . DT  B 4  ? 0.1662 0.1982 0.1882 0.0568  0.0027  0.0392  204 DT  B "O5'" 
269 C "C5'" . DT  B 4  ? 0.1548 0.2549 0.2306 0.0149  -0.0095 0.0493  204 DT  B "C5'" 
270 C "C4'" . DT  B 4  ? 0.1895 0.1781 0.1674 0.0244  0.0024  0.0249  204 DT  B "C4'" 
271 O "O4'" . DT  B 4  ? 0.2051 0.2458 0.2084 0.0382  0.0123  -0.0006 204 DT  B "O4'" 
272 C "C3'" . DT  B 4  ? 0.2305 0.2021 0.2002 0.0739  -0.0482 0.0094  204 DT  B "C3'" 
273 O "O3'" . DT  B 4  ? 0.2499 0.2252 0.1949 0.0341  -0.0199 0.0337  204 DT  B "O3'" 
274 C "C2'" . DT  B 4  ? 0.2521 0.2308 0.1592 0.0768  -0.0043 -0.0121 204 DT  B "C2'" 
275 C "C1'" . DT  B 4  ? 0.2009 0.2162 0.2026 0.0339  -0.0046 0.0146  204 DT  B "C1'" 
276 N N1    . DT  B 4  ? 0.2167 0.2057 0.1801 0.0087  0.0007  0.0137  204 DT  B N1    
277 C C2    . DT  B 4  ? 0.2510 0.2284 0.1787 0.0185  -0.0213 -0.0116 204 DT  B C2    
278 O O2    . DT  B 4  ? 0.2549 0.1726 0.1929 0.0333  -0.0246 0.0171  204 DT  B O2    
279 N N3    . DT  B 4  ? 0.1903 0.1695 0.2132 0.0376  -0.0062 0.0067  204 DT  B N3    
280 C C4    . DT  B 4  ? 0.2246 0.1890 0.1888 0.0209  -0.0020 -0.0109 204 DT  B C4    
281 O O4    . DT  B 4  ? 0.2132 0.1687 0.2665 0.0323  0.0311  -0.0111 204 DT  B O4    
282 C C5    . DT  B 4  ? 0.1526 0.1766 0.1628 0.0173  -0.0267 0.0410  204 DT  B C5    
283 C C7    . DT  B 4  ? 0.1051 0.1748 0.2440 -0.0320 -0.0489 -0.0190 204 DT  B C7    
284 C C6    . DT  B 4  ? 0.1789 0.1903 0.1349 0.0371  -0.0137 0.0117  204 DT  B C6    
285 P P     . DA  B 5  ? 0.2673 0.2650 0.2042 0.0545  0.0076  -0.0048 205 DA  B P     
286 O OP1   . DA  B 5  ? 0.3451 0.3427 0.2219 0.0575  0.0365  0.0348  205 DA  B OP1   
287 O OP2   . DA  B 5  ? 0.2659 0.2688 0.1996 0.0156  -0.0929 -0.0439 205 DA  B OP2   
288 O "O5'" . DA  B 5  ? 0.2220 0.2002 0.1820 0.0402  0.0012  -0.0174 205 DA  B "O5'" 
289 C "C5'" . DA  B 5  ? 0.1996 0.2061 0.1987 -0.0055 -0.0180 -0.0089 205 DA  B "C5'" 
290 C "C4'" . DA  B 5  ? 0.1604 0.1606 0.1725 -0.0028 0.0044  -0.0008 205 DA  B "C4'" 
291 O "O4'" . DA  B 5  ? 0.1704 0.1921 0.2105 -0.0039 -0.0142 -0.0001 205 DA  B "O4'" 
292 C "C3'" . DA  B 5  ? 0.1748 0.2024 0.1980 0.0105  0.0329  0.0246  205 DA  B "C3'" 
293 O "O3'" . DA  B 5  ? 0.1504 0.2368 0.2512 0.0036  -0.0068 -0.0287 205 DA  B "O3'" 
294 C "C2'" . DA  B 5  ? 0.1787 0.1724 0.1721 0.0191  0.0033  -0.0652 205 DA  B "C2'" 
295 C "C1'" . DA  B 5  ? 0.1382 0.1399 0.2137 -0.0007 0.0347  0.0070  205 DA  B "C1'" 
296 N N9    . DA  B 5  ? 0.1570 0.1748 0.2160 0.0066  -0.0005 0.0031  205 DA  B N9    
297 C C8    . DA  B 5  ? 0.0940 0.1554 0.2089 0.0336  -0.0250 0.0017  205 DA  B C8    
298 N N7    . DA  B 5  ? 0.1801 0.1887 0.1793 -0.0209 -0.0037 -0.0201 205 DA  B N7    
299 C C5    . DA  B 5  ? 0.1586 0.1168 0.1886 -0.0175 -0.0120 -0.0045 205 DA  B C5    
300 C C6    . DA  B 5  ? 0.1523 0.1453 0.1704 0.0109  0.0020  -0.0153 205 DA  B C6    
301 N N6    . DA  B 5  ? 0.2027 0.1457 0.2332 -0.0481 -0.0170 -0.0481 205 DA  B N6    
302 N N1    . DA  B 5  ? 0.1281 0.1645 0.1531 0.0029  -0.0123 -0.0081 205 DA  B N1    
303 C C2    . DA  B 5  ? 0.1350 0.1253 0.2053 0.0261  0.0222  -0.0280 205 DA  B C2    
304 N N3    . DA  B 5  ? 0.1759 0.1377 0.2007 0.0187  0.0142  -0.0291 205 DA  B N3    
305 C C4    . DA  B 5  ? 0.1874 0.1659 0.2048 0.0110  0.0104  -0.0079 205 DA  B C4    
306 P P     . UVX B 6  ? 0.3087 0.2109 0.2300 0.0164  0.0333  -0.0038 206 UVX B P     
307 N N1    . UVX B 6  ? 0.1623 0.1335 0.1704 -0.0063 -0.0171 -0.0251 206 UVX B N1    
308 C C2    . UVX B 6  ? 0.1480 0.1645 0.1626 -0.0015 0.0028  -0.0148 206 UVX B C2    
309 O O2    . UVX B 6  ? 0.1745 0.2092 0.1819 0.0217  0.0230  0.0137  206 UVX B O2    
310 N N3    . UVX B 6  ? 0.1650 0.1512 0.1968 0.0064  0.0126  -0.0087 206 UVX B N3    
311 C C4    . UVX B 6  ? 0.1971 0.1249 0.2120 0.0436  0.0157  -0.0086 206 UVX B C4    
312 O O4    . UVX B 6  ? 0.1826 0.1720 0.1983 0.0396  -0.0012 -0.0219 206 UVX B O4    
313 C C5    . UVX B 6  ? 0.1878 0.1376 0.2110 0.0125  -0.0014 -0.0503 206 UVX B C5    
314 C C6    . UVX B 6  ? 0.1789 0.1282 0.1854 0.0520  0.0064  -0.0110 206 UVX B C6    
315 C "C1'" . UVX B 6  ? 0.1739 0.1889 0.1971 0.0074  0.0143  -0.0033 206 UVX B "C1'" 
316 C "C2'" . UVX B 6  ? 0.1622 0.1534 0.1697 0.0164  -0.0343 -0.0033 206 UVX B "C2'" 
317 C "C3'" . UVX B 6  ? 0.1628 0.1694 0.2094 0.0217  0.0289  -0.0127 206 UVX B "C3'" 
318 O "O3'" . UVX B 6  ? 0.1636 0.1925 0.2245 -0.0163 0.0220  -0.0062 206 UVX B "O3'" 
319 C "C4'" . UVX B 6  ? 0.1261 0.1617 0.2018 0.0095  0.0202  -0.0163 206 UVX B "C4'" 
320 O "O4'" . UVX B 6  ? 0.1840 0.1594 0.1708 -0.0121 0.0120  -0.0229 206 UVX B "O4'" 
321 C "C5'" . UVX B 6  ? 0.2063 0.2288 0.1600 0.0134  0.0088  0.0154  206 UVX B "C5'" 
322 O "O5'" . UVX B 6  ? 0.2214 0.1937 0.2007 -0.0081 0.0467  0.0490  206 UVX B "O5'" 
323 C "C6'" . UVX B 6  ? 0.1724 0.1656 0.2645 0.0095  0.0101  -0.0054 206 UVX B "C6'" 
324 C "C7'" . UVX B 6  ? 0.2575 0.1953 0.2422 -0.0241 -0.0170 -0.0079 206 UVX B "C7'" 
325 C "C8'" . UVX B 6  ? 0.2331 0.1985 0.2178 -0.0130 0.0112  0.0111  206 UVX B "C8'" 
326 O OP1   . UVX B 6  ? 0.3329 0.2143 0.2751 0.0046  0.0563  0.0578  206 UVX B OP1   
327 O OP2   . UVX B 6  ? 0.2831 0.2603 0.2682 0.0565  0.0009  -0.0688 206 UVX B OP2   
328 P P     . DA  B 7  ? 0.2036 0.1863 0.2165 0.0057  0.0145  -0.0082 207 DA  B P     
329 O OP1   . DA  B 7  ? 0.1987 0.2091 0.2320 -0.0095 0.0229  -0.0420 207 DA  B OP1   
330 O OP2   . DA  B 7  ? 0.2541 0.2499 0.1854 -0.0127 -0.0244 -0.0322 207 DA  B OP2   
331 O "O5'" . DA  B 7  ? 0.1983 0.1832 0.2166 0.0297  -0.0073 0.0021  207 DA  B "O5'" 
332 C "C5'" . DA  B 7  ? 0.2289 0.1700 0.1946 0.0261  0.0173  0.0011  207 DA  B "C5'" 
333 C "C4'" . DA  B 7  ? 0.1730 0.1543 0.2230 -0.0357 0.0079  0.0111  207 DA  B "C4'" 
334 O "O4'" . DA  B 7  ? 0.1775 0.2049 0.2182 -0.0024 0.0177  0.0253  207 DA  B "O4'" 
335 C "C3'" . DA  B 7  ? 0.1456 0.1684 0.3006 0.0237  -0.0028 0.0165  207 DA  B "C3'" 
336 O "O3'" . DA  B 7  ? 0.1826 0.2168 0.3223 0.0150  0.0041  -0.0195 207 DA  B "O3'" 
337 C "C2'" . DA  B 7  ? 0.1382 0.1466 0.2239 0.0180  -0.0134 0.0160  207 DA  B "C2'" 
338 C "C1'" . DA  B 7  ? 0.1267 0.1851 0.2450 0.0103  0.0031  0.0004  207 DA  B "C1'" 
339 N N9    . DA  B 7  ? 0.1727 0.1959 0.2187 -0.0034 -0.0024 -0.0058 207 DA  B N9    
340 C C8    . DA  B 7  ? 0.2169 0.1661 0.2384 0.0052  0.0109  -0.0249 207 DA  B C8    
341 N N7    . DA  B 7  ? 0.1557 0.2317 0.2533 -0.0052 0.0121  -0.0074 207 DA  B N7    
342 C C5    . DA  B 7  ? 0.1947 0.1801 0.2031 -0.0115 0.0114  -0.0054 207 DA  B C5    
343 C C6    . DA  B 7  ? 0.1834 0.1524 0.1651 -0.0035 -0.0031 -0.0149 207 DA  B C6    
344 N N6    . DA  B 7  ? 0.1478 0.1894 0.1603 0.0260  -0.0167 0.0104  207 DA  B N6    
345 N N1    . DA  B 7  ? 0.2273 0.1552 0.1695 0.0312  0.0410  0.0171  207 DA  B N1    
346 C C2    . DA  B 7  ? 0.1988 0.1535 0.1969 0.0722  -0.0251 -0.0382 207 DA  B C2    
347 N N3    . DA  B 7  ? 0.1996 0.1711 0.1506 0.0185  -0.0367 -0.0135 207 DA  B N3    
348 C C4    . DA  B 7  ? 0.1594 0.1655 0.2063 0.0026  -0.0114 -0.0281 207 DA  B C4    
349 P P     . DC  B 8  ? 0.2260 0.1926 0.3023 -0.0069 0.0366  -0.0273 208 DC  B P     
350 O OP1   . DC  B 8  ? 0.3208 0.1712 0.4347 -0.0231 0.0134  -0.0357 208 DC  B OP1   
351 O OP2   . DC  B 8  ? 0.3360 0.2585 0.2802 -0.0623 0.0924  -0.0513 208 DC  B OP2   
352 O "O5'" . DC  B 8  ? 0.2488 0.1961 0.2299 -0.0009 0.0032  -0.0092 208 DC  B "O5'" 
353 C "C5'" . DC  B 8  ? 0.1987 0.1804 0.1671 -0.0164 0.0232  -0.0081 208 DC  B "C5'" 
354 C "C4'" . DC  B 8  ? 0.1526 0.1661 0.2462 0.0020  -0.0197 0.0330  208 DC  B "C4'" 
355 O "O4'" . DC  B 8  ? 0.1582 0.1835 0.2005 0.0445  -0.0494 -0.0063 208 DC  B "O4'" 
356 C "C3'" . DC  B 8  ? 0.2151 0.1654 0.2000 0.0082  -0.0043 0.0225  208 DC  B "C3'" 
357 O "O3'" . DC  B 8  ? 0.2068 0.2282 0.2484 -0.0210 -0.0047 -0.0291 208 DC  B "O3'" 
358 C "C2'" . DC  B 8  ? 0.1852 0.1528 0.2012 0.0083  -0.0202 0.0252  208 DC  B "C2'" 
359 C "C1'" . DC  B 8  ? 0.1467 0.1503 0.1950 0.0187  -0.0089 0.0196  208 DC  B "C1'" 
360 N N1    . DC  B 8  ? 0.1556 0.1627 0.2250 -0.0050 0.0167  0.0079  208 DC  B N1    
361 C C2    . DC  B 8  ? 0.1865 0.1735 0.1502 0.0457  -0.0046 0.0217  208 DC  B C2    
362 O O2    . DC  B 8  ? 0.1790 0.1900 0.1951 0.0030  0.0014  0.0310  208 DC  B O2    
363 N N3    . DC  B 8  ? 0.1764 0.1209 0.1683 0.0249  -0.0169 -0.0085 208 DC  B N3    
364 C C4    . DC  B 8  ? 0.1494 0.1398 0.1488 0.0000  -0.0007 0.0274  208 DC  B C4    
365 N N4    . DC  B 8  ? 0.2505 0.1298 0.2084 -0.0041 -0.0298 0.0023  208 DC  B N4    
366 C C5    . DC  B 8  ? 0.2033 0.1447 0.2060 0.0235  -0.0110 0.0143  208 DC  B C5    
367 C C6    . DC  B 8  ? 0.2159 0.1907 0.2480 -0.0289 0.0249  0.0165  208 DC  B C6    
368 P P     . DG  B 9  ? 0.2257 0.2538 0.2975 0.0093  -0.0314 -0.0087 209 DG  B P     
369 O OP1   . DG  B 9  ? 0.2680 0.2305 0.3563 0.0019  0.0177  -0.0200 209 DG  B OP1   
370 O OP2   . DG  B 9  ? 0.2528 0.3475 0.2726 -0.0029 -0.0326 -0.0373 209 DG  B OP2   
371 O "O5'" . DG  B 9  ? 0.2495 0.2376 0.3205 0.0081  -0.0250 -0.0627 209 DG  B "O5'" 
372 C "C5'" . DG  B 9  ? 0.2813 0.2121 0.2332 0.0444  -0.0131 -0.0440 209 DG  B "C5'" 
373 C "C4'" . DG  B 9  ? 0.1677 0.1501 0.2391 -0.0232 0.0185  -0.0286 209 DG  B "C4'" 
374 O "O4'" . DG  B 9  ? 0.1549 0.1751 0.1758 -0.0003 -0.0578 -0.0020 209 DG  B "O4'" 
375 C "C3'" . DG  B 9  ? 0.1476 0.1273 0.1246 0.0185  -0.0039 -0.0017 209 DG  B "C3'" 
376 O "O3'" . DG  B 9  ? 0.2610 0.2001 0.2366 0.0082  -0.0198 0.0213  209 DG  B "O3'" 
377 C "C2'" . DG  B 9  ? 0.1668 0.1513 0.1885 -0.0380 0.0337  -0.0154 209 DG  B "C2'" 
378 C "C1'" . DG  B 9  ? 0.1941 0.1659 0.1860 0.0076  0.0130  0.0129  209 DG  B "C1'" 
379 N N9    . DG  B 9  ? 0.1816 0.1774 0.1591 -0.0125 0.0118  -0.0070 209 DG  B N9    
380 C C8    . DG  B 9  ? 0.1811 0.1633 0.1572 0.0110  0.0017  0.0001  209 DG  B C8    
381 N N7    . DG  B 9  ? 0.1996 0.1250 0.1705 -0.0014 -0.0014 -0.0167 209 DG  B N7    
382 C C5    . DG  B 9  ? 0.1580 0.1599 0.1319 -0.0228 -0.0021 -0.0025 209 DG  B C5    
383 C C6    . DG  B 9  ? 0.1478 0.1782 0.0995 0.0005  -0.0253 -0.0075 209 DG  B C6    
384 O O6    . DG  B 9  ? 0.1920 0.1594 0.1406 -0.0472 0.0165  0.0011  209 DG  B O6    
385 N N1    . DG  B 9  ? 0.1399 0.1484 0.1789 0.0133  0.0220  -0.0158 209 DG  B N1    
386 C C2    . DG  B 9  ? 0.1764 0.1243 0.1650 -0.0100 0.0130  -0.0093 209 DG  B C2    
387 N N2    . DG  B 9  ? 0.1388 0.1438 0.1416 -0.0164 0.0207  -0.0088 209 DG  B N2    
388 N N3    . DG  B 9  ? 0.1893 0.1789 0.1420 -0.0044 -0.0024 0.0016  209 DG  B N3    
389 C C4    . DG  B 9  ? 0.1654 0.1645 0.1066 -0.0144 -0.0011 -0.0096 209 DG  B C4    
390 P P     . DC  B 10 ? 0.2064 0.1671 0.2130 -0.0157 -0.0272 0.0022  210 DC  B P     
391 O OP1   . DC  B 10 ? 0.2612 0.1269 0.2517 -0.0236 -0.0117 -0.0295 210 DC  B OP1   
392 O OP2   . DC  B 10 ? 0.2218 0.1966 0.2700 0.0074  0.0067  0.0104  210 DC  B OP2   
393 O "O5'" . DC  B 10 ? 0.2129 0.1564 0.2395 -0.0348 -0.0202 -0.0188 210 DC  B "O5'" 
394 C "C5'" . DC  B 10 ? 0.1494 0.1603 0.1908 -0.0329 -0.0140 0.0101  210 DC  B "C5'" 
395 C "C4'" . DC  B 10 ? 0.1607 0.1562 0.1809 -0.0532 -0.0459 -0.0011 210 DC  B "C4'" 
396 O "O4'" . DC  B 10 ? 0.1743 0.2179 0.1686 -0.0502 -0.0173 0.0088  210 DC  B "O4'" 
397 C "C3'" . DC  B 10 ? 0.1937 0.2127 0.1420 -0.0420 -0.0172 0.0191  210 DC  B "C3'" 
398 O "O3'" . DC  B 10 ? 0.2073 0.2420 0.2093 -0.0424 0.0140  -0.0015 210 DC  B "O3'" 
399 C "C2'" . DC  B 10 ? 0.1576 0.1419 0.1927 -0.0315 0.0017  -0.0302 210 DC  B "C2'" 
400 C "C1'" . DC  B 10 ? 0.1869 0.1861 0.2002 -0.0486 -0.0032 0.0002  210 DC  B "C1'" 
401 N N1    . DC  B 10 ? 0.1253 0.1617 0.1704 -0.0101 -0.0360 -0.0125 210 DC  B N1    
402 C C2    . DC  B 10 ? 0.1227 0.1161 0.1788 -0.0210 0.0220  -0.0201 210 DC  B C2    
403 O O2    . DC  B 10 ? 0.1277 0.1764 0.2009 0.0112  -0.0230 0.0109  210 DC  B O2    
404 N N3    . DC  B 10 ? 0.1576 0.1729 0.1535 -0.0197 0.0035  0.0072  210 DC  B N3    
405 C C4    . DC  B 10 ? 0.1751 0.1375 0.1499 0.0248  0.0009  -0.0133 210 DC  B C4    
406 N N4    . DC  B 10 ? 0.2024 0.1827 0.1412 -0.0331 -0.0270 -0.0293 210 DC  B N4    
407 C C5    . DC  B 10 ? 0.2020 0.1918 0.1400 -0.0244 -0.0119 -0.0056 210 DC  B C5    
408 C C6    . DC  B 10 ? 0.1258 0.1566 0.1784 0.0152  -0.0336 -0.0213 210 DC  B C6    
409 C C1    . MPD C .  ? 0.2020 0.3089 0.2520 0.0254  -0.0049 0.0160  211 MPD A C1    
410 C C2    . MPD C .  ? 0.2377 0.2540 0.2308 -0.0339 -0.0162 -0.0244 211 MPD A C2    
411 O O2    . MPD C .  ? 0.2998 0.3394 0.2672 -0.0826 -0.0518 -0.0389 211 MPD A O2    
412 C CM    . MPD C .  ? 0.1800 0.2021 0.1750 -0.0148 -0.0454 -0.0409 211 MPD A CM    
413 C C3    . MPD C .  ? 0.2390 0.3075 0.3219 -0.0586 -0.0118 0.0443  211 MPD A C3    
414 C C4    . MPD C .  ? 0.3062 0.3295 0.3369 -0.0582 0.0008  0.0585  211 MPD A C4    
415 O O4    . MPD C .  ? 0.4374 0.5300 0.4112 -0.1300 0.0333  0.0695  211 MPD A O4    
416 C C5    . MPD C .  ? 0.3117 0.3570 0.4112 -0.0951 -0.0100 0.0837  211 MPD A C5    
417 O O     . HOH D .  ? 0.1874 0.2211 0.2434 -0.0296 -0.0268 -0.0105 1   HOH A O     
418 O O     . HOH D .  ? 0.1879 0.2022 0.1773 -0.0344 0.0249  -0.0182 2   HOH A O     
419 O O     . HOH D .  ? 0.3660 0.3837 0.2766 -0.1779 0.0669  -0.0215 3   HOH A O     
420 O O     . HOH D .  ? 0.2710 0.2836 0.2238 0.0251  0.0660  0.0019  4   HOH A O     
421 O O     . HOH D .  ? 0.2522 0.2358 0.3203 -0.0270 0.0612  -0.0083 5   HOH A O     
422 O O     . HOH D .  ? 0.4149 0.2370 0.2205 0.0419  0.0705  0.0793  6   HOH A O     
423 O O     . HOH D .  ? 0.4517 0.3132 0.2250 0.1303  -0.0245 0.0296  7   HOH A O     
424 O O     . HOH D .  ? 0.4578 0.3215 0.2667 -0.0873 0.1326  -0.0035 8   HOH A O     
425 O O     . HOH D .  ? 0.3116 0.2775 0.2729 0.0418  -0.0038 -0.0084 9   HOH A O     
426 O O     . HOH D .  ? 0.4574 0.4473 0.2428 0.0914  -0.0338 0.1212  10  HOH A O     
427 O O     . HOH D .  ? 0.3320 0.2176 0.2505 -0.0418 0.0338  -0.0371 13  HOH A O     
428 O O     . HOH D .  ? 0.2259 0.3303 0.3555 0.0536  -0.0147 0.0105  14  HOH A O     
429 O O     . HOH D .  ? 0.2369 0.3744 0.2758 -0.0203 -0.0649 0.0445  15  HOH A O     
430 O O     . HOH D .  ? 0.2032 0.2297 0.2350 -0.0225 0.0491  0.0442  16  HOH A O     
431 O O     . HOH D .  ? 0.2693 0.2711 0.3759 -0.0224 0.0413  0.0019  21  HOH A O     
432 O O     . HOH D .  ? 0.3333 0.2584 0.2655 -0.0120 -0.0183 -0.0018 22  HOH A O     
433 O O     . HOH D .  ? 0.2902 0.2000 0.5201 -0.0237 0.0275  -0.0055 25  HOH A O     
434 O O     . HOH D .  ? 0.3057 0.2945 0.2627 0.0382  -0.0370 -0.0765 27  HOH A O     
435 O O     . HOH D .  ? 0.1674 0.3414 0.3583 -0.0461 0.0388  -0.0635 28  HOH A O     
436 O O     . HOH D .  ? 0.2521 0.2190 0.2653 -0.0214 -0.0024 -0.0346 29  HOH A O     
437 O O     . HOH D .  ? 0.1745 0.2556 0.2153 0.0013  -0.0230 -0.0205 30  HOH A O     
438 O O     . HOH D .  ? 0.2113 0.2085 0.4131 0.0342  0.0470  -0.0077 32  HOH A O     
439 O O     . HOH D .  ? 0.3796 0.2293 0.3717 0.0298  -0.0258 0.0722  34  HOH A O     
440 O O     . HOH D .  ? 0.2423 0.2636 0.2763 0.0345  -0.0218 -0.0477 36  HOH A O     
441 O O     . HOH D .  ? 0.3396 0.2116 0.3296 -0.0385 -0.0572 0.0637  41  HOH A O     
442 O O     . HOH D .  ? 0.1427 0.1604 0.2565 -0.0097 0.0056  0.0326  42  HOH A O     
443 O O     . HOH D .  ? 0.4136 0.2585 0.4647 0.1358  -0.2147 -0.0914 43  HOH A O     
444 O O     . HOH D .  ? 0.4183 0.4374 0.4616 -0.0260 0.0959  -0.1543 44  HOH A O     
445 O O     . HOH D .  ? 0.6075 0.2756 0.3936 -0.1281 -0.1637 -0.0349 45  HOH A O     
446 O O     . HOH D .  ? 0.2832 0.2482 0.2353 -0.0420 0.0244  0.0020  48  HOH A O     
447 O O     . HOH D .  ? 0.3352 0.3985 0.2557 -0.1475 -0.0167 -0.0077 57  HOH A O     
448 O O     . HOH D .  ? 0.1420 0.3591 0.2080 0.0112  0.0391  -0.0508 60  HOH A O     
449 O O     . HOH D .  ? 0.3505 0.1781 0.1963 0.0857  0.0374  0.0512  61  HOH A O     
450 O O     . HOH D .  ? 0.1951 0.4415 0.0882 0.0185  0.0291  -0.0763 63  HOH A O     
451 O O     . HOH D .  ? 0.2100 0.3642 0.1711 0.2012  -0.0438 0.0697  65  HOH A O     
452 O O     . HOH E .  ? 0.1622 0.2380 0.4264 0.0095  0.0828  0.0306  11  HOH B O     
453 O O     . HOH E .  ? 0.3769 0.3289 0.3834 -0.0032 -0.0478 0.0198  12  HOH B O     
454 O O     . HOH E .  ? 0.2039 0.2045 0.2204 0.0051  -0.0329 0.0361  17  HOH B O     
455 O O     . HOH E .  ? 0.2456 0.2328 0.3827 0.0676  -0.0488 0.0149  18  HOH B O     
456 O O     . HOH E .  ? 0.4785 0.2770 0.5182 0.0097  0.0583  -0.2107 19  HOH B O     
457 O O     . HOH E .  ? 0.1822 0.2695 0.2480 0.0329  -0.0105 -0.0118 20  HOH B O     
458 O O     . HOH E .  ? 0.2773 0.5112 0.3020 0.0376  0.0616  0.0184  23  HOH B O     
459 O O     . HOH E .  ? 0.2306 0.3119 0.2634 -0.0608 -0.0009 -0.0456 24  HOH B O     
460 O O     . HOH E .  ? 0.2903 0.3064 0.2654 0.0759  0.0493  -0.0100 26  HOH B O     
461 O O     . HOH E .  ? 0.1999 0.2651 0.3000 -0.0246 -0.0491 0.0011  31  HOH B O     
462 O O     . HOH E .  ? 0.5706 0.2214 0.3654 0.0987  -0.0210 0.0805  33  HOH B O     
463 O O     . HOH E .  ? 0.2701 0.2124 0.3331 -0.0194 0.0094  -0.0423 35  HOH B O     
464 O O     . HOH E .  ? 0.2362 0.2316 0.2160 0.0049  -0.0283 -0.0303 46  HOH B O     
465 O O     . HOH E .  ? 0.2818 0.2558 0.2883 -0.0616 0.0090  -0.0202 47  HOH B O     
466 O O     . HOH E .  ? 0.3577 0.2952 0.3714 0.0046  -0.1123 -0.0044 49  HOH B O     
467 O O     . HOH E .  ? 0.3404 0.3817 0.3912 0.1290  0.0616  0.1356  50  HOH B O     
468 O O     . HOH E .  ? 0.5129 0.2577 0.3984 -0.0414 0.1378  -0.0088 51  HOH B O     
469 O O     . HOH E .  ? 0.5185 0.7029 0.3417 -0.4956 0.0706  -0.1240 52  HOH B O     
470 O O     . HOH E .  ? 0.5754 0.3600 0.4724 0.1237  -0.3057 -0.1062 53  HOH B O     
471 O O     . HOH E .  ? 0.2371 0.5798 0.5472 -0.0365 0.0349  -0.0619 54  HOH B O     
472 O O     . HOH E .  ? 0.3960 0.2370 0.2326 -0.1035 0.0028  -0.0034 55  HOH B O     
473 O O     . HOH E .  ? 0.3237 0.4499 0.4219 0.0652  -0.0118 0.1009  56  HOH B O     
474 O O     . HOH E .  ? 0.2219 0.2077 0.0996 -0.0606 0.0315  -0.0019 58  HOH B O     
475 O O     . HOH E .  ? 0.2832 0.1761 0.1503 0.1052  0.0316  -0.0100 59  HOH B O     
476 O O     . HOH E .  ? 0.1904 0.3200 0.1213 0.0021  0.0567  -0.0932 62  HOH B O     
477 O O     . HOH E .  ? 0.3427 0.5089 0.1414 0.1498  -0.1400 0.0837  64  HOH B O     
# 
loop_
_pdbx_poly_seq_scheme.asym_id 
_pdbx_poly_seq_scheme.entity_id 
_pdbx_poly_seq_scheme.seq_id 
_pdbx_poly_seq_scheme.mon_id 
_pdbx_poly_seq_scheme.ndb_seq_num 
_pdbx_poly_seq_scheme.pdb_seq_num 
_pdbx_poly_seq_scheme.auth_seq_num 
_pdbx_poly_seq_scheme.pdb_mon_id 
_pdbx_poly_seq_scheme.auth_mon_id 
_pdbx_poly_seq_scheme.pdb_strand_id 
_pdbx_poly_seq_scheme.pdb_ins_code 
_pdbx_poly_seq_scheme.hetero 
A 1 1  DG  1  101 101 DG  DG  A . n 
A 1 2  DC  2  102 102 DC  DC  A . n 
A 1 3  DG  3  103 103 DG  DG  A . n 
A 1 4  DT  4  104 104 DT  DT  A . n 
A 1 5  DA  5  105 105 DA  DA  A . n 
A 1 6  UVX 6  106 106 UVX UVX A . n 
A 1 7  DA  7  107 107 DA  DA  A . n 
A 1 8  DC  8  108 108 DC  DC  A . n 
A 1 9  DG  9  109 109 DG  DG  A . n 
A 1 10 DC  10 110 110 DC  DC  A . n 
B 1 1  DG  1  201 201 DG  DG  B . n 
B 1 2  DC  2  202 202 DC  DC  B . n 
B 1 3  DG  3  203 203 DG  DG  B . n 
B 1 4  DT  4  204 204 DT  DT  B . n 
B 1 5  DA  5  205 205 DA  DA  B . n 
B 1 6  UVX 6  206 206 UVX UVX B . n 
B 1 7  DA  7  207 207 DA  DA  B . n 
B 1 8  DC  8  208 208 DC  DC  B . n 
B 1 9  DG  9  209 209 DG  DG  B . n 
B 1 10 DC  10 210 210 DC  DC  B . n 
# 
loop_
_pdbx_nonpoly_scheme.asym_id 
_pdbx_nonpoly_scheme.entity_id 
_pdbx_nonpoly_scheme.mon_id 
_pdbx_nonpoly_scheme.ndb_seq_num 
_pdbx_nonpoly_scheme.pdb_seq_num 
_pdbx_nonpoly_scheme.auth_seq_num 
_pdbx_nonpoly_scheme.pdb_mon_id 
_pdbx_nonpoly_scheme.auth_mon_id 
_pdbx_nonpoly_scheme.pdb_strand_id 
_pdbx_nonpoly_scheme.pdb_ins_code 
C 2 MPD 1  211 211 MPD MPD A . 
D 3 HOH 1  1   1   HOH HOH A . 
D 3 HOH 2  2   2   HOH HOH A . 
D 3 HOH 3  3   3   HOH HOH A . 
D 3 HOH 4  4   4   HOH HOH A . 
D 3 HOH 5  5   5   HOH HOH A . 
D 3 HOH 6  6   6   HOH HOH A . 
D 3 HOH 7  7   7   HOH HOH A . 
D 3 HOH 8  8   8   HOH HOH A . 
D 3 HOH 9  9   9   HOH HOH A . 
D 3 HOH 10 10  10  HOH HOH A . 
D 3 HOH 11 13  13  HOH HOH A . 
D 3 HOH 12 14  14  HOH HOH A . 
D 3 HOH 13 15  15  HOH HOH A . 
D 3 HOH 14 16  16  HOH HOH A . 
D 3 HOH 15 21  21  HOH HOH A . 
D 3 HOH 16 22  22  HOH HOH A . 
D 3 HOH 17 25  25  HOH HOH A . 
D 3 HOH 18 27  27  HOH HOH A . 
D 3 HOH 19 28  28  HOH HOH A . 
D 3 HOH 20 29  29  HOH HOH A . 
D 3 HOH 21 30  30  HOH HOH A . 
D 3 HOH 22 32  32  HOH HOH A . 
D 3 HOH 23 34  34  HOH HOH A . 
D 3 HOH 24 36  36  HOH HOH A . 
D 3 HOH 25 41  41  HOH HOH A . 
D 3 HOH 26 42  42  HOH HOH A . 
D 3 HOH 27 43  43  HOH HOH A . 
D 3 HOH 28 44  44  HOH HOH A . 
D 3 HOH 29 45  45  HOH HOH A . 
D 3 HOH 30 48  48  HOH HOH A . 
D 3 HOH 31 57  57  HOH HOH A . 
D 3 HOH 32 60  60  HOH HOH A . 
D 3 HOH 33 61  61  HOH HOH A . 
D 3 HOH 34 63  63  HOH HOH A . 
D 3 HOH 35 65  65  HOH HOH A . 
E 3 HOH 1  11  11  HOH HOH B . 
E 3 HOH 2  12  12  HOH HOH B . 
E 3 HOH 3  17  17  HOH HOH B . 
E 3 HOH 4  18  18  HOH HOH B . 
E 3 HOH 5  19  19  HOH HOH B . 
E 3 HOH 6  20  20  HOH HOH B . 
E 3 HOH 7  23  23  HOH HOH B . 
E 3 HOH 8  24  24  HOH HOH B . 
E 3 HOH 9  26  26  HOH HOH B . 
E 3 HOH 10 31  31  HOH HOH B . 
E 3 HOH 11 33  33  HOH HOH B . 
E 3 HOH 12 35  35  HOH HOH B . 
E 3 HOH 13 46  46  HOH HOH B . 
E 3 HOH 14 47  47  HOH HOH B . 
E 3 HOH 15 49  49  HOH HOH B . 
E 3 HOH 16 50  50  HOH HOH B . 
E 3 HOH 17 51  51  HOH HOH B . 
E 3 HOH 18 52  52  HOH HOH B . 
E 3 HOH 19 53  53  HOH HOH B . 
E 3 HOH 20 54  54  HOH HOH B . 
E 3 HOH 21 55  55  HOH HOH B . 
E 3 HOH 22 56  56  HOH HOH B . 
E 3 HOH 23 58  58  HOH HOH B . 
E 3 HOH 24 59  59  HOH HOH B . 
E 3 HOH 25 62  62  HOH HOH B . 
E 3 HOH 26 64  64  HOH HOH B . 
# 
loop_
_pdbx_struct_mod_residue.id 
_pdbx_struct_mod_residue.label_asym_id 
_pdbx_struct_mod_residue.label_comp_id 
_pdbx_struct_mod_residue.label_seq_id 
_pdbx_struct_mod_residue.auth_asym_id 
_pdbx_struct_mod_residue.auth_comp_id 
_pdbx_struct_mod_residue.auth_seq_id 
_pdbx_struct_mod_residue.PDB_ins_code 
_pdbx_struct_mod_residue.parent_comp_id 
_pdbx_struct_mod_residue.details 
1 A UVX 6 A UVX 106 ? DU ? 
2 B UVX 6 B UVX 206 ? DU ? 
# 
_pdbx_struct_assembly.id                   1 
_pdbx_struct_assembly.details              author_and_software_defined_assembly 
_pdbx_struct_assembly.method_details       PISA 
_pdbx_struct_assembly.oligomeric_details   dimeric 
_pdbx_struct_assembly.oligomeric_count     2 
# 
_pdbx_struct_assembly_gen.assembly_id       1 
_pdbx_struct_assembly_gen.oper_expression   1 
_pdbx_struct_assembly_gen.asym_id_list      A,B,C,D,E 
# 
loop_
_pdbx_struct_assembly_prop.biol_id 
_pdbx_struct_assembly_prop.type 
_pdbx_struct_assembly_prop.value 
_pdbx_struct_assembly_prop.details 
1 'ABSA (A^2)' 1230 ? 
1 MORE         -7   ? 
1 'SSA (A^2)'  3810 ? 
# 
_pdbx_struct_oper_list.id                   1 
_pdbx_struct_oper_list.type                 'identity operation' 
_pdbx_struct_oper_list.name                 1_555 
_pdbx_struct_oper_list.symmetry_operation   x,y,z 
_pdbx_struct_oper_list.matrix[1][1]         1.0000000000 
_pdbx_struct_oper_list.matrix[1][2]         0.0000000000 
_pdbx_struct_oper_list.matrix[1][3]         0.0000000000 
_pdbx_struct_oper_list.vector[1]            0.0000000000 
_pdbx_struct_oper_list.matrix[2][1]         0.0000000000 
_pdbx_struct_oper_list.matrix[2][2]         1.0000000000 
_pdbx_struct_oper_list.matrix[2][3]         0.0000000000 
_pdbx_struct_oper_list.vector[2]            0.0000000000 
_pdbx_struct_oper_list.matrix[3][1]         0.0000000000 
_pdbx_struct_oper_list.matrix[3][2]         0.0000000000 
_pdbx_struct_oper_list.matrix[3][3]         1.0000000000 
_pdbx_struct_oper_list.vector[3]            0.0000000000 
# 
loop_
_pdbx_audit_revision_history.ordinal 
_pdbx_audit_revision_history.data_content_type 
_pdbx_audit_revision_history.major_revision 
_pdbx_audit_revision_history.minor_revision 
_pdbx_audit_revision_history.revision_date 
1 'Structure model' 1 0 2010-11-24 
2 'Structure model' 1 1 2011-07-13 
3 'Structure model' 1 2 2023-09-06 
# 
_pdbx_audit_revision_details.ordinal             1 
_pdbx_audit_revision_details.revision_ordinal    1 
_pdbx_audit_revision_details.data_content_type   'Structure model' 
_pdbx_audit_revision_details.provider            repository 
_pdbx_audit_revision_details.type                'Initial release' 
_pdbx_audit_revision_details.description         ? 
_pdbx_audit_revision_details.details             ? 
# 
loop_
_pdbx_audit_revision_group.ordinal 
_pdbx_audit_revision_group.revision_ordinal 
_pdbx_audit_revision_group.data_content_type 
_pdbx_audit_revision_group.group 
1 2 'Structure model' 'Version format compliance' 
2 3 'Structure model' 'Data collection'           
3 3 'Structure model' 'Database references'       
4 3 'Structure model' 'Derived calculations'      
5 3 'Structure model' 'Refinement description'    
# 
loop_
_pdbx_audit_revision_category.ordinal 
_pdbx_audit_revision_category.revision_ordinal 
_pdbx_audit_revision_category.data_content_type 
_pdbx_audit_revision_category.category 
1 3 'Structure model' chem_comp_atom                
2 3 'Structure model' chem_comp_bond                
3 3 'Structure model' database_2                    
4 3 'Structure model' pdbx_initial_refinement_model 
5 3 'Structure model' struct_conn                   
6 3 'Structure model' struct_site                   
# 
loop_
_pdbx_audit_revision_item.ordinal 
_pdbx_audit_revision_item.revision_ordinal 
_pdbx_audit_revision_item.data_content_type 
_pdbx_audit_revision_item.item 
1 3 'Structure model' '_database_2.pdbx_DOI'                
2 3 'Structure model' '_database_2.pdbx_database_accession' 
3 3 'Structure model' '_struct_conn.pdbx_leaving_atom_flag' 
4 3 'Structure model' '_struct_site.pdbx_auth_asym_id'      
5 3 'Structure model' '_struct_site.pdbx_auth_comp_id'      
6 3 'Structure model' '_struct_site.pdbx_auth_seq_id'       
# 
loop_
_software.name 
_software.classification 
_software.version 
_software.citation_id 
_software.pdbx_ordinal 
MAR345dtb 'data collection' .        ? 1 
MOLREP    phasing           .        ? 2 
CCP4      'model building'  .        ? 3 
REFMAC    refinement        5.5.0109 ? 4 
HKL-2000  'data reduction'  .        ? 5 
HKL-2000  'data scaling'    .        ? 6 
CCP4      phasing           .        ? 7 
# 
loop_
_pdbx_validate_rmsd_bond.id 
_pdbx_validate_rmsd_bond.PDB_model_num 
_pdbx_validate_rmsd_bond.auth_atom_id_1 
_pdbx_validate_rmsd_bond.auth_asym_id_1 
_pdbx_validate_rmsd_bond.auth_comp_id_1 
_pdbx_validate_rmsd_bond.auth_seq_id_1 
_pdbx_validate_rmsd_bond.PDB_ins_code_1 
_pdbx_validate_rmsd_bond.label_alt_id_1 
_pdbx_validate_rmsd_bond.auth_atom_id_2 
_pdbx_validate_rmsd_bond.auth_asym_id_2 
_pdbx_validate_rmsd_bond.auth_comp_id_2 
_pdbx_validate_rmsd_bond.auth_seq_id_2 
_pdbx_validate_rmsd_bond.PDB_ins_code_2 
_pdbx_validate_rmsd_bond.label_alt_id_2 
_pdbx_validate_rmsd_bond.bond_value 
_pdbx_validate_rmsd_bond.bond_target_value 
_pdbx_validate_rmsd_bond.bond_deviation 
_pdbx_validate_rmsd_bond.bond_standard_deviation 
_pdbx_validate_rmsd_bond.linker_flag 
1 1 "O3'" A DA 107 ? ? "C3'" A DA 107 ? ? 1.380 1.419 -0.039 0.006 N 
2 1 "C5'" A DC 110 ? ? "C4'" A DC 110 ? ? 1.561 1.512 0.049  0.007 N 
3 1 "C5'" B DG 201 ? ? "C4'" B DG 201 ? ? 1.556 1.512 0.044  0.007 N 
4 1 C4    B DT 204 ? ? C5    B DT 204 ? ? 1.503 1.445 0.058  0.009 N 
5 1 C6    B DT 204 ? ? N1    B DT 204 ? ? 1.420 1.378 0.042  0.007 N 
6 1 C6    B DA 205 ? ? N6    B DA 205 ? ? 1.405 1.335 0.070  0.008 N 
7 1 "O3'" B DG 209 ? ? "C3'" B DG 209 ? ? 1.383 1.419 -0.036 0.006 N 
8 1 "O3'" B DC 210 ? ? "C3'" B DC 210 ? ? 1.381 1.419 -0.038 0.006 N 
# 
loop_
_pdbx_validate_rmsd_angle.id 
_pdbx_validate_rmsd_angle.PDB_model_num 
_pdbx_validate_rmsd_angle.auth_atom_id_1 
_pdbx_validate_rmsd_angle.auth_asym_id_1 
_pdbx_validate_rmsd_angle.auth_comp_id_1 
_pdbx_validate_rmsd_angle.auth_seq_id_1 
_pdbx_validate_rmsd_angle.PDB_ins_code_1 
_pdbx_validate_rmsd_angle.label_alt_id_1 
_pdbx_validate_rmsd_angle.auth_atom_id_2 
_pdbx_validate_rmsd_angle.auth_asym_id_2 
_pdbx_validate_rmsd_angle.auth_comp_id_2 
_pdbx_validate_rmsd_angle.auth_seq_id_2 
_pdbx_validate_rmsd_angle.PDB_ins_code_2 
_pdbx_validate_rmsd_angle.label_alt_id_2 
_pdbx_validate_rmsd_angle.auth_atom_id_3 
_pdbx_validate_rmsd_angle.auth_asym_id_3 
_pdbx_validate_rmsd_angle.auth_comp_id_3 
_pdbx_validate_rmsd_angle.auth_seq_id_3 
_pdbx_validate_rmsd_angle.PDB_ins_code_3 
_pdbx_validate_rmsd_angle.label_alt_id_3 
_pdbx_validate_rmsd_angle.angle_value 
_pdbx_validate_rmsd_angle.angle_target_value 
_pdbx_validate_rmsd_angle.angle_deviation 
_pdbx_validate_rmsd_angle.angle_standard_deviation 
_pdbx_validate_rmsd_angle.linker_flag 
1 1 "O4'" A DC 110 ? ? "C4'" A DC 110 ? ? "C3'" A DC 110 ? ? 101.84 104.50 -2.66 0.40 N 
2 1 "O4'" B DT 204 ? ? "C4'" B DT 204 ? ? "C3'" B DT 204 ? ? 101.85 104.50 -2.65 0.40 N 
3 1 "O4'" B DG 209 ? ? "C1'" B DG 209 ? ? "C2'" B DG 209 ? ? 109.87 106.80 3.07  0.50 N 
4 1 "O4'" B DG 209 ? ? "C1'" B DG 209 ? ? N9    B DG 209 ? ? 110.11 108.30 1.81  0.30 N 
5 1 "O4'" B DC 210 ? ? "C1'" B DC 210 ? ? "C2'" B DC 210 ? ? 110.16 106.80 3.36  0.50 N 
# 
loop_
_chem_comp_atom.comp_id 
_chem_comp_atom.atom_id 
_chem_comp_atom.type_symbol 
_chem_comp_atom.pdbx_aromatic_flag 
_chem_comp_atom.pdbx_stereo_config 
_chem_comp_atom.pdbx_ordinal 
DA  OP3    O N N 1   
DA  P      P N N 2   
DA  OP1    O N N 3   
DA  OP2    O N N 4   
DA  "O5'"  O N N 5   
DA  "C5'"  C N N 6   
DA  "C4'"  C N R 7   
DA  "O4'"  O N N 8   
DA  "C3'"  C N S 9   
DA  "O3'"  O N N 10  
DA  "C2'"  C N N 11  
DA  "C1'"  C N R 12  
DA  N9     N Y N 13  
DA  C8     C Y N 14  
DA  N7     N Y N 15  
DA  C5     C Y N 16  
DA  C6     C Y N 17  
DA  N6     N N N 18  
DA  N1     N Y N 19  
DA  C2     C Y N 20  
DA  N3     N Y N 21  
DA  C4     C Y N 22  
DA  HOP3   H N N 23  
DA  HOP2   H N N 24  
DA  "H5'"  H N N 25  
DA  "H5''" H N N 26  
DA  "H4'"  H N N 27  
DA  "H3'"  H N N 28  
DA  "HO3'" H N N 29  
DA  "H2'"  H N N 30  
DA  "H2''" H N N 31  
DA  "H1'"  H N N 32  
DA  H8     H N N 33  
DA  H61    H N N 34  
DA  H62    H N N 35  
DA  H2     H N N 36  
DC  OP3    O N N 37  
DC  P      P N N 38  
DC  OP1    O N N 39  
DC  OP2    O N N 40  
DC  "O5'"  O N N 41  
DC  "C5'"  C N N 42  
DC  "C4'"  C N R 43  
DC  "O4'"  O N N 44  
DC  "C3'"  C N S 45  
DC  "O3'"  O N N 46  
DC  "C2'"  C N N 47  
DC  "C1'"  C N R 48  
DC  N1     N N N 49  
DC  C2     C N N 50  
DC  O2     O N N 51  
DC  N3     N N N 52  
DC  C4     C N N 53  
DC  N4     N N N 54  
DC  C5     C N N 55  
DC  C6     C N N 56  
DC  HOP3   H N N 57  
DC  HOP2   H N N 58  
DC  "H5'"  H N N 59  
DC  "H5''" H N N 60  
DC  "H4'"  H N N 61  
DC  "H3'"  H N N 62  
DC  "HO3'" H N N 63  
DC  "H2'"  H N N 64  
DC  "H2''" H N N 65  
DC  "H1'"  H N N 66  
DC  H41    H N N 67  
DC  H42    H N N 68  
DC  H5     H N N 69  
DC  H6     H N N 70  
DG  OP3    O N N 71  
DG  P      P N N 72  
DG  OP1    O N N 73  
DG  OP2    O N N 74  
DG  "O5'"  O N N 75  
DG  "C5'"  C N N 76  
DG  "C4'"  C N R 77  
DG  "O4'"  O N N 78  
DG  "C3'"  C N S 79  
DG  "O3'"  O N N 80  
DG  "C2'"  C N N 81  
DG  "C1'"  C N R 82  
DG  N9     N Y N 83  
DG  C8     C Y N 84  
DG  N7     N Y N 85  
DG  C5     C Y N 86  
DG  C6     C N N 87  
DG  O6     O N N 88  
DG  N1     N N N 89  
DG  C2     C N N 90  
DG  N2     N N N 91  
DG  N3     N N N 92  
DG  C4     C Y N 93  
DG  HOP3   H N N 94  
DG  HOP2   H N N 95  
DG  "H5'"  H N N 96  
DG  "H5''" H N N 97  
DG  "H4'"  H N N 98  
DG  "H3'"  H N N 99  
DG  "HO3'" H N N 100 
DG  "H2'"  H N N 101 
DG  "H2''" H N N 102 
DG  "H1'"  H N N 103 
DG  H8     H N N 104 
DG  H1     H N N 105 
DG  H21    H N N 106 
DG  H22    H N N 107 
DT  OP3    O N N 108 
DT  P      P N N 109 
DT  OP1    O N N 110 
DT  OP2    O N N 111 
DT  "O5'"  O N N 112 
DT  "C5'"  C N N 113 
DT  "C4'"  C N R 114 
DT  "O4'"  O N N 115 
DT  "C3'"  C N S 116 
DT  "O3'"  O N N 117 
DT  "C2'"  C N N 118 
DT  "C1'"  C N R 119 
DT  N1     N N N 120 
DT  C2     C N N 121 
DT  O2     O N N 122 
DT  N3     N N N 123 
DT  C4     C N N 124 
DT  O4     O N N 125 
DT  C5     C N N 126 
DT  C7     C N N 127 
DT  C6     C N N 128 
DT  HOP3   H N N 129 
DT  HOP2   H N N 130 
DT  "H5'"  H N N 131 
DT  "H5''" H N N 132 
DT  "H4'"  H N N 133 
DT  "H3'"  H N N 134 
DT  "HO3'" H N N 135 
DT  "H2'"  H N N 136 
DT  "H2''" H N N 137 
DT  "H1'"  H N N 138 
DT  H3     H N N 139 
DT  H71    H N N 140 
DT  H72    H N N 141 
DT  H73    H N N 142 
DT  H6     H N N 143 
HOH O      O N N 144 
HOH H1     H N N 145 
HOH H2     H N N 146 
MPD C1     C N N 147 
MPD C2     C N N 148 
MPD O2     O N N 149 
MPD CM     C N N 150 
MPD C3     C N N 151 
MPD C4     C N S 152 
MPD O4     O N N 153 
MPD C5     C N N 154 
MPD H11    H N N 155 
MPD H12    H N N 156 
MPD H13    H N N 157 
MPD HO2    H N N 158 
MPD HM1    H N N 159 
MPD HM2    H N N 160 
MPD HM3    H N N 161 
MPD H31    H N N 162 
MPD H32    H N N 163 
MPD H4     H N N 164 
MPD HO4    H N N 165 
MPD H51    H N N 166 
MPD H52    H N N 167 
MPD H53    H N N 168 
UVX P      P N N 169 
UVX N1     N N N 170 
UVX C2     C N N 171 
UVX O2     O N N 172 
UVX N3     N N N 173 
UVX C4     C N N 174 
UVX O4     O N N 175 
UVX C5     C N N 176 
UVX C6     C N N 177 
UVX "C1'"  C N R 178 
UVX "C2'"  C N R 179 
UVX "C3'"  C N S 180 
UVX "O3'"  O N N 181 
UVX "C4'"  C N R 182 
UVX "O4'"  O N N 183 
UVX "C5'"  C N N 184 
UVX "O5'"  O N N 185 
UVX "C6'"  C N N 186 
UVX "C7'"  C N N 187 
UVX "C8'"  C N N 188 
UVX OP1    O N N 189 
UVX OP2    O N N 190 
UVX OP3    O N N 191 
UVX H5     H N N 192 
UVX H6     H N N 193 
UVX "H1'"  H N N 194 
UVX "H2'"  H N N 195 
UVX "H3'"  H N N 196 
UVX "HO3'" H N N 197 
UVX "H5'"  H N N 198 
UVX "H5'A" H N N 199 
UVX "H7'"  H N N 200 
UVX "H7'A" H N N 201 
UVX "H8'"  H N N 202 
UVX "H8'A" H N N 203 
UVX HOP2   H N N 204 
UVX HOP3   H N N 205 
UVX HN3    H N N 206 
# 
loop_
_chem_comp_bond.comp_id 
_chem_comp_bond.atom_id_1 
_chem_comp_bond.atom_id_2 
_chem_comp_bond.value_order 
_chem_comp_bond.pdbx_aromatic_flag 
_chem_comp_bond.pdbx_stereo_config 
_chem_comp_bond.pdbx_ordinal 
DA  OP3   P      sing N N 1   
DA  OP3   HOP3   sing N N 2   
DA  P     OP1    doub N N 3   
DA  P     OP2    sing N N 4   
DA  P     "O5'"  sing N N 5   
DA  OP2   HOP2   sing N N 6   
DA  "O5'" "C5'"  sing N N 7   
DA  "C5'" "C4'"  sing N N 8   
DA  "C5'" "H5'"  sing N N 9   
DA  "C5'" "H5''" sing N N 10  
DA  "C4'" "O4'"  sing N N 11  
DA  "C4'" "C3'"  sing N N 12  
DA  "C4'" "H4'"  sing N N 13  
DA  "O4'" "C1'"  sing N N 14  
DA  "C3'" "O3'"  sing N N 15  
DA  "C3'" "C2'"  sing N N 16  
DA  "C3'" "H3'"  sing N N 17  
DA  "O3'" "HO3'" sing N N 18  
DA  "C2'" "C1'"  sing N N 19  
DA  "C2'" "H2'"  sing N N 20  
DA  "C2'" "H2''" sing N N 21  
DA  "C1'" N9     sing N N 22  
DA  "C1'" "H1'"  sing N N 23  
DA  N9    C8     sing Y N 24  
DA  N9    C4     sing Y N 25  
DA  C8    N7     doub Y N 26  
DA  C8    H8     sing N N 27  
DA  N7    C5     sing Y N 28  
DA  C5    C6     sing Y N 29  
DA  C5    C4     doub Y N 30  
DA  C6    N6     sing N N 31  
DA  C6    N1     doub Y N 32  
DA  N6    H61    sing N N 33  
DA  N6    H62    sing N N 34  
DA  N1    C2     sing Y N 35  
DA  C2    N3     doub Y N 36  
DA  C2    H2     sing N N 37  
DA  N3    C4     sing Y N 38  
DC  OP3   P      sing N N 39  
DC  OP3   HOP3   sing N N 40  
DC  P     OP1    doub N N 41  
DC  P     OP2    sing N N 42  
DC  P     "O5'"  sing N N 43  
DC  OP2   HOP2   sing N N 44  
DC  "O5'" "C5'"  sing N N 45  
DC  "C5'" "C4'"  sing N N 46  
DC  "C5'" "H5'"  sing N N 47  
DC  "C5'" "H5''" sing N N 48  
DC  "C4'" "O4'"  sing N N 49  
DC  "C4'" "C3'"  sing N N 50  
DC  "C4'" "H4'"  sing N N 51  
DC  "O4'" "C1'"  sing N N 52  
DC  "C3'" "O3'"  sing N N 53  
DC  "C3'" "C2'"  sing N N 54  
DC  "C3'" "H3'"  sing N N 55  
DC  "O3'" "HO3'" sing N N 56  
DC  "C2'" "C1'"  sing N N 57  
DC  "C2'" "H2'"  sing N N 58  
DC  "C2'" "H2''" sing N N 59  
DC  "C1'" N1     sing N N 60  
DC  "C1'" "H1'"  sing N N 61  
DC  N1    C2     sing N N 62  
DC  N1    C6     sing N N 63  
DC  C2    O2     doub N N 64  
DC  C2    N3     sing N N 65  
DC  N3    C4     doub N N 66  
DC  C4    N4     sing N N 67  
DC  C4    C5     sing N N 68  
DC  N4    H41    sing N N 69  
DC  N4    H42    sing N N 70  
DC  C5    C6     doub N N 71  
DC  C5    H5     sing N N 72  
DC  C6    H6     sing N N 73  
DG  OP3   P      sing N N 74  
DG  OP3   HOP3   sing N N 75  
DG  P     OP1    doub N N 76  
DG  P     OP2    sing N N 77  
DG  P     "O5'"  sing N N 78  
DG  OP2   HOP2   sing N N 79  
DG  "O5'" "C5'"  sing N N 80  
DG  "C5'" "C4'"  sing N N 81  
DG  "C5'" "H5'"  sing N N 82  
DG  "C5'" "H5''" sing N N 83  
DG  "C4'" "O4'"  sing N N 84  
DG  "C4'" "C3'"  sing N N 85  
DG  "C4'" "H4'"  sing N N 86  
DG  "O4'" "C1'"  sing N N 87  
DG  "C3'" "O3'"  sing N N 88  
DG  "C3'" "C2'"  sing N N 89  
DG  "C3'" "H3'"  sing N N 90  
DG  "O3'" "HO3'" sing N N 91  
DG  "C2'" "C1'"  sing N N 92  
DG  "C2'" "H2'"  sing N N 93  
DG  "C2'" "H2''" sing N N 94  
DG  "C1'" N9     sing N N 95  
DG  "C1'" "H1'"  sing N N 96  
DG  N9    C8     sing Y N 97  
DG  N9    C4     sing Y N 98  
DG  C8    N7     doub Y N 99  
DG  C8    H8     sing N N 100 
DG  N7    C5     sing Y N 101 
DG  C5    C6     sing N N 102 
DG  C5    C4     doub Y N 103 
DG  C6    O6     doub N N 104 
DG  C6    N1     sing N N 105 
DG  N1    C2     sing N N 106 
DG  N1    H1     sing N N 107 
DG  C2    N2     sing N N 108 
DG  C2    N3     doub N N 109 
DG  N2    H21    sing N N 110 
DG  N2    H22    sing N N 111 
DG  N3    C4     sing N N 112 
DT  OP3   P      sing N N 113 
DT  OP3   HOP3   sing N N 114 
DT  P     OP1    doub N N 115 
DT  P     OP2    sing N N 116 
DT  P     "O5'"  sing N N 117 
DT  OP2   HOP2   sing N N 118 
DT  "O5'" "C5'"  sing N N 119 
DT  "C5'" "C4'"  sing N N 120 
DT  "C5'" "H5'"  sing N N 121 
DT  "C5'" "H5''" sing N N 122 
DT  "C4'" "O4'"  sing N N 123 
DT  "C4'" "C3'"  sing N N 124 
DT  "C4'" "H4'"  sing N N 125 
DT  "O4'" "C1'"  sing N N 126 
DT  "C3'" "O3'"  sing N N 127 
DT  "C3'" "C2'"  sing N N 128 
DT  "C3'" "H3'"  sing N N 129 
DT  "O3'" "HO3'" sing N N 130 
DT  "C2'" "C1'"  sing N N 131 
DT  "C2'" "H2'"  sing N N 132 
DT  "C2'" "H2''" sing N N 133 
DT  "C1'" N1     sing N N 134 
DT  "C1'" "H1'"  sing N N 135 
DT  N1    C2     sing N N 136 
DT  N1    C6     sing N N 137 
DT  C2    O2     doub N N 138 
DT  C2    N3     sing N N 139 
DT  N3    C4     sing N N 140 
DT  N3    H3     sing N N 141 
DT  C4    O4     doub N N 142 
DT  C4    C5     sing N N 143 
DT  C5    C7     sing N N 144 
DT  C5    C6     doub N N 145 
DT  C7    H71    sing N N 146 
DT  C7    H72    sing N N 147 
DT  C7    H73    sing N N 148 
DT  C6    H6     sing N N 149 
HOH O     H1     sing N N 150 
HOH O     H2     sing N N 151 
MPD C1    C2     sing N N 152 
MPD C1    H11    sing N N 153 
MPD C1    H12    sing N N 154 
MPD C1    H13    sing N N 155 
MPD C2    O2     sing N N 156 
MPD C2    CM     sing N N 157 
MPD C2    C3     sing N N 158 
MPD O2    HO2    sing N N 159 
MPD CM    HM1    sing N N 160 
MPD CM    HM2    sing N N 161 
MPD CM    HM3    sing N N 162 
MPD C3    C4     sing N N 163 
MPD C3    H31    sing N N 164 
MPD C3    H32    sing N N 165 
MPD C4    O4     sing N N 166 
MPD C4    C5     sing N N 167 
MPD C4    H4     sing N N 168 
MPD O4    HO4    sing N N 169 
MPD C5    H51    sing N N 170 
MPD C5    H52    sing N N 171 
MPD C5    H53    sing N N 172 
UVX OP1   P      doub N N 173 
UVX OP3   P      sing N N 174 
UVX P     "O5'"  sing N N 175 
UVX P     OP2    sing N N 176 
UVX "C1'" N1     sing N N 177 
UVX N1    C6     sing N N 178 
UVX N1    C2     sing N N 179 
UVX O2    C2     doub N N 180 
UVX C2    N3     sing N N 181 
UVX N3    C4     sing N N 182 
UVX C5    C4     sing N N 183 
UVX C4    O4     doub N N 184 
UVX C6    C5     doub N N 185 
UVX C5    H5     sing N N 186 
UVX C6    H6     sing N N 187 
UVX "O4'" "C1'"  sing N N 188 
UVX "C1'" "C2'"  sing N N 189 
UVX "C1'" "H1'"  sing N N 190 
UVX "C6'" "C2'"  sing N N 191 
UVX "C3'" "C2'"  sing N N 192 
UVX "C2'" "H2'"  sing N N 193 
UVX "C4'" "C3'"  sing N N 194 
UVX "C3'" "O3'"  sing N N 195 
UVX "C3'" "H3'"  sing N N 196 
UVX "O3'" "HO3'" sing N N 197 
UVX "C5'" "C4'"  sing N N 198 
UVX "C8'" "C4'"  sing N N 199 
UVX "C4'" "O4'"  sing N N 200 
UVX "C5'" "O5'"  sing N N 201 
UVX "C5'" "H5'"  sing N N 202 
UVX "C5'" "H5'A" sing N N 203 
UVX "C8'" "C6'"  sing N N 204 
UVX "C6'" "C7'"  doub N N 205 
UVX "C7'" "H7'"  sing N N 206 
UVX "C7'" "H7'A" sing N N 207 
UVX "C8'" "H8'"  sing N N 208 
UVX "C8'" "H8'A" sing N N 209 
UVX OP2   HOP2   sing N N 210 
UVX OP3   HOP3   sing N N 211 
UVX N3    HN3    sing N N 212 
# 
loop_
_ndb_struct_conf_na.entry_id 
_ndb_struct_conf_na.feature 
3OZ3 'a-form double helix' 
3OZ3 'internal loop'       
# 
loop_
_ndb_struct_na_base_pair.model_number 
_ndb_struct_na_base_pair.i_label_asym_id 
_ndb_struct_na_base_pair.i_label_comp_id 
_ndb_struct_na_base_pair.i_label_seq_id 
_ndb_struct_na_base_pair.i_symmetry 
_ndb_struct_na_base_pair.j_label_asym_id 
_ndb_struct_na_base_pair.j_label_comp_id 
_ndb_struct_na_base_pair.j_label_seq_id 
_ndb_struct_na_base_pair.j_symmetry 
_ndb_struct_na_base_pair.shear 
_ndb_struct_na_base_pair.stretch 
_ndb_struct_na_base_pair.stagger 
_ndb_struct_na_base_pair.buckle 
_ndb_struct_na_base_pair.propeller 
_ndb_struct_na_base_pair.opening 
_ndb_struct_na_base_pair.pair_number 
_ndb_struct_na_base_pair.pair_name 
_ndb_struct_na_base_pair.i_auth_asym_id 
_ndb_struct_na_base_pair.i_auth_seq_id 
_ndb_struct_na_base_pair.i_PDB_ins_code 
_ndb_struct_na_base_pair.j_auth_asym_id 
_ndb_struct_na_base_pair.j_auth_seq_id 
_ndb_struct_na_base_pair.j_PDB_ins_code 
_ndb_struct_na_base_pair.hbond_type_28 
_ndb_struct_na_base_pair.hbond_type_12 
1 A DG 1  1_555 B DC 10 1_555 -0.253 -0.075 0.022  2.352  -4.592  -1.326 1 A_DG101:DC210_B A 101 ? B 210 ? 19 1 
1 A DC 2  1_555 B DG 9  1_555 0.208  -0.115 0.038  3.439  -10.316 0.393  2 A_DC102:DG209_B A 102 ? B 209 ? 19 1 
1 A DG 3  1_555 B DC 8  1_555 -0.303 -0.146 0.151  -6.669 -16.702 -0.001 3 A_DG103:DC208_B A 103 ? B 208 ? 19 1 
1 A DT 4  1_555 B DA 7  1_555 -0.161 -0.189 0.002  -3.061 -18.328 -1.368 4 A_DT104:DA207_B A 104 ? B 207 ? 20 1 
1 A DA 7  1_555 B DT 4  1_555 0.045  -0.157 0.016  5.779  -8.404  3.767  5 A_DA107:DT204_B A 107 ? B 204 ? 20 1 
1 A DC 8  1_555 B DG 3  1_555 0.290  -0.187 -0.174 9.952  -12.413 1.421  6 A_DC108:DG203_B A 108 ? B 203 ? 19 1 
1 A DG 9  1_555 B DC 2  1_555 -0.317 -0.172 -0.109 -6.871 -10.106 0.443  7 A_DG109:DC202_B A 109 ? B 202 ? 19 1 
1 A DC 10 1_555 B DG 1  1_555 0.308  -0.134 0.171  -3.403 5.803   0.581  8 A_DC110:DG201_B A 110 ? B 201 ? 19 1 
# 
loop_
_ndb_struct_na_base_pair_step.model_number 
_ndb_struct_na_base_pair_step.i_label_asym_id_1 
_ndb_struct_na_base_pair_step.i_label_comp_id_1 
_ndb_struct_na_base_pair_step.i_label_seq_id_1 
_ndb_struct_na_base_pair_step.i_symmetry_1 
_ndb_struct_na_base_pair_step.j_label_asym_id_1 
_ndb_struct_na_base_pair_step.j_label_comp_id_1 
_ndb_struct_na_base_pair_step.j_label_seq_id_1 
_ndb_struct_na_base_pair_step.j_symmetry_1 
_ndb_struct_na_base_pair_step.i_label_asym_id_2 
_ndb_struct_na_base_pair_step.i_label_comp_id_2 
_ndb_struct_na_base_pair_step.i_label_seq_id_2 
_ndb_struct_na_base_pair_step.i_symmetry_2 
_ndb_struct_na_base_pair_step.j_label_asym_id_2 
_ndb_struct_na_base_pair_step.j_label_comp_id_2 
_ndb_struct_na_base_pair_step.j_label_seq_id_2 
_ndb_struct_na_base_pair_step.j_symmetry_2 
_ndb_struct_na_base_pair_step.shift 
_ndb_struct_na_base_pair_step.slide 
_ndb_struct_na_base_pair_step.rise 
_ndb_struct_na_base_pair_step.tilt 
_ndb_struct_na_base_pair_step.roll 
_ndb_struct_na_base_pair_step.twist 
_ndb_struct_na_base_pair_step.x_displacement 
_ndb_struct_na_base_pair_step.y_displacement 
_ndb_struct_na_base_pair_step.helical_rise 
_ndb_struct_na_base_pair_step.inclination 
_ndb_struct_na_base_pair_step.tip 
_ndb_struct_na_base_pair_step.helical_twist 
_ndb_struct_na_base_pair_step.step_number 
_ndb_struct_na_base_pair_step.step_name 
_ndb_struct_na_base_pair_step.i_auth_asym_id_1 
_ndb_struct_na_base_pair_step.i_auth_seq_id_1 
_ndb_struct_na_base_pair_step.i_PDB_ins_code_1 
_ndb_struct_na_base_pair_step.j_auth_asym_id_1 
_ndb_struct_na_base_pair_step.j_auth_seq_id_1 
_ndb_struct_na_base_pair_step.j_PDB_ins_code_1 
_ndb_struct_na_base_pair_step.i_auth_asym_id_2 
_ndb_struct_na_base_pair_step.i_auth_seq_id_2 
_ndb_struct_na_base_pair_step.i_PDB_ins_code_2 
_ndb_struct_na_base_pair_step.j_auth_asym_id_2 
_ndb_struct_na_base_pair_step.j_auth_seq_id_2 
_ndb_struct_na_base_pair_step.j_PDB_ins_code_2 
1 A DG 1 1_555 B DC 10 1_555 A DC 2  1_555 B DG 9 1_555 0.241  -1.572 3.263 1.077  0.282  38.795 -2.401 -0.232 3.257 0.424  -1.621 
38.811 1 AA_DG101DC102:DG209DC210_BB A 101 ? B 210 ? A 102 ? B 209 ? 
1 A DC 2 1_555 B DG 9  1_555 A DG 3  1_555 B DC 8 1_555 0.164  -2.255 3.391 0.378  8.989  24.506 -7.252 -0.269 2.426 20.323 -0.855 
26.082 2 AA_DC102DG103:DC208DG209_BB A 102 ? B 209 ? A 103 ? B 208 ? 
1 A DG 3 1_555 B DC 8  1_555 A DT 4  1_555 B DA 7 1_555 -1.080 -1.474 3.080 -1.428 4.577  37.495 -2.820 1.499  2.924 7.085  2.211  
37.790 3 AA_DG103DT104:DA207DC208_BB A 103 ? B 208 ? A 104 ? B 207 ? 
1 A DA 7 1_555 B DT 4  1_555 A DC 8  1_555 B DG 3 1_555 -0.085 -1.658 3.304 0.255  3.935  30.092 -3.941 0.213  3.067 7.538  -0.488 
30.343 4 AA_DA107DC108:DG203DT204_BB A 107 ? B 204 ? A 108 ? B 203 ? 
1 A DC 8 1_555 B DG 3  1_555 A DG 9  1_555 B DC 2 1_555 -0.342 -1.949 3.616 -1.358 11.416 28.862 -5.839 0.379  2.682 21.840 2.598  
31.022 5 AA_DC108DG109:DC202DG203_BB A 108 ? B 203 ? A 109 ? B 202 ? 
1 A DG 9 1_555 B DC 2  1_555 A DC 10 1_555 B DG 1 1_555 0.169  -1.746 3.332 -0.163 2.159  35.974 -3.129 -0.296 3.225 3.492  0.264  
36.037 6 AA_DG109DC110:DG201DC202_BB A 109 ? B 202 ? A 110 ? B 201 ? 
# 
loop_
_pdbx_entity_nonpoly.entity_id 
_pdbx_entity_nonpoly.name 
_pdbx_entity_nonpoly.comp_id 
2 '(4S)-2-METHYL-2,4-PENTANEDIOL' MPD 
3 water                           HOH 
# 
_pdbx_initial_refinement_model.id               1 
_pdbx_initial_refinement_model.entity_id_list   ? 
_pdbx_initial_refinement_model.type             'experimental model' 
_pdbx_initial_refinement_model.source_name      PDB 
_pdbx_initial_refinement_model.accession_code   3EY2 
_pdbx_initial_refinement_model.details          'PDB ENTRY 3EY2' 
# 
